data_8A0S
# 
_entry.id   8A0S 
# 
_audit_conform.dict_name       mmcif_pdbx.dic 
_audit_conform.dict_version    5.379 
_audit_conform.dict_location   http://mmcif.pdb.org/dictionaries/ascii/mmcif_pdbx.dic 
# 
loop_
_database_2.database_id 
_database_2.database_code 
_database_2.pdbx_database_accession 
_database_2.pdbx_DOI 
PDB   8A0S         pdb_00008a0s 10.2210/pdb8a0s/pdb 
WWPDB D_1292123418 ?            ?                   
# 
_pdbx_database_status.status_code                     REL 
_pdbx_database_status.status_code_sf                  REL 
_pdbx_database_status.status_code_mr                  ? 
_pdbx_database_status.entry_id                        8A0S 
_pdbx_database_status.recvd_initial_deposition_date   2022-05-30 
_pdbx_database_status.SG_entry                        N 
_pdbx_database_status.deposit_site                    PDBE 
_pdbx_database_status.process_site                    PDBE 
_pdbx_database_status.status_code_cs                  ? 
_pdbx_database_status.status_code_nmr_data            ? 
_pdbx_database_status.methods_development_category    ? 
_pdbx_database_status.pdb_format_compatible           Y 
# 
loop_
_audit_author.name 
_audit_author.pdbx_ordinal 
_audit_author.identifier_ORCID 
'Liu, H.'      1 ? 
'Scaletti, E.' 2 ? 
'Stenmark, P.' 3 ? 
# 
_citation.abstract                  ? 
_citation.abstract_id_CAS           ? 
_citation.book_id_ISBN              ? 
_citation.book_publisher            ? 
_citation.book_publisher_city       ? 
_citation.book_title                ? 
_citation.coordinate_linkage        ? 
_citation.country                   ? 
_citation.database_id_Medline       ? 
_citation.details                   ? 
_citation.id                        primary 
_citation.journal_abbrev            'To Be Published' 
_citation.journal_id_ASTM           ? 
_citation.journal_id_CSD            0353 
_citation.journal_id_ISSN           ? 
_citation.journal_full              ? 
_citation.journal_issue             ? 
_citation.journal_volume            ? 
_citation.language                  ? 
_citation.page_first                ? 
_citation.page_last                 ? 
_citation.title                     'MTH1 in complex with TH013350' 
_citation.year                      ? 
_citation.database_id_CSD           ? 
_citation.pdbx_database_id_DOI      ? 
_citation.pdbx_database_id_PubMed   ? 
_citation.pdbx_database_id_patent   ? 
_citation.unpublished_flag          ? 
# 
loop_
_citation_author.citation_id 
_citation_author.name 
_citation_author.ordinal 
_citation_author.identifier_ORCID 
primary 'Liu, H.'      1 ? 
primary 'Scaletti, E.' 2 ? 
primary 'Stenmark, P.' 3 ? 
# 
_cell.angle_alpha                  90.00 
_cell.angle_alpha_esd              ? 
_cell.angle_beta                   90.00 
_cell.angle_beta_esd               ? 
_cell.angle_gamma                  90.00 
_cell.angle_gamma_esd              ? 
_cell.entry_id                     8A0S 
_cell.details                      ? 
_cell.formula_units_Z              ? 
_cell.length_a                     36.045 
_cell.length_a_esd                 ? 
_cell.length_b                     60.482 
_cell.length_b_esd                 ? 
_cell.length_c                     66.021 
_cell.length_c_esd                 ? 
_cell.volume                       ? 
_cell.volume_esd                   ? 
_cell.Z_PDB                        4 
_cell.reciprocal_angle_alpha       ? 
_cell.reciprocal_angle_beta        ? 
_cell.reciprocal_angle_gamma       ? 
_cell.reciprocal_angle_alpha_esd   ? 
_cell.reciprocal_angle_beta_esd    ? 
_cell.reciprocal_angle_gamma_esd   ? 
_cell.reciprocal_length_a          ? 
_cell.reciprocal_length_b          ? 
_cell.reciprocal_length_c          ? 
_cell.reciprocal_length_a_esd      ? 
_cell.reciprocal_length_b_esd      ? 
_cell.reciprocal_length_c_esd      ? 
_cell.pdbx_unique_axis             ? 
_cell.pdbx_esd_method              ? 
# 
_symmetry.entry_id                         8A0S 
_symmetry.cell_setting                     ? 
_symmetry.Int_Tables_number                18 
_symmetry.space_group_name_Hall            ? 
_symmetry.space_group_name_H-M             'P 2 21 21' 
_symmetry.pdbx_full_space_group_name_H-M   ? 
# 
loop_
_entity.id 
_entity.type 
_entity.src_method 
_entity.pdbx_description 
_entity.formula_weight 
_entity.pdbx_number_of_molecules 
_entity.pdbx_ec 
_entity.pdbx_mutation 
_entity.pdbx_fragment 
_entity.details 
1 polymer     man '7,8-dihydro-8-oxoguanine triphosphatase'                  18253.736 1   3.6.1.55,3.6.1.56 ? ? ? 
2 non-polymer syn '4-[(2-chlorophenyl)methylsulfanyl]-5~{H}-pyrimidin-2-one' 252.720   2   ?                 ? ? ? 
3 non-polymer syn 'SULFATE ION'                                              96.063    1   ?                 ? ? ? 
4 water       nat water                                                      18.015    130 ?                 ? ? ? 
# 
_entity_name_com.entity_id   1 
_entity_name_com.name        
'2-hydroxy-dATP diphosphatase,8-oxo-dGTPase,Nucleoside diphosphate-linked moiety X motif 1,Nudix motif 1' 
# 
_entity_poly.entity_id                      1 
_entity_poly.type                           'polypeptide(L)' 
_entity_poly.nstd_linkage                   no 
_entity_poly.nstd_monomer                   no 
_entity_poly.pdbx_seq_one_letter_code       
;GSHMGASRLYTLVLVLQPQRVLLGMKKRGFGAGRWNGFGGKVQEGETIEDGARRELQEESGLTVDALHKVGQIVFEFVGE
PELMDVHVFCTDSIQGTPVESDEMRPCWFQLDQIPFKDMWPDDSYWFPLLLQKKKFHGYFKFQGQDTILDYTLREVDTV
;
_entity_poly.pdbx_seq_one_letter_code_can   
;GSHMGASRLYTLVLVLQPQRVLLGMKKRGFGAGRWNGFGGKVQEGETIEDGARRELQEESGLTVDALHKVGQIVFEFVGE
PELMDVHVFCTDSIQGTPVESDEMRPCWFQLDQIPFKDMWPDDSYWFPLLLQKKKFHGYFKFQGQDTILDYTLREVDTV
;
_entity_poly.pdbx_strand_id                 A 
_entity_poly.pdbx_target_identifier         ? 
# 
loop_
_entity_poly_seq.entity_id 
_entity_poly_seq.num 
_entity_poly_seq.mon_id 
_entity_poly_seq.hetero 
1 1   GLY n 
1 2   SER n 
1 3   HIS n 
1 4   MET n 
1 5   GLY n 
1 6   ALA n 
1 7   SER n 
1 8   ARG n 
1 9   LEU n 
1 10  TYR n 
1 11  THR n 
1 12  LEU n 
1 13  VAL n 
1 14  LEU n 
1 15  VAL n 
1 16  LEU n 
1 17  GLN n 
1 18  PRO n 
1 19  GLN n 
1 20  ARG n 
1 21  VAL n 
1 22  LEU n 
1 23  LEU n 
1 24  GLY n 
1 25  MET n 
1 26  LYS n 
1 27  LYS n 
1 28  ARG n 
1 29  GLY n 
1 30  PHE n 
1 31  GLY n 
1 32  ALA n 
1 33  GLY n 
1 34  ARG n 
1 35  TRP n 
1 36  ASN n 
1 37  GLY n 
1 38  PHE n 
1 39  GLY n 
1 40  GLY n 
1 41  LYS n 
1 42  VAL n 
1 43  GLN n 
1 44  GLU n 
1 45  GLY n 
1 46  GLU n 
1 47  THR n 
1 48  ILE n 
1 49  GLU n 
1 50  ASP n 
1 51  GLY n 
1 52  ALA n 
1 53  ARG n 
1 54  ARG n 
1 55  GLU n 
1 56  LEU n 
1 57  GLN n 
1 58  GLU n 
1 59  GLU n 
1 60  SER n 
1 61  GLY n 
1 62  LEU n 
1 63  THR n 
1 64  VAL n 
1 65  ASP n 
1 66  ALA n 
1 67  LEU n 
1 68  HIS n 
1 69  LYS n 
1 70  VAL n 
1 71  GLY n 
1 72  GLN n 
1 73  ILE n 
1 74  VAL n 
1 75  PHE n 
1 76  GLU n 
1 77  PHE n 
1 78  VAL n 
1 79  GLY n 
1 80  GLU n 
1 81  PRO n 
1 82  GLU n 
1 83  LEU n 
1 84  MET n 
1 85  ASP n 
1 86  VAL n 
1 87  HIS n 
1 88  VAL n 
1 89  PHE n 
1 90  CYS n 
1 91  THR n 
1 92  ASP n 
1 93  SER n 
1 94  ILE n 
1 95  GLN n 
1 96  GLY n 
1 97  THR n 
1 98  PRO n 
1 99  VAL n 
1 100 GLU n 
1 101 SER n 
1 102 ASP n 
1 103 GLU n 
1 104 MET n 
1 105 ARG n 
1 106 PRO n 
1 107 CYS n 
1 108 TRP n 
1 109 PHE n 
1 110 GLN n 
1 111 LEU n 
1 112 ASP n 
1 113 GLN n 
1 114 ILE n 
1 115 PRO n 
1 116 PHE n 
1 117 LYS n 
1 118 ASP n 
1 119 MET n 
1 120 TRP n 
1 121 PRO n 
1 122 ASP n 
1 123 ASP n 
1 124 SER n 
1 125 TYR n 
1 126 TRP n 
1 127 PHE n 
1 128 PRO n 
1 129 LEU n 
1 130 LEU n 
1 131 LEU n 
1 132 GLN n 
1 133 LYS n 
1 134 LYS n 
1 135 LYS n 
1 136 PHE n 
1 137 HIS n 
1 138 GLY n 
1 139 TYR n 
1 140 PHE n 
1 141 LYS n 
1 142 PHE n 
1 143 GLN n 
1 144 GLY n 
1 145 GLN n 
1 146 ASP n 
1 147 THR n 
1 148 ILE n 
1 149 LEU n 
1 150 ASP n 
1 151 TYR n 
1 152 THR n 
1 153 LEU n 
1 154 ARG n 
1 155 GLU n 
1 156 VAL n 
1 157 ASP n 
1 158 THR n 
1 159 VAL n 
# 
_entity_src_gen.entity_id                          1 
_entity_src_gen.pdbx_src_id                        1 
_entity_src_gen.pdbx_alt_source_flag               sample 
_entity_src_gen.pdbx_seq_type                      'Biological sequence' 
_entity_src_gen.pdbx_beg_seq_num                   1 
_entity_src_gen.pdbx_end_seq_num                   159 
_entity_src_gen.gene_src_common_name               human 
_entity_src_gen.gene_src_genus                     ? 
_entity_src_gen.pdbx_gene_src_gene                 'NUDT1, MTH1' 
_entity_src_gen.gene_src_species                   ? 
_entity_src_gen.gene_src_strain                    ? 
_entity_src_gen.gene_src_tissue                    ? 
_entity_src_gen.gene_src_tissue_fraction           ? 
_entity_src_gen.gene_src_details                   ? 
_entity_src_gen.pdbx_gene_src_fragment             ? 
_entity_src_gen.pdbx_gene_src_scientific_name      'Homo sapiens' 
_entity_src_gen.pdbx_gene_src_ncbi_taxonomy_id     9606 
_entity_src_gen.pdbx_gene_src_variant              ? 
_entity_src_gen.pdbx_gene_src_cell_line            ? 
_entity_src_gen.pdbx_gene_src_atcc                 ? 
_entity_src_gen.pdbx_gene_src_organ                ? 
_entity_src_gen.pdbx_gene_src_organelle            ? 
_entity_src_gen.pdbx_gene_src_cell                 ? 
_entity_src_gen.pdbx_gene_src_cellular_location    ? 
_entity_src_gen.host_org_common_name               ? 
_entity_src_gen.pdbx_host_org_scientific_name      'Escherichia coli' 
_entity_src_gen.pdbx_host_org_ncbi_taxonomy_id     562 
_entity_src_gen.host_org_genus                     ? 
_entity_src_gen.pdbx_host_org_gene                 ? 
_entity_src_gen.pdbx_host_org_organ                ? 
_entity_src_gen.host_org_species                   ? 
_entity_src_gen.pdbx_host_org_tissue               ? 
_entity_src_gen.pdbx_host_org_tissue_fraction      ? 
_entity_src_gen.pdbx_host_org_strain               ? 
_entity_src_gen.pdbx_host_org_variant              ? 
_entity_src_gen.pdbx_host_org_cell_line            ? 
_entity_src_gen.pdbx_host_org_atcc                 ? 
_entity_src_gen.pdbx_host_org_culture_collection   ? 
_entity_src_gen.pdbx_host_org_cell                 ? 
_entity_src_gen.pdbx_host_org_organelle            ? 
_entity_src_gen.pdbx_host_org_cellular_location    ? 
_entity_src_gen.pdbx_host_org_vector_type          ? 
_entity_src_gen.pdbx_host_org_vector               ? 
_entity_src_gen.host_org_details                   ? 
_entity_src_gen.expression_system_id               ? 
_entity_src_gen.plasmid_name                       ? 
_entity_src_gen.plasmid_details                    ? 
_entity_src_gen.pdbx_description                   ? 
# 
_struct_ref.id                         1 
_struct_ref.db_name                    UNP 
_struct_ref.db_code                    8ODP_HUMAN 
_struct_ref.pdbx_db_accession          P36639 
_struct_ref.pdbx_db_isoform            ? 
_struct_ref.entity_id                  1 
_struct_ref.pdbx_seq_one_letter_code   
;MGASRLYTLVLVLQPQRVLLGMKKRGFGAGRWNGFGGKVQEGETIEDGARRELQEESGLTVDALHKVGQIVFEFVGEPEL
MDVHVFCTDSIQGTPVESDEMRPCWFQLDQIPFKDMWPDDSYWFPLLLQKKKFHGYFKFQGQDTILDYTLREVDTV
;
_struct_ref.pdbx_align_begin           42 
# 
_struct_ref_seq.align_id                      1 
_struct_ref_seq.ref_id                        1 
_struct_ref_seq.pdbx_PDB_id_code              8A0S 
_struct_ref_seq.pdbx_strand_id                A 
_struct_ref_seq.seq_align_beg                 4 
_struct_ref_seq.pdbx_seq_align_beg_ins_code   ? 
_struct_ref_seq.seq_align_end                 159 
_struct_ref_seq.pdbx_seq_align_end_ins_code   ? 
_struct_ref_seq.pdbx_db_accession             P36639 
_struct_ref_seq.db_align_beg                  42 
_struct_ref_seq.pdbx_db_align_beg_ins_code    ? 
_struct_ref_seq.db_align_end                  197 
_struct_ref_seq.pdbx_db_align_end_ins_code    ? 
_struct_ref_seq.pdbx_auth_seq_align_beg       1 
_struct_ref_seq.pdbx_auth_seq_align_end       156 
# 
loop_
_struct_ref_seq_dif.align_id 
_struct_ref_seq_dif.pdbx_pdb_id_code 
_struct_ref_seq_dif.mon_id 
_struct_ref_seq_dif.pdbx_pdb_strand_id 
_struct_ref_seq_dif.seq_num 
_struct_ref_seq_dif.pdbx_pdb_ins_code 
_struct_ref_seq_dif.pdbx_seq_db_name 
_struct_ref_seq_dif.pdbx_seq_db_accession_code 
_struct_ref_seq_dif.db_mon_id 
_struct_ref_seq_dif.pdbx_seq_db_seq_num 
_struct_ref_seq_dif.details 
_struct_ref_seq_dif.pdbx_auth_seq_num 
_struct_ref_seq_dif.pdbx_ordinal 
1 8A0S GLY A 1 ? UNP P36639 ? ? 'expression tag' -2 1 
1 8A0S SER A 2 ? UNP P36639 ? ? 'expression tag' -1 2 
1 8A0S HIS A 3 ? UNP P36639 ? ? 'expression tag' 0  3 
# 
loop_
_chem_comp.id 
_chem_comp.type 
_chem_comp.mon_nstd_flag 
_chem_comp.name 
_chem_comp.pdbx_synonyms 
_chem_comp.formula 
_chem_comp.formula_weight 
ALA 'L-peptide linking' y ALANINE                                                    ? 'C3 H7 N O2'       89.093  
ARG 'L-peptide linking' y ARGININE                                                   ? 'C6 H15 N4 O2 1'   175.209 
ASN 'L-peptide linking' y ASPARAGINE                                                 ? 'C4 H8 N2 O3'      132.118 
ASP 'L-peptide linking' y 'ASPARTIC ACID'                                            ? 'C4 H7 N O4'       133.103 
CYS 'L-peptide linking' y CYSTEINE                                                   ? 'C3 H7 N O2 S'     121.158 
GLN 'L-peptide linking' y GLUTAMINE                                                  ? 'C5 H10 N2 O3'     146.144 
GLU 'L-peptide linking' y 'GLUTAMIC ACID'                                            ? 'C5 H9 N O4'       147.129 
GLY 'peptide linking'   y GLYCINE                                                    ? 'C2 H5 N O2'       75.067  
HIS 'L-peptide linking' y HISTIDINE                                                  ? 'C6 H10 N3 O2 1'   156.162 
HOH non-polymer         . WATER                                                      ? 'H2 O'             18.015  
ILE 'L-peptide linking' y ISOLEUCINE                                                 ? 'C6 H13 N O2'      131.173 
KOX non-polymer         . '4-[(2-chlorophenyl)methylsulfanyl]-5~{H}-pyrimidin-2-one' ? 'C11 H9 Cl N2 O S' 252.720 
LEU 'L-peptide linking' y LEUCINE                                                    ? 'C6 H13 N O2'      131.173 
LYS 'L-peptide linking' y LYSINE                                                     ? 'C6 H15 N2 O2 1'   147.195 
MET 'L-peptide linking' y METHIONINE                                                 ? 'C5 H11 N O2 S'    149.211 
PHE 'L-peptide linking' y PHENYLALANINE                                              ? 'C9 H11 N O2'      165.189 
PRO 'L-peptide linking' y PROLINE                                                    ? 'C5 H9 N O2'       115.130 
SER 'L-peptide linking' y SERINE                                                     ? 'C3 H7 N O3'       105.093 
SO4 non-polymer         . 'SULFATE ION'                                              ? 'O4 S -2'          96.063  
THR 'L-peptide linking' y THREONINE                                                  ? 'C4 H9 N O3'       119.119 
TRP 'L-peptide linking' y TRYPTOPHAN                                                 ? 'C11 H12 N2 O2'    204.225 
TYR 'L-peptide linking' y TYROSINE                                                   ? 'C9 H11 N O3'      181.189 
VAL 'L-peptide linking' y VALINE                                                     ? 'C5 H11 N O2'      117.146 
# 
_exptl.absorpt_coefficient_mu     ? 
_exptl.absorpt_correction_T_max   ? 
_exptl.absorpt_correction_T_min   ? 
_exptl.absorpt_correction_type    ? 
_exptl.absorpt_process_details    ? 
_exptl.entry_id                   8A0S 
_exptl.crystals_number            1 
_exptl.details                    ? 
_exptl.method                     'X-RAY DIFFRACTION' 
_exptl.method_details             ? 
# 
_exptl_crystal.colour                       ? 
_exptl_crystal.density_diffrn               ? 
_exptl_crystal.density_Matthews             2.02 
_exptl_crystal.density_method               ? 
_exptl_crystal.density_percent_sol          39.21 
_exptl_crystal.description                  ? 
_exptl_crystal.F_000                        ? 
_exptl_crystal.id                           1 
_exptl_crystal.preparation                  ? 
_exptl_crystal.size_max                     ? 
_exptl_crystal.size_mid                     ? 
_exptl_crystal.size_min                     ? 
_exptl_crystal.size_rad                     ? 
_exptl_crystal.colour_lustre                ? 
_exptl_crystal.colour_modifier              ? 
_exptl_crystal.colour_primary               ? 
_exptl_crystal.density_meas                 ? 
_exptl_crystal.density_meas_esd             ? 
_exptl_crystal.density_meas_gt              ? 
_exptl_crystal.density_meas_lt              ? 
_exptl_crystal.density_meas_temp            ? 
_exptl_crystal.density_meas_temp_esd        ? 
_exptl_crystal.density_meas_temp_gt         ? 
_exptl_crystal.density_meas_temp_lt         ? 
_exptl_crystal.pdbx_crystal_image_url       ? 
_exptl_crystal.pdbx_crystal_image_format    ? 
_exptl_crystal.pdbx_mosaicity               ? 
_exptl_crystal.pdbx_mosaicity_esd           ? 
_exptl_crystal.pdbx_mosaic_method           ? 
_exptl_crystal.pdbx_mosaic_block_size       ? 
_exptl_crystal.pdbx_mosaic_block_size_esd   ? 
# 
_exptl_crystal_grow.apparatus       ? 
_exptl_crystal_grow.atmosphere      ? 
_exptl_crystal_grow.crystal_id      1 
_exptl_crystal_grow.details         ? 
_exptl_crystal_grow.method          'VAPOR DIFFUSION, SITTING DROP' 
_exptl_crystal_grow.method_ref      ? 
_exptl_crystal_grow.pH              ? 
_exptl_crystal_grow.pressure        ? 
_exptl_crystal_grow.pressure_esd    ? 
_exptl_crystal_grow.seeding         ? 
_exptl_crystal_grow.seeding_ref     ? 
_exptl_crystal_grow.temp            292 
_exptl_crystal_grow.temp_details    ? 
_exptl_crystal_grow.temp_esd        ? 
_exptl_crystal_grow.time            ? 
_exptl_crystal_grow.pdbx_details    '30% PEG6000, 0.1M Sodium Acetate pH4.0, 0.2 M Lithium Sulfate' 
_exptl_crystal_grow.pdbx_pH_range   ? 
# 
_diffrn.ambient_environment              ? 
_diffrn.ambient_temp                     100 
_diffrn.ambient_temp_details             ? 
_diffrn.ambient_temp_esd                 ? 
_diffrn.crystal_id                       1 
_diffrn.crystal_support                  ? 
_diffrn.crystal_treatment                ? 
_diffrn.details                          ? 
_diffrn.id                               1 
_diffrn.ambient_pressure                 ? 
_diffrn.ambient_pressure_esd             ? 
_diffrn.ambient_pressure_gt              ? 
_diffrn.ambient_pressure_lt              ? 
_diffrn.ambient_temp_gt                  ? 
_diffrn.ambient_temp_lt                  ? 
_diffrn.pdbx_serial_crystal_experiment   N 
# 
_diffrn_detector.details                      ? 
_diffrn_detector.detector                     PIXEL 
_diffrn_detector.diffrn_id                    1 
_diffrn_detector.type                         'DECTRIS PILATUS 6M' 
_diffrn_detector.area_resol_mean              ? 
_diffrn_detector.dtime                        ? 
_diffrn_detector.pdbx_frames_total            ? 
_diffrn_detector.pdbx_collection_time_total   ? 
_diffrn_detector.pdbx_collection_date         2022-05-19 
_diffrn_detector.pdbx_frequency               ? 
# 
_diffrn_radiation.collimation                      ? 
_diffrn_radiation.diffrn_id                        1 
_diffrn_radiation.filter_edge                      ? 
_diffrn_radiation.inhomogeneity                    ? 
_diffrn_radiation.monochromator                    ? 
_diffrn_radiation.polarisn_norm                    ? 
_diffrn_radiation.polarisn_ratio                   ? 
_diffrn_radiation.probe                            ? 
_diffrn_radiation.type                             ? 
_diffrn_radiation.xray_symbol                      ? 
_diffrn_radiation.wavelength_id                    1 
_diffrn_radiation.pdbx_monochromatic_or_laue_m_l   M 
_diffrn_radiation.pdbx_wavelength_list             ? 
_diffrn_radiation.pdbx_wavelength                  ? 
_diffrn_radiation.pdbx_diffrn_protocol             'SINGLE WAVELENGTH' 
_diffrn_radiation.pdbx_analyzer                    ? 
_diffrn_radiation.pdbx_scattering_type             x-ray 
# 
_diffrn_radiation_wavelength.id           1 
_diffrn_radiation_wavelength.wavelength   0.8795 
_diffrn_radiation_wavelength.wt           1.0 
# 
_diffrn_source.current                     ? 
_diffrn_source.details                     ? 
_diffrn_source.diffrn_id                   1 
_diffrn_source.power                       ? 
_diffrn_source.size                        ? 
_diffrn_source.source                      SYNCHROTRON 
_diffrn_source.target                      ? 
_diffrn_source.type                        'DIAMOND BEAMLINE I04' 
_diffrn_source.voltage                     ? 
_diffrn_source.take-off_angle              ? 
_diffrn_source.pdbx_wavelength_list        0.8795 
_diffrn_source.pdbx_wavelength             ? 
_diffrn_source.pdbx_synchrotron_beamline   I04 
_diffrn_source.pdbx_synchrotron_site       Diamond 
# 
_reflns.B_iso_Wilson_estimate                          ? 
_reflns.entry_id                                       8A0S 
_reflns.data_reduction_details                         ? 
_reflns.data_reduction_method                          ? 
_reflns.d_resolution_high                              1.40 
_reflns.d_resolution_low                               36.07 
_reflns.details                                        ? 
_reflns.limit_h_max                                    ? 
_reflns.limit_h_min                                    ? 
_reflns.limit_k_max                                    ? 
_reflns.limit_k_min                                    ? 
_reflns.limit_l_max                                    ? 
_reflns.limit_l_min                                    ? 
_reflns.number_all                                     ? 
_reflns.number_obs                                     29204 
_reflns.observed_criterion                             ? 
_reflns.observed_criterion_F_max                       ? 
_reflns.observed_criterion_F_min                       ? 
_reflns.observed_criterion_I_max                       ? 
_reflns.observed_criterion_I_min                       ? 
_reflns.observed_criterion_sigma_F                     ? 
_reflns.observed_criterion_sigma_I                     ? 
_reflns.percent_possible_obs                           100.0 
_reflns.R_free_details                                 ? 
_reflns.Rmerge_F_all                                   ? 
_reflns.Rmerge_F_obs                                   ? 
_reflns.Friedel_coverage                               ? 
_reflns.number_gt                                      ? 
_reflns.threshold_expression                           ? 
_reflns.pdbx_redundancy                                12.0 
_reflns.pdbx_Rmerge_I_obs                              ? 
_reflns.pdbx_Rmerge_I_all                              ? 
_reflns.pdbx_Rsym_value                                ? 
_reflns.pdbx_netI_over_av_sigmaI                       ? 
_reflns.pdbx_netI_over_sigmaI                          17.5 
_reflns.pdbx_res_netI_over_av_sigmaI_2                 ? 
_reflns.pdbx_res_netI_over_sigmaI_2                    ? 
_reflns.pdbx_chi_squared                               ? 
_reflns.pdbx_scaling_rejects                           ? 
_reflns.pdbx_d_res_high_opt                            ? 
_reflns.pdbx_d_res_low_opt                             ? 
_reflns.pdbx_d_res_opt_method                          ? 
_reflns.phase_calculation_details                      ? 
_reflns.pdbx_Rrim_I_all                                ? 
_reflns.pdbx_Rpim_I_all                                ? 
_reflns.pdbx_d_opt                                     ? 
_reflns.pdbx_number_measured_all                       ? 
_reflns.pdbx_diffrn_id                                 1 
_reflns.pdbx_ordinal                                   1 
_reflns.pdbx_CC_half                                   1.000 
_reflns.pdbx_CC_star                                   ? 
_reflns.pdbx_R_split                                   ? 
_reflns.pdbx_aniso_diffraction_limit_axis_1_ortho[1]   ? 
_reflns.pdbx_aniso_diffraction_limit_axis_1_ortho[2]   ? 
_reflns.pdbx_aniso_diffraction_limit_axis_1_ortho[3]   ? 
_reflns.pdbx_aniso_diffraction_limit_axis_2_ortho[1]   ? 
_reflns.pdbx_aniso_diffraction_limit_axis_2_ortho[2]   ? 
_reflns.pdbx_aniso_diffraction_limit_axis_2_ortho[3]   ? 
_reflns.pdbx_aniso_diffraction_limit_axis_3_ortho[1]   ? 
_reflns.pdbx_aniso_diffraction_limit_axis_3_ortho[2]   ? 
_reflns.pdbx_aniso_diffraction_limit_axis_3_ortho[3]   ? 
_reflns.pdbx_aniso_diffraction_limit_1                 ? 
_reflns.pdbx_aniso_diffraction_limit_2                 ? 
_reflns.pdbx_aniso_diffraction_limit_3                 ? 
_reflns.pdbx_aniso_B_tensor_eigenvector_1_ortho[1]     ? 
_reflns.pdbx_aniso_B_tensor_eigenvector_1_ortho[2]     ? 
_reflns.pdbx_aniso_B_tensor_eigenvector_1_ortho[3]     ? 
_reflns.pdbx_aniso_B_tensor_eigenvector_2_ortho[1]     ? 
_reflns.pdbx_aniso_B_tensor_eigenvector_2_ortho[2]     ? 
_reflns.pdbx_aniso_B_tensor_eigenvector_2_ortho[3]     ? 
_reflns.pdbx_aniso_B_tensor_eigenvector_3_ortho[1]     ? 
_reflns.pdbx_aniso_B_tensor_eigenvector_3_ortho[2]     ? 
_reflns.pdbx_aniso_B_tensor_eigenvector_3_ortho[3]     ? 
_reflns.pdbx_aniso_B_tensor_eigenvalue_1               ? 
_reflns.pdbx_aniso_B_tensor_eigenvalue_2               ? 
_reflns.pdbx_aniso_B_tensor_eigenvalue_3               ? 
_reflns.pdbx_orthogonalization_convention              ? 
_reflns.pdbx_percent_possible_ellipsoidal              ? 
_reflns.pdbx_percent_possible_spherical                ? 
_reflns.pdbx_percent_possible_ellipsoidal_anomalous    ? 
_reflns.pdbx_percent_possible_spherical_anomalous      ? 
_reflns.pdbx_redundancy_anomalous                      ? 
_reflns.pdbx_CC_half_anomalous                         ? 
_reflns.pdbx_absDiff_over_sigma_anomalous              ? 
_reflns.pdbx_percent_possible_anomalous                ? 
_reflns.pdbx_observed_signal_threshold                 ? 
_reflns.pdbx_signal_type                               ? 
_reflns.pdbx_signal_details                            ? 
_reflns.pdbx_signal_software_id                        ? 
_reflns.pdbx_CC_split_method                           ? 
# 
_reflns_shell.d_res_high                                    1.40 
_reflns_shell.d_res_low                                     1.42 
_reflns_shell.meanI_over_sigI_all                           ? 
_reflns_shell.meanI_over_sigI_obs                           ? 
_reflns_shell.number_measured_all                           ? 
_reflns_shell.number_measured_obs                           ? 
_reflns_shell.number_possible                               ? 
_reflns_shell.number_unique_all                             ? 
_reflns_shell.number_unique_obs                             1429 
_reflns_shell.percent_possible_all                          ? 
_reflns_shell.percent_possible_obs                          ? 
_reflns_shell.Rmerge_F_all                                  ? 
_reflns_shell.Rmerge_F_obs                                  ? 
_reflns_shell.Rmerge_I_all                                  ? 
_reflns_shell.Rmerge_I_obs                                  ? 
_reflns_shell.meanI_over_sigI_gt                            ? 
_reflns_shell.meanI_over_uI_all                             ? 
_reflns_shell.meanI_over_uI_gt                              ? 
_reflns_shell.number_measured_gt                            ? 
_reflns_shell.number_unique_gt                              ? 
_reflns_shell.percent_possible_gt                           ? 
_reflns_shell.Rmerge_F_gt                                   ? 
_reflns_shell.Rmerge_I_gt                                   ? 
_reflns_shell.pdbx_redundancy                               ? 
_reflns_shell.pdbx_Rsym_value                               ? 
_reflns_shell.pdbx_chi_squared                              ? 
_reflns_shell.pdbx_netI_over_sigmaI_all                     ? 
_reflns_shell.pdbx_netI_over_sigmaI_obs                     ? 
_reflns_shell.pdbx_Rrim_I_all                               ? 
_reflns_shell.pdbx_Rpim_I_all                               ? 
_reflns_shell.pdbx_rejects                                  ? 
_reflns_shell.pdbx_ordinal                                  1 
_reflns_shell.pdbx_diffrn_id                                1 
_reflns_shell.pdbx_CC_half                                  0.774 
_reflns_shell.pdbx_CC_star                                  ? 
_reflns_shell.pdbx_R_split                                  ? 
_reflns_shell.pdbx_percent_possible_ellipsoidal             ? 
_reflns_shell.pdbx_percent_possible_spherical               ? 
_reflns_shell.pdbx_percent_possible_ellipsoidal_anomalous   ? 
_reflns_shell.pdbx_percent_possible_spherical_anomalous     ? 
_reflns_shell.pdbx_redundancy_anomalous                     ? 
_reflns_shell.pdbx_CC_half_anomalous                        ? 
_reflns_shell.pdbx_absDiff_over_sigma_anomalous             ? 
_reflns_shell.pdbx_percent_possible_anomalous               ? 
# 
_refine.aniso_B[1][1]                            0.53 
_refine.aniso_B[1][2]                            -0.00 
_refine.aniso_B[1][3]                            0.00 
_refine.aniso_B[2][2]                            0.01 
_refine.aniso_B[2][3]                            -0.00 
_refine.aniso_B[3][3]                            -0.54 
_refine.B_iso_max                                ? 
_refine.B_iso_mean                               15.728 
_refine.B_iso_min                                ? 
_refine.correlation_coeff_Fo_to_Fc               0.965 
_refine.correlation_coeff_Fo_to_Fc_free          0.959 
_refine.details                                  'HYDROGENS HAVE BEEN ADDED IN THE RIDING POSITIONS' 
_refine.diff_density_max                         ? 
_refine.diff_density_max_esd                     ? 
_refine.diff_density_min                         ? 
_refine.diff_density_min_esd                     ? 
_refine.diff_density_rms                         ? 
_refine.diff_density_rms_esd                     ? 
_refine.entry_id                                 8A0S 
_refine.pdbx_refine_id                           'X-RAY DIFFRACTION' 
_refine.ls_abs_structure_details                 ? 
_refine.ls_abs_structure_Flack                   ? 
_refine.ls_abs_structure_Flack_esd               ? 
_refine.ls_abs_structure_Rogers                  ? 
_refine.ls_abs_structure_Rogers_esd              ? 
_refine.ls_d_res_high                            1.40 
_refine.ls_d_res_low                             36.07 
_refine.ls_extinction_coef                       ? 
_refine.ls_extinction_coef_esd                   ? 
_refine.ls_extinction_expression                 ? 
_refine.ls_extinction_method                     ? 
_refine.ls_goodness_of_fit_all                   ? 
_refine.ls_goodness_of_fit_all_esd               ? 
_refine.ls_goodness_of_fit_obs                   ? 
_refine.ls_goodness_of_fit_obs_esd               ? 
_refine.ls_hydrogen_treatment                    ? 
_refine.ls_matrix_type                           ? 
_refine.ls_number_constraints                    ? 
_refine.ls_number_parameters                     ? 
_refine.ls_number_reflns_all                     ? 
_refine.ls_number_reflns_obs                     27737 
_refine.ls_number_reflns_R_free                  1420 
_refine.ls_number_reflns_R_work                  ? 
_refine.ls_number_restraints                     ? 
_refine.ls_percent_reflns_obs                    99.99 
_refine.ls_percent_reflns_R_free                 4.9 
_refine.ls_R_factor_all                          ? 
_refine.ls_R_factor_obs                          0.18154 
_refine.ls_R_factor_R_free                       0.21188 
_refine.ls_R_factor_R_free_error                 ? 
_refine.ls_R_factor_R_free_error_details         ? 
_refine.ls_R_factor_R_work                       0.18001 
_refine.ls_R_Fsqd_factor_obs                     ? 
_refine.ls_R_I_factor_obs                        ? 
_refine.ls_redundancy_reflns_all                 ? 
_refine.ls_redundancy_reflns_obs                 ? 
_refine.ls_restrained_S_all                      ? 
_refine.ls_restrained_S_obs                      ? 
_refine.ls_shift_over_esd_max                    ? 
_refine.ls_shift_over_esd_mean                   ? 
_refine.ls_structure_factor_coef                 ? 
_refine.ls_weighting_details                     ? 
_refine.ls_weighting_scheme                      ? 
_refine.ls_wR_factor_all                         ? 
_refine.ls_wR_factor_obs                         ? 
_refine.ls_wR_factor_R_free                      ? 
_refine.ls_wR_factor_R_work                      ? 
_refine.occupancy_max                            ? 
_refine.occupancy_min                            ? 
_refine.solvent_model_details                    MASK 
_refine.solvent_model_param_bsol                 ? 
_refine.solvent_model_param_ksol                 ? 
_refine.pdbx_R_complete                          ? 
_refine.ls_R_factor_gt                           ? 
_refine.ls_goodness_of_fit_gt                    ? 
_refine.ls_goodness_of_fit_ref                   ? 
_refine.ls_shift_over_su_max                     ? 
_refine.ls_shift_over_su_max_lt                  ? 
_refine.ls_shift_over_su_mean                    ? 
_refine.ls_shift_over_su_mean_lt                 ? 
_refine.pdbx_ls_sigma_I                          ? 
_refine.pdbx_ls_sigma_F                          ? 
_refine.pdbx_ls_sigma_Fsqd                       ? 
_refine.pdbx_data_cutoff_high_absF               ? 
_refine.pdbx_data_cutoff_high_rms_absF           ? 
_refine.pdbx_data_cutoff_low_absF                ? 
_refine.pdbx_isotropic_thermal_model             ? 
_refine.pdbx_ls_cross_valid_method               THROUGHOUT 
_refine.pdbx_method_to_determine_struct          'MOLECULAR REPLACEMENT' 
_refine.pdbx_starting_model                      3ZR0 
_refine.pdbx_stereochemistry_target_values       'MAXIMUM LIKELIHOOD' 
_refine.pdbx_R_Free_selection_details            RANDOM 
_refine.pdbx_stereochem_target_val_spec_case     ? 
_refine.pdbx_overall_ESU_R                       0.068 
_refine.pdbx_overall_ESU_R_Free                  0.070 
_refine.pdbx_solvent_vdw_probe_radii             1.20 
_refine.pdbx_solvent_ion_probe_radii             0.80 
_refine.pdbx_solvent_shrinkage_radii             0.80 
_refine.pdbx_real_space_R                        ? 
_refine.pdbx_density_correlation                 ? 
_refine.pdbx_pd_number_of_powder_patterns        ? 
_refine.pdbx_pd_number_of_points                 ? 
_refine.pdbx_pd_meas_number_of_points            ? 
_refine.pdbx_pd_proc_ls_prof_R_factor            ? 
_refine.pdbx_pd_proc_ls_prof_wR_factor           ? 
_refine.pdbx_pd_Marquardt_correlation_coeff      ? 
_refine.pdbx_pd_Fsqrd_R_factor                   ? 
_refine.pdbx_pd_ls_matrix_band_width             ? 
_refine.pdbx_overall_phase_error                 ? 
_refine.pdbx_overall_SU_R_free_Cruickshank_DPI   ? 
_refine.pdbx_overall_SU_R_free_Blow_DPI          ? 
_refine.pdbx_overall_SU_R_Blow_DPI               ? 
_refine.pdbx_TLS_residual_ADP_flag               ? 
_refine.pdbx_diffrn_id                           1 
_refine.overall_SU_B                             1.088 
_refine.overall_SU_ML                            0.044 
_refine.overall_SU_R_Cruickshank_DPI             ? 
_refine.overall_SU_R_free                        ? 
_refine.overall_FOM_free_R_set                   ? 
_refine.overall_FOM_work_R_set                   ? 
_refine.pdbx_average_fsc_overall                 ? 
_refine.pdbx_average_fsc_work                    ? 
_refine.pdbx_average_fsc_free                    ? 
# 
_refine_hist.pdbx_refine_id                   'X-RAY DIFFRACTION' 
_refine_hist.cycle_id                         1 
_refine_hist.details                          ? 
_refine_hist.d_res_high                       1.40 
_refine_hist.d_res_low                        36.07 
_refine_hist.number_atoms_solvent             130 
_refine_hist.number_atoms_total               1421 
_refine_hist.number_reflns_all                ? 
_refine_hist.number_reflns_obs                ? 
_refine_hist.number_reflns_R_free             ? 
_refine_hist.number_reflns_R_work             ? 
_refine_hist.R_factor_all                     ? 
_refine_hist.R_factor_obs                     ? 
_refine_hist.R_factor_R_free                  ? 
_refine_hist.R_factor_R_work                  ? 
_refine_hist.pdbx_number_residues_total       ? 
_refine_hist.pdbx_B_iso_mean_ligand           ? 
_refine_hist.pdbx_B_iso_mean_solvent          ? 
_refine_hist.pdbx_number_atoms_protein        1254 
_refine_hist.pdbx_number_atoms_nucleic_acid   0 
_refine_hist.pdbx_number_atoms_ligand         37 
_refine_hist.pdbx_number_atoms_lipid          ? 
_refine_hist.pdbx_number_atoms_carb           ? 
_refine_hist.pdbx_pseudo_atom_details         ? 
# 
loop_
_refine_ls_restr.pdbx_refine_id 
_refine_ls_restr.criterion 
_refine_ls_restr.dev_ideal 
_refine_ls_restr.dev_ideal_target 
_refine_ls_restr.number 
_refine_ls_restr.rejects 
_refine_ls_restr.type 
_refine_ls_restr.weight 
_refine_ls_restr.pdbx_restraint_function 
'X-RAY DIFFRACTION' ? 0.013  0.013  1424 ? r_bond_refined_d             ? ? 
'X-RAY DIFFRACTION' ? 0.001  0.016  1293 ? r_bond_other_d               ? ? 
'X-RAY DIFFRACTION' ? 1.792  1.674  1943 ? r_angle_refined_deg          ? ? 
'X-RAY DIFFRACTION' ? 1.507  1.604  2988 ? r_angle_other_deg            ? ? 
'X-RAY DIFFRACTION' ? 7.254  5.000  175  ? r_dihedral_angle_1_deg       ? ? 
'X-RAY DIFFRACTION' ? 30.066 23.038 79   ? r_dihedral_angle_2_deg       ? ? 
'X-RAY DIFFRACTION' ? 12.235 15.000 239  ? r_dihedral_angle_3_deg       ? ? 
'X-RAY DIFFRACTION' ? 10.415 15.000 8    ? r_dihedral_angle_4_deg       ? ? 
'X-RAY DIFFRACTION' ? 0.089  0.200  164  ? r_chiral_restr               ? ? 
'X-RAY DIFFRACTION' ? 0.011  0.020  1676 ? r_gen_planes_refined         ? ? 
'X-RAY DIFFRACTION' ? 0.002  0.020  354  ? r_gen_planes_other           ? ? 
'X-RAY DIFFRACTION' ? ?      ?      ?    ? r_nbd_refined                ? ? 
'X-RAY DIFFRACTION' ? ?      ?      ?    ? r_nbd_other                  ? ? 
'X-RAY DIFFRACTION' ? ?      ?      ?    ? r_nbtor_refined              ? ? 
'X-RAY DIFFRACTION' ? ?      ?      ?    ? r_nbtor_other                ? ? 
'X-RAY DIFFRACTION' ? ?      ?      ?    ? r_xyhbond_nbd_refined        ? ? 
'X-RAY DIFFRACTION' ? ?      ?      ?    ? r_xyhbond_nbd_other          ? ? 
'X-RAY DIFFRACTION' ? ?      ?      ?    ? r_metal_ion_refined          ? ? 
'X-RAY DIFFRACTION' ? ?      ?      ?    ? r_metal_ion_other            ? ? 
'X-RAY DIFFRACTION' ? ?      ?      ?    ? r_symmetry_vdw_refined       ? ? 
'X-RAY DIFFRACTION' ? ?      ?      ?    ? r_symmetry_vdw_other         ? ? 
'X-RAY DIFFRACTION' ? ?      ?      ?    ? r_symmetry_hbond_refined     ? ? 
'X-RAY DIFFRACTION' ? ?      ?      ?    ? r_symmetry_hbond_other       ? ? 
'X-RAY DIFFRACTION' ? ?      ?      ?    ? r_symmetry_metal_ion_refined ? ? 
'X-RAY DIFFRACTION' ? ?      ?      ?    ? r_symmetry_metal_ion_other   ? ? 
'X-RAY DIFFRACTION' ? 1.353  1.393  670  ? r_mcbond_it                  ? ? 
'X-RAY DIFFRACTION' ? 1.349  1.392  669  ? r_mcbond_other               ? ? 
'X-RAY DIFFRACTION' ? 1.996  2.094  855  ? r_mcangle_it                 ? ? 
'X-RAY DIFFRACTION' ? 1.995  2.094  856  ? r_mcangle_other              ? ? 
'X-RAY DIFFRACTION' ? 2.458  1.702  753  ? r_scbond_it                  ? ? 
'X-RAY DIFFRACTION' ? 2.435  1.695  750  ? r_scbond_other               ? ? 
'X-RAY DIFFRACTION' ? ?      ?      ?    ? r_scangle_it                 ? ? 
'X-RAY DIFFRACTION' ? 3.671  2.436  1083 ? r_scangle_other              ? ? 
'X-RAY DIFFRACTION' ? 4.695  16.440 1492 ? r_long_range_B_refined       ? ? 
'X-RAY DIFFRACTION' ? 4.686  16.210 1478 ? r_long_range_B_other         ? ? 
'X-RAY DIFFRACTION' ? ?      ?      ?    ? r_rigid_bond_restr           ? ? 
'X-RAY DIFFRACTION' ? ?      ?      ?    ? r_sphericity_free            ? ? 
'X-RAY DIFFRACTION' ? ?      ?      ?    ? r_sphericity_bonded          ? ? 
# 
_refine_ls_shell.pdbx_refine_id                   'X-RAY DIFFRACTION' 
_refine_ls_shell.d_res_high                       1.400 
_refine_ls_shell.d_res_low                        1.436 
_refine_ls_shell.number_reflns_all                ? 
_refine_ls_shell.number_reflns_obs                ? 
_refine_ls_shell.number_reflns_R_free             104 
_refine_ls_shell.number_reflns_R_work             2030 
_refine_ls_shell.percent_reflns_obs               100.00 
_refine_ls_shell.percent_reflns_R_free            ? 
_refine_ls_shell.R_factor_all                     ? 
_refine_ls_shell.R_factor_obs                     ? 
_refine_ls_shell.R_factor_R_free                  0.245 
_refine_ls_shell.R_factor_R_free_error            ? 
_refine_ls_shell.R_factor_R_work                  0.242 
_refine_ls_shell.redundancy_reflns_all            ? 
_refine_ls_shell.redundancy_reflns_obs            ? 
_refine_ls_shell.wR_factor_all                    ? 
_refine_ls_shell.wR_factor_obs                    ? 
_refine_ls_shell.wR_factor_R_free                 ? 
_refine_ls_shell.wR_factor_R_work                 ? 
_refine_ls_shell.pdbx_R_complete                  ? 
_refine_ls_shell.pdbx_total_number_of_bins_used   20 
_refine_ls_shell.pdbx_phase_error                 ? 
_refine_ls_shell.pdbx_fsc_work                    ? 
_refine_ls_shell.pdbx_fsc_free                    ? 
# 
_struct.entry_id                     8A0S 
_struct.title                        'MTH1 in complex with TH013350' 
_struct.pdbx_model_details           ? 
_struct.pdbx_formula_weight          ? 
_struct.pdbx_formula_weight_method   ? 
_struct.pdbx_model_type_details      ? 
_struct.pdbx_CASP_flag               N 
# 
_struct_keywords.entry_id        8A0S 
_struct_keywords.text            'Inhibitor, HYDROLASE' 
_struct_keywords.pdbx_keywords   HYDROLASE 
# 
loop_
_struct_asym.id 
_struct_asym.pdbx_blank_PDB_chainid_flag 
_struct_asym.pdbx_modified 
_struct_asym.entity_id 
_struct_asym.details 
A N N 1 ? 
B N N 2 ? 
C N N 2 ? 
D N N 3 ? 
E N N 4 ? 
# 
loop_
_struct_conf.conf_type_id 
_struct_conf.id 
_struct_conf.pdbx_PDB_helix_id 
_struct_conf.beg_label_comp_id 
_struct_conf.beg_label_asym_id 
_struct_conf.beg_label_seq_id 
_struct_conf.pdbx_beg_PDB_ins_code 
_struct_conf.end_label_comp_id 
_struct_conf.end_label_asym_id 
_struct_conf.end_label_seq_id 
_struct_conf.pdbx_end_PDB_ins_code 
_struct_conf.beg_auth_comp_id 
_struct_conf.beg_auth_asym_id 
_struct_conf.beg_auth_seq_id 
_struct_conf.end_auth_comp_id 
_struct_conf.end_auth_asym_id 
_struct_conf.end_auth_seq_id 
_struct_conf.pdbx_PDB_helix_class 
_struct_conf.details 
_struct_conf.pdbx_PDB_helix_length 
HELX_P HELX_P1 AA1 THR A 47  ? GLY A 61  ? THR A 44  GLY A 58  1 ? 15 
HELX_P HELX_P2 AA2 ASP A 112 ? ILE A 114 ? ASP A 109 ILE A 111 5 ? 3  
HELX_P HELX_P3 AA3 PRO A 115 ? MET A 119 ? PRO A 112 MET A 116 5 ? 5  
HELX_P HELX_P4 AA4 TRP A 120 ? PRO A 121 ? TRP A 117 PRO A 118 5 ? 2  
HELX_P HELX_P5 AA5 ASP A 122 ? GLN A 132 ? ASP A 119 GLN A 129 1 ? 11 
# 
_struct_conf_type.id          HELX_P 
_struct_conf_type.criteria    ? 
_struct_conf_type.reference   ? 
# 
loop_
_struct_sheet.id 
_struct_sheet.type 
_struct_sheet.number_strands 
_struct_sheet.details 
AA1 ? 4 ? 
AA2 ? 7 ? 
AA3 ? 2 ? 
# 
loop_
_struct_sheet_order.sheet_id 
_struct_sheet_order.range_id_1 
_struct_sheet_order.range_id_2 
_struct_sheet_order.offset 
_struct_sheet_order.sense 
AA1 1 2 ? anti-parallel 
AA1 2 3 ? anti-parallel 
AA2 1 2 ? anti-parallel 
AA2 2 3 ? anti-parallel 
AA2 4 5 ? anti-parallel 
AA2 5 6 ? parallel      
AA2 6 7 ? anti-parallel 
AA3 1 2 ? anti-parallel 
# 
loop_
_struct_sheet_range.sheet_id 
_struct_sheet_range.id 
_struct_sheet_range.beg_label_comp_id 
_struct_sheet_range.beg_label_asym_id 
_struct_sheet_range.beg_label_seq_id 
_struct_sheet_range.pdbx_beg_PDB_ins_code 
_struct_sheet_range.end_label_comp_id 
_struct_sheet_range.end_label_asym_id 
_struct_sheet_range.end_label_seq_id 
_struct_sheet_range.pdbx_end_PDB_ins_code 
_struct_sheet_range.beg_auth_comp_id 
_struct_sheet_range.beg_auth_asym_id 
_struct_sheet_range.beg_auth_seq_id 
_struct_sheet_range.end_auth_comp_id 
_struct_sheet_range.end_auth_asym_id 
_struct_sheet_range.end_auth_seq_id 
AA1 1 TRP A 35  ? ASN A 36  ? TRP A 32  ASN A 33  
AA1 2 ARG A 20  ? LYS A 26  ? ARG A 17  LYS A 23  
AA1 3 SER A 7   ? LEU A 16  ? SER A 4   LEU A 13  
AA1 4 MET A 104 ? GLN A 110 ? MET A 101 GLN A 107 
AA2 1 PHE A 38  ? LYS A 41  ? PHE A 35  LYS A 38  
AA2 2 SER A 7   ? LEU A 16  ? SER A 4   LEU A 13  
AA2 3 ARG A 20  ? LYS A 26  ? ARG A 17  LYS A 23  
AA2 4 LEU A 83  ? THR A 91  ? LEU A 80  THR A 88  
AA2 5 HIS A 68  ? PHE A 77  ? HIS A 65  PHE A 74  
AA2 6 LYS A 135 ? GLN A 143 ? LYS A 132 GLN A 140 
AA2 7 THR A 147 ? VAL A 156 ? THR A 144 VAL A 153 
AA3 1 THR A 63  ? VAL A 64  ? THR A 60  VAL A 61  
AA3 2 ILE A 94  ? GLN A 95  ? ILE A 91  GLN A 92  
# 
loop_
_pdbx_struct_sheet_hbond.sheet_id 
_pdbx_struct_sheet_hbond.range_id_1 
_pdbx_struct_sheet_hbond.range_id_2 
_pdbx_struct_sheet_hbond.range_1_label_atom_id 
_pdbx_struct_sheet_hbond.range_1_label_comp_id 
_pdbx_struct_sheet_hbond.range_1_label_asym_id 
_pdbx_struct_sheet_hbond.range_1_label_seq_id 
_pdbx_struct_sheet_hbond.range_1_PDB_ins_code 
_pdbx_struct_sheet_hbond.range_1_auth_atom_id 
_pdbx_struct_sheet_hbond.range_1_auth_comp_id 
_pdbx_struct_sheet_hbond.range_1_auth_asym_id 
_pdbx_struct_sheet_hbond.range_1_auth_seq_id 
_pdbx_struct_sheet_hbond.range_2_label_atom_id 
_pdbx_struct_sheet_hbond.range_2_label_comp_id 
_pdbx_struct_sheet_hbond.range_2_label_asym_id 
_pdbx_struct_sheet_hbond.range_2_label_seq_id 
_pdbx_struct_sheet_hbond.range_2_PDB_ins_code 
_pdbx_struct_sheet_hbond.range_2_auth_atom_id 
_pdbx_struct_sheet_hbond.range_2_auth_comp_id 
_pdbx_struct_sheet_hbond.range_2_auth_asym_id 
_pdbx_struct_sheet_hbond.range_2_auth_seq_id 
AA1 1 2 O ASN A 36  ? O ASN A 33  N GLY A 24  ? N GLY A 21  
AA1 2 3 O LEU A 22  ? O LEU A 19  N VAL A 15  ? N VAL A 12  
AA2 1 2 O PHE A 38  ? O PHE A 35  N VAL A 13  ? N VAL A 10  
AA2 2 3 N VAL A 15  ? N VAL A 12  O LEU A 22  ? O LEU A 19  
AA2 4 5 O VAL A 88  ? O VAL A 85  N VAL A 70  ? N VAL A 67  
AA2 5 6 N GLU A 76  ? N GLU A 73  O PHE A 142 ? O PHE A 139 
AA2 6 7 N LYS A 141 ? N LYS A 138 O ASP A 150 ? O ASP A 147 
AA3 1 2 N THR A 63  ? N THR A 60  O GLN A 95  ? O GLN A 92  
# 
_atom_sites.entry_id                    8A0S 
_atom_sites.Cartn_transf_matrix[1][1]   ? 
_atom_sites.Cartn_transf_matrix[1][2]   ? 
_atom_sites.Cartn_transf_matrix[1][3]   ? 
_atom_sites.Cartn_transf_matrix[2][1]   ? 
_atom_sites.Cartn_transf_matrix[2][2]   ? 
_atom_sites.Cartn_transf_matrix[2][3]   ? 
_atom_sites.Cartn_transf_matrix[3][1]   ? 
_atom_sites.Cartn_transf_matrix[3][2]   ? 
_atom_sites.Cartn_transf_matrix[3][3]   ? 
_atom_sites.Cartn_transf_vector[1]      ? 
_atom_sites.Cartn_transf_vector[2]      ? 
_atom_sites.Cartn_transf_vector[3]      ? 
_atom_sites.fract_transf_matrix[1][1]   0.00113958 
_atom_sites.fract_transf_matrix[1][2]   -0.00789201 
_atom_sites.fract_transf_matrix[1][3]   0.02657238 
_atom_sites.fract_transf_matrix[2][1]   -0.01226274 
_atom_sites.fract_transf_matrix[2][2]   -0.01076402 
_atom_sites.fract_transf_matrix[2][3]   -0.00267102 
_atom_sites.fract_transf_matrix[3][1]   0.01014104 
_atom_sites.fract_transf_matrix[3][2]   -0.01065951 
_atom_sites.fract_transf_matrix[3][3]   -0.00360079 
_atom_sites.fract_transf_vector[1]      -0.241860 
_atom_sites.fract_transf_vector[2]      -0.232060 
_atom_sites.fract_transf_vector[3]      0.206066 
_atom_sites.solution_primary            ? 
_atom_sites.solution_secondary          ? 
_atom_sites.solution_hydrogens          ? 
_atom_sites.special_details             ? 
# 
loop_
_atom_type.symbol 
C  
CL 
N  
O  
S  
# 
loop_
_atom_site.group_PDB 
_atom_site.id 
_atom_site.type_symbol 
_atom_site.label_atom_id 
_atom_site.label_alt_id 
_atom_site.label_comp_id 
_atom_site.label_asym_id 
_atom_site.label_entity_id 
_atom_site.label_seq_id 
_atom_site.pdbx_PDB_ins_code 
_atom_site.Cartn_x 
_atom_site.Cartn_y 
_atom_site.Cartn_z 
_atom_site.occupancy 
_atom_site.B_iso_or_equiv 
_atom_site.pdbx_formal_charge 
_atom_site.auth_seq_id 
_atom_site.auth_comp_id 
_atom_site.auth_asym_id 
_atom_site.auth_atom_id 
_atom_site.pdbx_PDB_model_num 
ATOM   1    N  N    . ALA A 1 6   ? -15.693 13.935  -3.405  1.00 35.57 ? 3   ALA A N    1 
ATOM   2    C  CA   . ALA A 1 6   ? -14.386 14.647  -3.603  1.00 30.56 ? 3   ALA A CA   1 
ATOM   3    C  C    . ALA A 1 6   ? -13.216 13.651  -3.569  1.00 26.00 ? 3   ALA A C    1 
ATOM   4    O  O    . ALA A 1 6   ? -12.207 13.812  -4.317  1.00 26.06 ? 3   ALA A O    1 
ATOM   5    C  CB   . ALA A 1 6   ? -14.229 15.661  -2.513  1.00 31.71 ? 3   ALA A CB   1 
ATOM   6    N  N    . SER A 1 7   ? -13.304 12.690  -2.659  1.00 21.92 ? 4   SER A N    1 
ATOM   7    C  CA   . SER A 1 7   ? -12.278 11.632  -2.499  1.00 18.36 ? 4   SER A CA   1 
ATOM   8    C  C    . SER A 1 7   ? -12.951 10.261  -2.596  1.00 19.67 ? 4   SER A C    1 
ATOM   9    O  O    . SER A 1 7   ? -14.136 10.145  -2.239  1.00 22.11 ? 4   SER A O    1 
ATOM   10   C  CB   . SER A 1 7   ? -11.493 11.795  -1.243  1.00 21.80 ? 4   SER A CB   1 
ATOM   11   O  OG   . SER A 1 7   ? -12.232 11.443  -0.100  1.00 26.53 ? 4   SER A OG   1 
ATOM   12   N  N    . ARG A 1 8   ? -12.245 9.274   -3.130  1.00 16.34 ? 5   ARG A N    1 
ATOM   13   C  CA   . ARG A 1 8   ? -12.680 7.881   -3.287  1.00 15.82 ? 5   ARG A CA   1 
ATOM   14   C  C    . ARG A 1 8   ? -11.824 7.027   -2.357  1.00 14.57 ? 5   ARG A C    1 
ATOM   15   O  O    . ARG A 1 8   ? -10.588 7.170   -2.310  1.00 13.01 ? 5   ARG A O    1 
ATOM   16   C  CB   . ARG A 1 8   ? -12.466 7.462   -4.739  1.00 18.52 ? 5   ARG A CB   1 
ATOM   17   C  CG   . ARG A 1 8   ? -12.644 5.974   -5.032  1.00 25.19 ? 5   ARG A CG   1 
ATOM   18   C  CD   . ARG A 1 8   ? -14.063 5.612   -5.324  1.00 28.69 ? 5   ARG A CD   1 
ATOM   19   N  NE   . ARG A 1 8   ? -14.284 4.242   -5.794  1.00 29.22 ? 5   ARG A NE   1 
ATOM   20   C  CZ   . ARG A 1 8   ? -14.344 3.131   -5.026  1.00 29.62 ? 5   ARG A CZ   1 
ATOM   21   N  NH1  . ARG A 1 8   ? -14.031 3.098   -3.717  1.00 20.01 ? 5   ARG A NH1  1 
ATOM   22   N  NH2  . ARG A 1 8   ? -14.691 2.010   -5.644  1.00 33.51 ? 5   ARG A NH2  1 
ATOM   23   N  N    . LEU A 1 9   ? -12.436 6.060   -1.695  1.00 12.28 ? 6   LEU A N    1 
ATOM   24   C  CA   . LEU A 1 9   ? -11.765 5.190   -0.703  1.00 11.15 ? 6   LEU A CA   1 
ATOM   25   C  C    . LEU A 1 9   ? -11.011 4.082   -1.401  1.00 11.19 ? 6   LEU A C    1 
ATOM   26   O  O    . LEU A 1 9   ? -11.556 3.337   -2.216  1.00 12.10 ? 6   LEU A O    1 
ATOM   27   C  CB   . LEU A 1 9   ? -12.839 4.568   0.186   1.00 12.26 ? 6   LEU A CB   1 
ATOM   28   C  CG   . LEU A 1 9   ? -13.446 5.509   1.192   1.00 13.21 ? 6   LEU A CG   1 
ATOM   29   C  CD1  . LEU A 1 9   ? -14.644 4.817   1.889   1.00 15.01 ? 6   LEU A CD1  1 
ATOM   30   C  CD2  . LEU A 1 9   ? -12.430 5.973   2.226   1.00 13.80 ? 6   LEU A CD2  1 
ATOM   31   N  N    . TYR A 1 10  ? -9.786  3.902   -0.950  1.00 10.33 ? 7   TYR A N    1 
ATOM   32   C  CA   . TYR A 1 10  ? -8.891  2.786   -1.332  1.00 10.77 ? 7   TYR A CA   1 
ATOM   33   C  C    . TYR A 1 10  ? -8.273  2.207   -0.065  1.00 9.67  ? 7   TYR A C    1 
ATOM   34   O  O    . TYR A 1 10  ? -8.182  2.907   0.967   1.00 10.17 ? 7   TYR A O    1 
ATOM   35   C  CB   . TYR A 1 10  ? -7.789  3.271   -2.271  1.00 10.56 ? 7   TYR A CB   1 
ATOM   36   C  CG   . TYR A 1 10  ? -8.232  3.776   -3.620  1.00 11.97 ? 7   TYR A CG   1 
ATOM   37   C  CD1  . TYR A 1 10  ? -8.716  5.052   -3.749  1.00 11.69 ? 7   TYR A CD1  1 
ATOM   38   C  CD2  . TYR A 1 10  ? -8.212  2.949   -4.722  1.00 12.38 ? 7   TYR A CD2  1 
ATOM   39   C  CE1  . TYR A 1 10  ? -9.143  5.539   -4.968  1.00 13.93 ? 7   TYR A CE1  1 
ATOM   40   C  CE2  . TYR A 1 10  ? -8.570  3.432   -5.981  1.00 13.52 ? 7   TYR A CE2  1 
ATOM   41   C  CZ   . TYR A 1 10  ? -9.073  4.710   -6.082  1.00 13.71 ? 7   TYR A CZ   1 
ATOM   42   O  OH   . TYR A 1 10  ? -9.467  5.158   -7.335  1.00 18.45 ? 7   TYR A OH   1 
ATOM   43   N  N    . THR A 1 11  ? -7.722  1.009   -0.209  1.00 10.60 ? 8   THR A N    1 
ATOM   44   C  CA   . THR A 1 11  ? -6.949  0.351   0.856   1.00 10.87 ? 8   THR A CA   1 
ATOM   45   C  C    . THR A 1 11  ? -5.578  -0.013  0.305   1.00 11.53 ? 8   THR A C    1 
ATOM   46   O  O    . THR A 1 11  ? -5.423  -0.152  -0.902  1.00 10.71 ? 8   THR A O    1 
ATOM   47   C  CB   . THR A 1 11  ? -7.635  -0.923  1.350   1.00 12.29 ? 8   THR A CB   1 
ATOM   48   O  OG1  . THR A 1 11  ? -7.765  -1.837  0.271   1.00 14.44 ? 8   THR A OG1  1 
ATOM   49   C  CG2  . THR A 1 11  ? -8.978  -0.574  1.974   1.00 13.29 ? 8   THR A CG2  1 
ATOM   50   N  N    . LEU A 1 12  ? -4.622  -0.173  1.196   1.00 9.79  ? 9   LEU A N    1 
ATOM   51   C  CA   . LEU A 1 12  ? -3.260  -0.643  0.893   1.00 10.14 ? 9   LEU A CA   1 
ATOM   52   C  C    . LEU A 1 12  ? -2.843  -1.447  2.094   1.00 9.57  ? 9   LEU A C    1 
ATOM   53   O  O    . LEU A 1 12  ? -2.841  -0.924  3.207   1.00 10.88 ? 9   LEU A O    1 
ATOM   54   C  CB   . LEU A 1 12  ? -2.370  0.574   0.617   1.00 10.63 ? 9   LEU A CB   1 
ATOM   55   C  CG   . LEU A 1 12  ? -0.983  0.251   0.095   1.00 12.53 ? 9   LEU A CG   1 
ATOM   56   C  CD1  . LEU A 1 12  ? -1.076  -0.436  -1.265  1.00 12.58 ? 9   LEU A CD1  1 
ATOM   57   C  CD2  . LEU A 1 12  ? -0.147  1.501   0.009   1.00 13.49 ? 9   LEU A CD2  1 
ATOM   58   N  N    . VAL A 1 13  ? -2.370  -2.662  1.835   1.00 10.14 ? 10  VAL A N    1 
ATOM   59   C  CA   . VAL A 1 13  ? -1.971  -3.602  2.913   1.00 10.15 ? 10  VAL A CA   1 
ATOM   60   C  C    . VAL A 1 13  ? -0.509  -3.981  2.724   1.00 10.57 ? 10  VAL A C    1 
ATOM   61   O  O    . VAL A 1 13  ? -0.109  -4.453  1.631   1.00 10.92 ? 10  VAL A O    1 
ATOM   62   C  CB   . VAL A 1 13  ? -2.848  -4.864  2.934   1.00 10.95 ? 10  VAL A CB   1 
ATOM   63   C  CG1  . VAL A 1 13  ? -2.398  -5.816  4.038   1.00 11.00 ? 10  VAL A CG1  1 
ATOM   64   C  CG2  . VAL A 1 13  ? -4.326  -4.461  3.116   1.00 11.96 ? 10  VAL A CG2  1 
ATOM   65   N  N    . LEU A 1 14  ? 0.255   -3.805  3.789   1.00 11.03 ? 11  LEU A N    1 
ATOM   66   C  CA   . LEU A 1 14  ? 1.647   -4.296  3.857   1.00 11.44 ? 11  LEU A CA   1 
ATOM   67   C  C    . LEU A 1 14  ? 1.715   -5.459  4.830   1.00 11.76 ? 11  LEU A C    1 
ATOM   68   O  O    . LEU A 1 14  ? 1.435   -5.294  6.030   1.00 12.28 ? 11  LEU A O    1 
ATOM   69   C  CB   . LEU A 1 14  ? 2.561   -3.160  4.313   1.00 13.48 ? 11  LEU A CB   1 
ATOM   70   C  CG   . LEU A 1 14  ? 2.863   -2.111  3.252   1.00 15.95 ? 11  LEU A CG   1 
ATOM   71   C  CD1  . LEU A 1 14  ? 3.535   -2.757  2.048   1.00 16.80 ? 11  LEU A CD1  1 
ATOM   72   C  CD2  . LEU A 1 14  ? 1.635   -1.318  2.848   1.00 18.98 ? 11  LEU A CD2  1 
ATOM   73   N  N    . VAL A 1 15  ? 2.231   -6.571  4.326   1.00 11.64 ? 12  VAL A N    1 
ATOM   74   C  CA   . VAL A 1 15  ? 2.552   -7.761  5.139   1.00 11.82 ? 12  VAL A CA   1 
ATOM   75   C  C    . VAL A 1 15  ? 3.989   -7.561  5.592   1.00 12.12 ? 12  VAL A C    1 
ATOM   76   O  O    . VAL A 1 15  ? 4.938   -7.732  4.780   1.00 12.03 ? 12  VAL A O    1 
ATOM   77   C  CB   . VAL A 1 15  ? 2.357   -9.100  4.399   1.00 12.94 ? 12  VAL A CB   1 
ATOM   78   C  CG1  . VAL A 1 15  ? 2.718   -10.235 5.320   1.00 15.11 ? 12  VAL A CG1  1 
ATOM   79   C  CG2  . VAL A 1 15  ? 0.932   -9.255  3.873   1.00 13.90 ? 12  VAL A CG2  1 
ATOM   80   N  N    . LEU A 1 16  ? 4.132   -7.122  6.834   1.00 13.11 ? 13  LEU A N    1 
ATOM   81   C  CA   . LEU A 1 16  ? 5.446   -6.697  7.370   1.00 13.23 ? 13  LEU A CA   1 
ATOM   82   C  C    . LEU A 1 16  ? 5.827   -7.580  8.551   1.00 13.90 ? 13  LEU A C    1 
ATOM   83   O  O    . LEU A 1 16  ? 5.132   -7.539  9.566   1.00 15.54 ? 13  LEU A O    1 
ATOM   84   C  CB   . LEU A 1 16  ? 5.392   -5.221  7.755   1.00 15.66 ? 13  LEU A CB   1 
ATOM   85   C  CG   . LEU A 1 16  ? 6.612   -4.701  8.512   1.00 17.21 ? 13  LEU A CG   1 
ATOM   86   C  CD1  . LEU A 1 16  ? 7.881   -4.800  7.678   1.00 17.26 ? 13  LEU A CD1  1 
ATOM   87   C  CD2  . LEU A 1 16  ? 6.351   -3.249  8.899   1.00 20.10 ? 13  LEU A CD2  1 
ATOM   88   N  N    . GLN A 1 17  ? 6.884   -8.382  8.380   1.00 14.79 ? 14  GLN A N    1 
ATOM   89   C  CA   . GLN A 1 17  ? 7.373   -9.345  9.392   1.00 18.13 ? 14  GLN A CA   1 
ATOM   90   C  C    . GLN A 1 17  ? 8.677   -8.791  9.942   1.00 17.11 ? 14  GLN A C    1 
ATOM   91   O  O    . GLN A 1 17  ? 9.204   -7.808  9.441   1.00 18.86 ? 14  GLN A O    1 
ATOM   92   C  CB   . GLN A 1 17  ? 7.483   -10.728 8.759   1.00 18.15 ? 14  GLN A CB   1 
ATOM   93   C  CG   . GLN A 1 17  ? 6.137   -11.207 8.259   1.00 19.81 ? 14  GLN A CG   1 
ATOM   94   C  CD   . GLN A 1 17  ? 6.133   -12.629 7.755   1.00 21.38 ? 14  GLN A CD   1 
ATOM   95   O  OE1  . GLN A 1 17  ? 7.112   -13.114 7.214   1.00 22.14 ? 14  GLN A OE1  1 
ATOM   96   N  NE2  . GLN A 1 17  ? 4.995   -13.285 7.917   1.00 24.32 ? 14  GLN A NE2  1 
ATOM   97   N  N    . PRO A 1 18  ? 9.223   -9.372  11.034  1.00 21.56 ? 15  PRO A N    1 
ATOM   98   C  CA   . PRO A 1 18  ? 10.397  -8.785  11.673  1.00 24.31 ? 15  PRO A CA   1 
ATOM   99   C  C    . PRO A 1 18  ? 11.578  -8.482  10.735  1.00 23.61 ? 15  PRO A C    1 
ATOM   100  O  O    . PRO A 1 18  ? 12.217  -7.443  10.920  1.00 27.08 ? 15  PRO A O    1 
ATOM   101  C  CB   . PRO A 1 18  ? 10.744  -9.857  12.713  1.00 25.09 ? 15  PRO A CB   1 
ATOM   102  C  CG   . PRO A 1 18  ? 9.391   -10.389 13.128  1.00 24.49 ? 15  PRO A CG   1 
ATOM   103  C  CD   . PRO A 1 18  ? 8.626   -10.470 11.818  1.00 23.25 ? 15  PRO A CD   1 
ATOM   104  N  N    . GLN A 1 19  ? 11.815  -9.327  9.723   1.00 24.92 ? 16  GLN A N    1 
ATOM   105  C  CA   . GLN A 1 19  ? 13.029  -9.227  8.869   1.00 27.75 ? 16  GLN A CA   1 
ATOM   106  C  C    . GLN A 1 19  ? 12.676  -9.029  7.381   1.00 25.55 ? 16  GLN A C    1 
ATOM   107  O  O    . GLN A 1 19  ? 13.598  -8.849  6.572   1.00 24.03 ? 16  GLN A O    1 
ATOM   108  C  CB   . GLN A 1 19  ? 13.891  -10.485 9.054   1.00 31.80 ? 16  GLN A CB   1 
ATOM   109  C  CG   . GLN A 1 19  ? 13.795  -11.160 10.430  1.00 40.08 ? 16  GLN A CG   1 
ATOM   110  C  CD   . GLN A 1 19  ? 14.626  -12.419 10.573  1.00 44.98 ? 16  GLN A CD   1 
ATOM   111  O  OE1  . GLN A 1 19  ? 14.322  -13.486 10.024  1.00 46.34 ? 16  GLN A OE1  1 
ATOM   112  N  NE2  . GLN A 1 19  ? 15.688  -12.320 11.361  1.00 51.20 ? 16  GLN A NE2  1 
ATOM   113  N  N    . ARG A 1 20  ? 11.390  -8.979  7.000   1.00 19.54 ? 17  ARG A N    1 
ATOM   114  C  CA   . ARG A 1 20  ? 11.023  -8.941  5.563   1.00 15.76 ? 17  ARG A CA   1 
ATOM   115  C  C    . ARG A 1 20  ? 9.620   -8.356  5.389   1.00 14.28 ? 17  ARG A C    1 
ATOM   116  O  O    . ARG A 1 20  ? 8.833   -8.393  6.320   1.00 14.14 ? 17  ARG A O    1 
ATOM   117  C  CB   . ARG A 1 20  ? 11.127  -10.331 4.948   1.00 17.07 ? 17  ARG A CB   1 
ATOM   118  C  CG   . ARG A 1 20  ? 10.150  -11.330 5.513   1.00 16.57 ? 17  ARG A CG   1 
ATOM   119  C  CD   . ARG A 1 20  ? 10.255  -12.684 4.885   1.00 19.15 ? 17  ARG A CD   1 
ATOM   120  N  NE   . ARG A 1 20  ? 9.155   -13.498 5.269   1.00 18.22 ? 17  ARG A NE   1 
ATOM   121  C  CZ   . ARG A 1 20  ? 8.873   -14.687 4.782   1.00 22.32 ? 17  ARG A CZ   1 
ATOM   122  N  NH1  . ARG A 1 20  ? 9.654   -15.207 3.864   1.00 21.02 ? 17  ARG A NH1  1 
ATOM   123  N  NH2  . ARG A 1 20  ? 7.824   -15.330 5.217   1.00 23.38 ? 17  ARG A NH2  1 
ATOM   124  N  N    . VAL A 1 21  ? 9.391   -7.854  4.180   1.00 12.91 ? 18  VAL A N    1 
ATOM   125  C  CA   . VAL A 1 21  ? 8.076   -7.297  3.772   1.00 12.52 ? 18  VAL A CA   1 
ATOM   126  C  C    . VAL A 1 21  ? 7.682   -7.900  2.427   1.00 12.09 ? 18  VAL A C    1 
ATOM   127  O  O    . VAL A 1 21  ? 8.566   -8.122  1.582   1.00 11.90 ? 18  VAL A O    1 
ATOM   128  C  CB   . VAL A 1 21  ? 8.160   -5.756  3.721   1.00 13.00 ? 18  VAL A CB   1 
ATOM   129  C  CG1  . VAL A 1 21  ? 9.115   -5.236  2.675   1.00 13.61 ? 18  VAL A CG1  1 
ATOM   130  C  CG2  . VAL A 1 21  ? 6.787   -5.124  3.522   1.00 13.34 ? 18  VAL A CG2  1 
ATOM   131  N  N    . LEU A 1 22  ? 6.400   -8.177  2.260   1.00 11.07 ? 19  LEU A N    1 
ATOM   132  C  CA   . LEU A 1 22  ? 5.897   -8.688  0.994   1.00 11.02 ? 19  LEU A CA   1 
ATOM   133  C  C    . LEU A 1 22  ? 5.455   -7.524  0.119   1.00 10.40 ? 19  LEU A C    1 
ATOM   134  O  O    . LEU A 1 22  ? 4.662   -6.698  0.594   1.00 10.88 ? 19  LEU A O    1 
ATOM   135  C  CB   . LEU A 1 22  ? 4.753   -9.652  1.229   1.00 11.07 ? 19  LEU A CB   1 
ATOM   136  C  CG   . LEU A 1 22  ? 4.232   -10.385 0.008   1.00 11.23 ? 19  LEU A CG   1 
ATOM   137  C  CD1  . LEU A 1 22  ? 5.218   -11.400 -0.474  1.00 10.91 ? 19  LEU A CD1  1 
ATOM   138  C  CD2  . LEU A 1 22  ? 2.929   -11.084 0.349   1.00 12.29 ? 19  LEU A CD2  1 
ATOM   139  N  N    . LEU A 1 23  ? 5.919   -7.434  -1.110  1.00 10.35 ? 20  LEU A N    1 
ATOM   140  C  CA   . LEU A 1 23  ? 5.441   -6.441  -2.069  1.00 10.58 ? 20  LEU A CA   1 
ATOM   141  C  C    . LEU A 1 23  ? 4.933   -7.187  -3.286  1.00 10.90 ? 20  LEU A C    1 
ATOM   142  O  O    . LEU A 1 23  ? 5.305   -8.342  -3.491  1.00 11.69 ? 20  LEU A O    1 
ATOM   143  C  CB   . LEU A 1 23  ? 6.533   -5.421  -2.404  1.00 10.55 ? 20  LEU A CB   1 
ATOM   144  C  CG   . LEU A 1 23  ? 7.054   -4.610  -1.225  1.00 11.35 ? 20  LEU A CG   1 
ATOM   145  C  CD1  . LEU A 1 23  ? 8.303   -3.843  -1.637  1.00 12.29 ? 20  LEU A CD1  1 
ATOM   146  C  CD2  . LEU A 1 23  ? 6.005   -3.672  -0.656  1.00 12.17 ? 20  LEU A CD2  1 
ATOM   147  N  N    . GLY A 1 24  ? 4.139   -6.514  -4.093  1.00 9.99  ? 21  GLY A N    1 
ATOM   148  C  CA   . GLY A 1 24  ? 3.622   -7.079  -5.333  1.00 10.69 ? 21  GLY A CA   1 
ATOM   149  C  C    . GLY A 1 24  ? 3.985   -6.195  -6.482  1.00 10.86 ? 21  GLY A C    1 
ATOM   150  O  O    . GLY A 1 24  ? 3.806   -4.954  -6.430  1.00 10.45 ? 21  GLY A O    1 
ATOM   151  N  N    A MET A 1 25  ? 4.546   -6.787  -7.522  0.50 10.90 ? 22  MET A N    1 
ATOM   152  N  N    B MET A 1 25  ? 4.506   -6.809  -7.522  0.50 10.65 ? 22  MET A N    1 
ATOM   153  C  CA   A MET A 1 25  ? 4.860   -6.073  -8.775  0.50 11.87 ? 22  MET A CA   1 
ATOM   154  C  CA   B MET A 1 25  ? 4.836   -6.142  -8.788  0.50 11.45 ? 22  MET A CA   1 
ATOM   155  C  C    A MET A 1 25  ? 3.587   -6.089  -9.608  0.50 11.58 ? 22  MET A C    1 
ATOM   156  C  C    B MET A 1 25  ? 3.560   -6.105  -9.611  0.50 11.39 ? 22  MET A C    1 
ATOM   157  O  O    A MET A 1 25  ? 3.159   -7.171  -10.033 0.50 11.16 ? 22  MET A O    1 
ATOM   158  O  O    B MET A 1 25  ? 3.105   -7.169  -10.046 0.50 11.07 ? 22  MET A O    1 
ATOM   159  C  CB   A MET A 1 25  ? 6.021   -6.750  -9.513  0.50 13.30 ? 22  MET A CB   1 
ATOM   160  C  CB   B MET A 1 25  ? 5.924   -6.948  -9.503  0.50 12.41 ? 22  MET A CB   1 
ATOM   161  C  CG   A MET A 1 25  ? 6.076   -6.423  -10.994 0.50 14.01 ? 22  MET A CG   1 
ATOM   162  C  CG   B MET A 1 25  ? 6.204   -6.481  -10.901 0.50 12.96 ? 22  MET A CG   1 
ATOM   163  S  SD   A MET A 1 25  ? 6.362   -4.685  -11.384 0.50 16.16 ? 22  MET A SD   1 
ATOM   164  S  SD   B MET A 1 25  ? 6.426   -4.708  -11.073 0.50 14.60 ? 22  MET A SD   1 
ATOM   165  C  CE   A MET A 1 25  ? 7.796   -4.346  -10.360 0.50 11.69 ? 22  MET A CE   1 
ATOM   166  C  CE   B MET A 1 25  ? 6.639   -4.639  -12.839 0.50 11.09 ? 22  MET A CE   1 
ATOM   167  N  N    . LYS A 1 26  ? 2.952   -4.938  -9.779  1.00 12.55 ? 23  LYS A N    1 
ATOM   168  C  CA   . LYS A 1 26  ? 1.713   -4.851  -10.530 1.00 13.41 ? 23  LYS A CA   1 
ATOM   169  C  C    . LYS A 1 26  ? 1.991   -4.975  -12.022 1.00 13.17 ? 23  LYS A C    1 
ATOM   170  O  O    . LYS A 1 26  ? 2.865   -4.276  -12.563 1.00 14.05 ? 23  LYS A O    1 
ATOM   171  C  CB   . LYS A 1 26  ? 1.049   -3.524  -10.181 1.00 15.69 ? 23  LYS A CB   1 
ATOM   172  C  CG   . LYS A 1 26  ? -0.331  -3.375  -10.808 1.00 19.96 ? 23  LYS A CG   1 
ATOM   173  C  CD   . LYS A 1 26  ? -1.399  -4.253  -10.223 1.00 25.42 ? 23  LYS A CD   1 
ATOM   174  C  CE   . LYS A 1 26  ? -2.792  -3.659  -10.335 1.00 29.04 ? 23  LYS A CE   1 
ATOM   175  N  NZ   . LYS A 1 26  ? -2.753  -2.185  -10.406 1.00 30.67 ? 23  LYS A NZ   1 
ATOM   176  N  N    . LYS A 1 27  ? 1.240   -5.828  -12.699 1.00 14.85 ? 24  LYS A N    1 
ATOM   177  C  CA   . LYS A 1 27  ? 1.522   -6.126  -14.118 1.00 17.28 ? 24  LYS A CA   1 
ATOM   178  C  C    . LYS A 1 27  ? 0.646   -5.293  -15.058 1.00 20.11 ? 24  LYS A C    1 
ATOM   179  O  O    . LYS A 1 27  ? 1.077   -5.145  -16.205 1.00 24.98 ? 24  LYS A O    1 
ATOM   180  C  CB   . LYS A 1 27  ? 1.300   -7.612  -14.364 1.00 17.58 ? 24  LYS A CB   1 
ATOM   181  C  CG   . LYS A 1 27  ? 2.206   -8.505  -13.555 1.00 18.64 ? 24  LYS A CG   1 
ATOM   182  C  CD   . LYS A 1 27  ? 1.969   -9.931  -14.005 1.00 19.72 ? 24  LYS A CD   1 
ATOM   183  C  CE   . LYS A 1 27  ? 2.677   -10.925 -13.169 1.00 18.83 ? 24  LYS A CE   1 
ATOM   184  N  NZ   . LYS A 1 27  ? 2.485   -12.281 -13.747 1.00 18.94 ? 24  LYS A NZ   1 
ATOM   185  N  N    . ARG A 1 28  ? -0.503  -4.792  -14.623 1.00 22.31 ? 25  ARG A N    1 
ATOM   186  C  CA   . ARG A 1 28  ? -1.489  -4.106  -15.505 1.00 26.30 ? 25  ARG A CA   1 
ATOM   187  C  C    . ARG A 1 28  ? -2.153  -2.947  -14.766 1.00 28.45 ? 25  ARG A C    1 
ATOM   188  O  O    . ARG A 1 28  ? -2.225  -3.027  -13.555 1.00 25.52 ? 25  ARG A O    1 
ATOM   189  C  CB   . ARG A 1 28  ? -2.621  -5.062  -15.897 1.00 30.59 ? 25  ARG A CB   1 
ATOM   190  C  CG   . ARG A 1 28  ? -2.154  -6.396  -16.451 1.00 33.62 ? 25  ARG A CG   1 
ATOM   191  C  CD   . ARG A 1 28  ? -3.316  -7.176  -17.052 1.00 42.49 ? 25  ARG A CD   1 
ATOM   192  N  NE   . ARG A 1 28  ? -2.883  -7.954  -18.204 1.00 50.64 ? 25  ARG A NE   1 
ATOM   193  C  CZ   . ARG A 1 28  ? -2.741  -7.476  -19.445 1.00 56.07 ? 25  ARG A CZ   1 
ATOM   194  N  NH1  . ARG A 1 28  ? -2.994  -6.206  -19.721 1.00 58.69 ? 25  ARG A NH1  1 
ATOM   195  N  NH2  . ARG A 1 28  ? -2.329  -8.280  -20.409 1.00 61.45 ? 25  ARG A NH2  1 
ATOM   196  N  N    . GLY A 1 29  ? -2.703  -1.964  -15.487 1.00 28.11 ? 26  GLY A N    1 
ATOM   197  C  CA   . GLY A 1 29  ? -3.502  -0.880  -14.886 1.00 27.61 ? 26  GLY A CA   1 
ATOM   198  C  C    . GLY A 1 29  ? -2.640  0.122   -14.129 1.00 24.00 ? 26  GLY A C    1 
ATOM   199  O  O    . GLY A 1 29  ? -1.434  0.250   -14.453 1.00 24.43 ? 26  GLY A O    1 
ATOM   200  N  N    . PHE A 1 30  ? -3.216  0.803   -13.141 1.00 24.30 ? 27  PHE A N    1 
ATOM   201  C  CA   . PHE A 1 30  ? -2.622  2.030   -12.541 1.00 25.78 ? 27  PHE A CA   1 
ATOM   202  C  C    . PHE A 1 30  ? -1.487  1.603   -11.601 1.00 26.36 ? 27  PHE A C    1 
ATOM   203  O  O    . PHE A 1 30  ? -1.737  0.905   -10.635 1.00 31.83 ? 27  PHE A O    1 
ATOM   204  C  CB   . PHE A 1 30  ? -3.682  2.863   -11.808 1.00 26.70 ? 27  PHE A CB   1 
ATOM   205  C  CG   . PHE A 1 30  ? -3.293  4.280   -11.471 1.00 27.51 ? 27  PHE A CG   1 
ATOM   206  C  CD1  . PHE A 1 30  ? -3.121  5.221   -12.474 1.00 29.37 ? 27  PHE A CD1  1 
ATOM   207  C  CD2  . PHE A 1 30  ? -3.068  4.672   -10.160 1.00 25.42 ? 27  PHE A CD2  1 
ATOM   208  C  CE1  . PHE A 1 30  ? -2.783  6.531   -12.169 1.00 32.33 ? 27  PHE A CE1  1 
ATOM   209  C  CE2  . PHE A 1 30  ? -2.713  5.973   -9.859  1.00 27.86 ? 27  PHE A CE2  1 
ATOM   210  C  CZ   . PHE A 1 30  ? -2.545  6.897   -10.863 1.00 31.60 ? 27  PHE A CZ   1 
ATOM   211  N  N    . GLY A 1 31  ? -0.271  2.039   -11.891 1.00 25.12 ? 28  GLY A N    1 
ATOM   212  C  CA   . GLY A 1 31  ? 0.929   1.673   -11.108 1.00 21.60 ? 28  GLY A CA   1 
ATOM   213  C  C    . GLY A 1 31  ? 1.621   0.454   -11.680 1.00 20.87 ? 28  GLY A C    1 
ATOM   214  O  O    . GLY A 1 31  ? 2.539   -0.025  -11.058 1.00 19.59 ? 28  GLY A O    1 
ATOM   215  N  N    . ALA A 1 32  ? 1.220   -0.026  -12.856 1.00 17.96 ? 29  ALA A N    1 
ATOM   216  C  CA   . ALA A 1 32  ? 1.880   -1.190  -13.496 1.00 17.79 ? 29  ALA A CA   1 
ATOM   217  C  C    . ALA A 1 32  ? 3.367   -0.882  -13.594 1.00 17.72 ? 29  ALA A C    1 
ATOM   218  O  O    . ALA A 1 32  ? 3.710   0.268   -13.936 1.00 19.74 ? 29  ALA A O    1 
ATOM   219  C  CB   . ALA A 1 32  ? 1.321   -1.431  -14.853 1.00 19.67 ? 29  ALA A CB   1 
ATOM   220  N  N    . GLY A 1 33  ? 4.233   -1.848  -13.318 1.00 15.68 ? 30  GLY A N    1 
ATOM   221  C  CA   . GLY A 1 33  ? 5.690   -1.679  -13.401 1.00 16.57 ? 30  GLY A CA   1 
ATOM   222  C  C    . GLY A 1 33  ? 6.353   -1.347  -12.072 1.00 15.41 ? 30  GLY A C    1 
ATOM   223  O  O    . GLY A 1 33  ? 7.600   -1.260  -12.030 1.00 17.86 ? 30  GLY A O    1 
ATOM   224  N  N    . ARG A 1 34  ? 5.568   -1.149  -11.027 1.00 14.25 ? 31  ARG A N    1 
ATOM   225  C  CA   . ARG A 1 34  ? 6.086   -0.769  -9.698  1.00 12.55 ? 31  ARG A CA   1 
ATOM   226  C  C    . ARG A 1 34  ? 5.741   -1.849  -8.687  1.00 11.88 ? 31  ARG A C    1 
ATOM   227  O  O    . ARG A 1 34  ? 4.684   -2.523  -8.818  1.00 13.93 ? 31  ARG A O    1 
ATOM   228  C  CB   . ARG A 1 34  ? 5.526   0.570   -9.243  1.00 12.12 ? 31  ARG A CB   1 
ATOM   229  C  CG   . ARG A 1 34  ? 6.230   1.703   -9.995  1.00 13.70 ? 31  ARG A CG   1 
ATOM   230  C  CD   . ARG A 1 34  ? 5.626   3.054   -9.732  1.00 14.57 ? 31  ARG A CD   1 
ATOM   231  N  NE   . ARG A 1 34  ? 6.541   4.105   -10.120 1.00 16.25 ? 31  ARG A NE   1 
ATOM   232  C  CZ   . ARG A 1 34  ? 6.212   5.362   -10.314 1.00 17.20 ? 31  ARG A CZ   1 
ATOM   233  N  NH1  . ARG A 1 34  ? 4.994   5.794   -10.102 1.00 17.22 ? 31  ARG A NH1  1 
ATOM   234  N  NH2  . ARG A 1 34  ? 7.170   6.217   -10.601 1.00 20.03 ? 31  ARG A NH2  1 
ATOM   235  N  N    . TRP A 1 35  ? 6.556   -1.941  -7.665  1.00 11.68 ? 32  TRP A N    1 
ATOM   236  C  CA   . TRP A 1 35  ? 6.285   -2.722  -6.461  1.00 10.52 ? 32  TRP A CA   1 
ATOM   237  C  C    . TRP A 1 35  ? 5.434   -1.886  -5.533  1.00 11.19 ? 32  TRP A C    1 
ATOM   238  O  O    . TRP A 1 35  ? 5.704   -0.685  -5.397  1.00 12.60 ? 32  TRP A O    1 
ATOM   239  C  CB   . TRP A 1 35  ? 7.597   -3.103  -5.769  1.00 10.77 ? 32  TRP A CB   1 
ATOM   240  C  CG   . TRP A 1 35  ? 8.510   -3.973  -6.567  1.00 11.34 ? 32  TRP A CG   1 
ATOM   241  C  CD1  . TRP A 1 35  ? 9.566   -3.562  -7.346  1.00 12.55 ? 32  TRP A CD1  1 
ATOM   242  C  CD2  . TRP A 1 35  ? 8.402   -5.398  -6.726  1.00 10.34 ? 32  TRP A CD2  1 
ATOM   243  N  NE1  . TRP A 1 35  ? 10.173  -4.667  -7.891  1.00 13.17 ? 32  TRP A NE1  1 
ATOM   244  C  CE2  . TRP A 1 35  ? 9.502   -5.798  -7.503  1.00 11.52 ? 32  TRP A CE2  1 
ATOM   245  C  CE3  . TRP A 1 35  ? 7.579   -6.387  -6.190  1.00 10.54 ? 32  TRP A CE3  1 
ATOM   246  C  CZ2  . TRP A 1 35  ? 9.669   -7.141  -7.874  1.00 11.68 ? 32  TRP A CZ2  1 
ATOM   247  C  CZ3  . TRP A 1 35  ? 7.761   -7.710  -6.549  1.00 11.86 ? 32  TRP A CZ3  1 
ATOM   248  C  CH2  . TRP A 1 35  ? 8.818   -8.068  -7.373  1.00 11.87 ? 32  TRP A CH2  1 
ATOM   249  N  N    . ASN A 1 36  ? 4.519   -2.519  -4.826  1.00 10.33 ? 33  ASN A N    1 
ATOM   250  C  CA   . ASN A 1 36  ? 3.691   -1.841  -3.808  1.00 11.37 ? 33  ASN A CA   1 
ATOM   251  C  C    . ASN A 1 36  ? 3.063   -2.871  -2.887  1.00 11.10 ? 33  ASN A C    1 
ATOM   252  O  O    . ASN A 1 36  ? 3.191   -4.082  -3.120  1.00 11.08 ? 33  ASN A O    1 
ATOM   253  C  CB   . ASN A 1 36  ? 2.655   -0.881  -4.405  1.00 12.21 ? 33  ASN A CB   1 
ATOM   254  C  CG   . ASN A 1 36  ? 2.257   0.275   -3.501  1.00 13.84 ? 33  ASN A CG   1 
ATOM   255  O  OD1  . ASN A 1 36  ? 2.513   0.310   -2.294  1.00 14.54 ? 33  ASN A OD1  1 
ATOM   256  N  ND2  . ASN A 1 36  ? 1.690   1.278   -4.137  1.00 16.25 ? 33  ASN A ND2  1 
ATOM   257  N  N    . GLY A 1 37  ? 2.374   -2.394  -1.846  1.00 11.43 ? 34  GLY A N    1 
ATOM   258  C  CA   . GLY A 1 37  ? 1.482   -3.283  -1.122  1.00 11.47 ? 34  GLY A CA   1 
ATOM   259  C  C    . GLY A 1 37  ? 0.271   -3.658  -1.964  1.00 10.44 ? 34  GLY A C    1 
ATOM   260  O  O    . GLY A 1 37  ? 0.199   -3.345  -3.173  1.00 11.75 ? 34  GLY A O    1 
ATOM   261  N  N    . PHE A 1 38  ? -0.677  -4.314  -1.353  1.00 10.91 ? 35  PHE A N    1 
ATOM   262  C  CA   . PHE A 1 38  ? -1.861  -4.893  -2.010  1.00 10.34 ? 35  PHE A CA   1 
ATOM   263  C  C    . PHE A 1 38  ? -3.082  -4.082  -1.639  1.00 12.67 ? 35  PHE A C    1 
ATOM   264  O  O    . PHE A 1 38  ? -3.334  -3.844  -0.476  1.00 14.09 ? 35  PHE A O    1 
ATOM   265  C  CB   . PHE A 1 38  ? -2.017  -6.347  -1.586  1.00 10.74 ? 35  PHE A CB   1 
ATOM   266  C  CG   . PHE A 1 38  ? -0.786  -7.157  -1.925  1.00 10.87 ? 35  PHE A CG   1 
ATOM   267  C  CD1  . PHE A 1 38  ? -0.534  -7.582  -3.220  1.00 11.60 ? 35  PHE A CD1  1 
ATOM   268  C  CD2  . PHE A 1 38  ? 0.152   -7.423  -0.949  1.00 11.52 ? 35  PHE A CD2  1 
ATOM   269  C  CE1  . PHE A 1 38  ? 0.614   -8.311  -3.504  1.00 12.01 ? 35  PHE A CE1  1 
ATOM   270  C  CE2  . PHE A 1 38  ? 1.317   -8.130  -1.257  1.00 12.70 ? 35  PHE A CE2  1 
ATOM   271  C  CZ   . PHE A 1 38  ? 1.514   -8.594  -2.528  1.00 12.12 ? 35  PHE A CZ   1 
ATOM   272  N  N    . GLY A 1 39  ? -3.875  -3.722  -2.611  1.00 13.67 ? 36  GLY A N    1 
ATOM   273  C  CA   . GLY A 1 39  ? -5.011  -2.871  -2.277  1.00 13.91 ? 36  GLY A CA   1 
ATOM   274  C  C    . GLY A 1 39  ? -5.831  -2.558  -3.488  1.00 13.84 ? 36  GLY A C    1 
ATOM   275  O  O    . GLY A 1 39  ? -5.602  -3.052  -4.615  1.00 14.76 ? 36  GLY A O    1 
ATOM   276  N  N    . GLY A 1 40  ? -6.834  -1.768  -3.217  1.00 13.11 ? 37  GLY A N    1 
ATOM   277  C  CA   . GLY A 1 40  ? -7.794  -1.426  -4.268  1.00 14.23 ? 37  GLY A CA   1 
ATOM   278  C  C    . GLY A 1 40  ? -8.972  -0.691  -3.703  1.00 12.66 ? 37  GLY A C    1 
ATOM   279  O  O    . GLY A 1 40  ? -8.924  -0.131  -2.613  1.00 12.64 ? 37  GLY A O    1 
ATOM   280  N  N    . LYS A 1 41  ? -10.012 -0.587  -4.512  1.00 13.45 ? 38  LYS A N    1 
ATOM   281  C  CA   . LYS A 1 41  ? -11.181 0.228   -4.218  1.00 12.62 ? 38  LYS A CA   1 
ATOM   282  C  C    . LYS A 1 41  ? -12.078 -0.461  -3.196  1.00 12.70 ? 38  LYS A C    1 
ATOM   283  O  O    . LYS A 1 41  ? -12.282 -1.649  -3.260  1.00 14.50 ? 38  LYS A O    1 
ATOM   284  C  CB   . LYS A 1 41  ? -11.969 0.436   -5.509  1.00 14.13 ? 38  LYS A CB   1 
ATOM   285  C  CG   . LYS A 1 41  ? -11.310 1.436   -6.459  1.00 18.70 ? 38  LYS A CG   1 
ATOM   286  C  CD   . LYS A 1 41  ? -11.918 1.446   -7.869  1.00 23.73 ? 38  LYS A CD   1 
ATOM   287  C  CE   . LYS A 1 41  ? -11.228 2.476   -8.745  1.00 25.26 ? 38  LYS A CE   1 
ATOM   288  N  NZ   . LYS A 1 41  ? -11.496 2.189   -10.171 1.00 30.50 ? 38  LYS A NZ   1 
ATOM   289  N  N    . VAL A 1 42  ? -12.600 0.325   -2.258  1.00 13.95 ? 39  VAL A N    1 
ATOM   290  C  CA   . VAL A 1 42  ? -13.588 -0.200  -1.289  1.00 13.18 ? 39  VAL A CA   1 
ATOM   291  C  C    . VAL A 1 42  ? -14.963 -0.235  -1.967  1.00 13.56 ? 39  VAL A C    1 
ATOM   292  O  O    . VAL A 1 42  ? -15.295 0.726   -2.644  1.00 14.35 ? 39  VAL A O    1 
ATOM   293  C  CB   . VAL A 1 42  ? -13.607 0.662   -0.021  1.00 13.72 ? 39  VAL A CB   1 
ATOM   294  C  CG1  . VAL A 1 42  ? -14.634 0.139   0.964   1.00 14.14 ? 39  VAL A CG1  1 
ATOM   295  C  CG2  . VAL A 1 42  ? -12.226 0.762   0.627   1.00 13.34 ? 39  VAL A CG2  1 
ATOM   296  N  N    . GLN A 1 43  ? -15.716 -1.267  -1.710  1.00 12.91 ? 40  GLN A N    1 
ATOM   297  C  CA   . GLN A 1 43  ? -17.016 -1.524  -2.364  1.00 13.71 ? 40  GLN A CA   1 
ATOM   298  C  C    . GLN A 1 43  ? -18.180 -0.982  -1.545  1.00 11.60 ? 40  GLN A C    1 
ATOM   299  O  O    . GLN A 1 43  ? -18.063 -0.694  -0.361  1.00 12.61 ? 40  GLN A O    1 
ATOM   300  C  CB   . GLN A 1 43  ? -17.146 -2.986  -2.672  1.00 14.83 ? 40  GLN A CB   1 
ATOM   301  C  CG   . GLN A 1 43  ? -16.120 -3.371  -3.723  1.00 18.38 ? 40  GLN A CG   1 
ATOM   302  C  CD   . GLN A 1 43  ? -16.094 -4.836  -4.051  1.00 22.21 ? 40  GLN A CD   1 
ATOM   303  O  OE1  . GLN A 1 43  ? -16.866 -5.636  -3.526  1.00 24.60 ? 40  GLN A OE1  1 
ATOM   304  N  NE2  . GLN A 1 43  ? -15.126 -5.196  -4.891  1.00 22.41 ? 40  GLN A NE2  1 
ATOM   305  N  N    . GLU A 1 44  ? -19.316 -0.879  -2.231  1.00 13.26 ? 41  GLU A N    1 
ATOM   306  C  CA   . GLU A 1 44  ? -20.618 -0.518  -1.627  1.00 13.41 ? 41  GLU A CA   1 
ATOM   307  C  C    . GLU A 1 44  ? -20.958 -1.544  -0.545  1.00 13.21 ? 41  GLU A C    1 
ATOM   308  O  O    . GLU A 1 44  ? -20.861 -2.733  -0.811  1.00 14.54 ? 41  GLU A O    1 
ATOM   309  C  CB   . GLU A 1 44  ? -21.688 -0.489  -2.739  1.00 14.84 ? 41  GLU A CB   1 
ATOM   310  C  CG   . GLU A 1 44  ? -21.497 0.631   -3.745  1.00 16.29 ? 41  GLU A CG   1 
ATOM   311  C  CD   . GLU A 1 44  ? -22.118 0.363   -5.112  1.00 20.16 ? 41  GLU A CD   1 
ATOM   312  O  OE1  . GLU A 1 44  ? -22.609 -0.768  -5.378  1.00 22.42 ? 41  GLU A OE1  1 
ATOM   313  O  OE2  . GLU A 1 44  ? -22.089 1.294   -5.936  1.00 31.27 ? 41  GLU A OE2  1 
ATOM   314  N  N    . GLY A 1 45  ? -21.276 -1.077  0.659   1.00 13.70 ? 42  GLY A N    1 
ATOM   315  C  CA   . GLY A 1 45  ? -21.749 -1.943  1.740   1.00 13.91 ? 42  GLY A CA   1 
ATOM   316  C  C    . GLY A 1 45  ? -20.642 -2.692  2.461   1.00 15.21 ? 42  GLY A C    1 
ATOM   317  O  O    . GLY A 1 45  ? -20.927 -3.500  3.322   1.00 16.13 ? 42  GLY A O    1 
ATOM   318  N  N    . GLU A 1 46  ? -19.400 -2.371  2.163   1.00 15.59 ? 43  GLU A N    1 
ATOM   319  C  CA   . GLU A 1 46  ? -18.261 -3.046  2.760   1.00 17.15 ? 43  GLU A CA   1 
ATOM   320  C  C    . GLU A 1 46  ? -17.517 -2.011  3.608   1.00 14.40 ? 43  GLU A C    1 
ATOM   321  O  O    . GLU A 1 46  ? -17.314 -0.879  3.164   1.00 15.13 ? 43  GLU A O    1 
ATOM   322  C  CB   . GLU A 1 46  ? -17.486 -3.682  1.605   1.00 20.65 ? 43  GLU A CB   1 
ATOM   323  C  CG   . GLU A 1 46  ? -16.021 -3.765  1.778   1.00 20.65 ? 43  GLU A CG   1 
ATOM   324  C  CD   . GLU A 1 46  ? -15.256 -4.325  0.590   1.00 14.19 ? 43  GLU A CD   1 
ATOM   325  O  OE1  . GLU A 1 46  ? -15.098 -5.542  0.539   1.00 16.02 ? 43  GLU A OE1  1 
ATOM   326  O  OE2  . GLU A 1 46  ? -14.755 -3.500  -0.169  1.00 14.31 ? 43  GLU A OE2  1 
ATOM   327  N  N    . THR A 1 47  ? -17.060 -2.439  4.786   1.00 15.37 ? 44  THR A N    1 
ATOM   328  C  CA   . THR A 1 47  ? -16.177 -1.588  5.616   1.00 13.36 ? 44  THR A CA   1 
ATOM   329  C  C    . THR A 1 47  ? -14.796 -1.475  4.976   1.00 12.20 ? 44  THR A C    1 
ATOM   330  O  O    . THR A 1 47  ? -14.417 -2.334  4.181   1.00 12.64 ? 44  THR A O    1 
ATOM   331  C  CB   . THR A 1 47  ? -16.001 -2.053  7.065   1.00 14.50 ? 44  THR A CB   1 
ATOM   332  O  OG1  . THR A 1 47  ? -15.257 -3.259  7.013   1.00 15.84 ? 44  THR A OG1  1 
ATOM   333  C  CG2  . THR A 1 47  ? -17.323 -2.299  7.765   1.00 16.04 ? 44  THR A CG2  1 
ATOM   334  N  N    . ILE A 1 48  ? -14.084 -0.431  5.334   1.00 11.98 ? 45  ILE A N    1 
ATOM   335  C  CA   . ILE A 1 48  ? -12.724 -0.217  4.778   1.00 12.89 ? 45  ILE A CA   1 
ATOM   336  C  C    . ILE A 1 48  ? -11.857 -1.415  5.140   1.00 12.49 ? 45  ILE A C    1 
ATOM   337  O  O    . ILE A 1 48  ? -11.137 -1.954  4.275   1.00 11.86 ? 45  ILE A O    1 
ATOM   338  C  CB   . ILE A 1 48  ? -12.141 1.099   5.259   1.00 13.59 ? 45  ILE A CB   1 
ATOM   339  C  CG1  . ILE A 1 48  ? -12.953 2.278   4.704   1.00 14.95 ? 45  ILE A CG1  1 
ATOM   340  C  CG2  . ILE A 1 48  ? -10.666 1.196   4.878   1.00 14.35 ? 45  ILE A CG2  1 
ATOM   341  C  CD1  . ILE A 1 48  ? -12.622 3.612   5.313   1.00 16.06 ? 45  ILE A CD1  1 
ATOM   342  N  N    . GLU A 1 49  ? -11.915 -1.847  6.398   1.00 12.86 ? 46  GLU A N    1 
ATOM   343  C  CA   . GLU A 1 49  ? -11.092 -2.992  6.831   1.00 13.44 ? 46  GLU A CA   1 
ATOM   344  C  C    . GLU A 1 49  ? -11.491 -4.247  6.060   1.00 12.80 ? 46  GLU A C    1 
ATOM   345  O  O    . GLU A 1 49  ? -10.608 -5.038  5.671   1.00 13.05 ? 46  GLU A O    1 
ATOM   346  C  CB   . GLU A 1 49  ? -11.214 -3.254  8.326   1.00 15.91 ? 46  GLU A CB   1 
ATOM   347  C  CG   . GLU A 1 49  ? -10.235 -4.322  8.760   1.00 19.18 ? 46  GLU A CG   1 
ATOM   348  C  CD   . GLU A 1 49  ? -10.134 -4.537  10.255  1.00 23.41 ? 46  GLU A CD   1 
ATOM   349  O  OE1  . GLU A 1 49  ? -10.751 -3.753  11.009  1.00 26.41 ? 46  GLU A OE1  1 
ATOM   350  O  OE2  . GLU A 1 49  ? -9.452  -5.520  10.655  1.00 25.84 ? 46  GLU A OE2  1 
ATOM   351  N  N    . ASP A 1 50  ? -12.798 -4.516  5.867   1.00 12.10 ? 47  ASP A N    1 
ATOM   352  C  CA   . ASP A 1 50  ? -13.196 -5.710  5.087   1.00 13.60 ? 47  ASP A CA   1 
ATOM   353  C  C    . ASP A 1 50  ? -12.684 -5.601  3.647   1.00 12.45 ? 47  ASP A C    1 
ATOM   354  O  O    . ASP A 1 50  ? -12.261 -6.599  3.060   1.00 13.24 ? 47  ASP A O    1 
ATOM   355  C  CB   . ASP A 1 50  ? -14.712 -5.954  5.160   1.00 15.75 ? 47  ASP A CB   1 
ATOM   356  C  CG   . ASP A 1 50  ? -15.197 -6.427  6.531   1.00 18.67 ? 47  ASP A CG   1 
ATOM   357  O  OD1  . ASP A 1 50  ? -14.396 -6.830  7.380   1.00 23.14 ? 47  ASP A OD1  1 
ATOM   358  O  OD2  . ASP A 1 50  ? -16.407 -6.469  6.706   1.00 25.00 ? 47  ASP A OD2  1 
ATOM   359  N  N    . GLY A 1 51  ? -12.712 -4.401  3.062   1.00 11.83 ? 48  GLY A N    1 
ATOM   360  C  CA   . GLY A 1 51  ? -12.152 -4.189  1.712   1.00 11.40 ? 48  GLY A CA   1 
ATOM   361  C  C    . GLY A 1 51  ? -10.653 -4.479  1.691   1.00 11.02 ? 48  GLY A C    1 
ATOM   362  O  O    . GLY A 1 51  ? -10.169 -5.067  0.711   1.00 11.81 ? 48  GLY A O    1 
ATOM   363  N  N    . ALA A 1 52  ? -9.933  -4.074  2.735   1.00 10.42 ? 49  ALA A N    1 
ATOM   364  C  CA   . ALA A 1 52  ? -8.473  -4.315  2.782   1.00 11.38 ? 49  ALA A CA   1 
ATOM   365  C  C    . ALA A 1 52  ? -8.211  -5.815  2.828   1.00 11.25 ? 49  ALA A C    1 
ATOM   366  O  O    . ALA A 1 52  ? -7.327  -6.306  2.097   1.00 10.66 ? 49  ALA A O    1 
ATOM   367  C  CB   . ALA A 1 52  ? -7.910  -3.602  3.982   1.00 11.87 ? 49  ALA A CB   1 
ATOM   368  N  N    . ARG A 1 53  ? -8.988  -6.561  3.621   1.00 11.33 ? 50  ARG A N    1 
ATOM   369  C  CA   . ARG A 1 53  ? -8.826  -8.032  3.733   1.00 11.59 ? 50  ARG A CA   1 
ATOM   370  C  C    . ARG A 1 53  ? -9.118  -8.703  2.385   1.00 11.04 ? 50  ARG A C    1 
ATOM   371  O  O    . ARG A 1 53  ? -8.355  -9.585  1.932   1.00 11.40 ? 50  ARG A O    1 
ATOM   372  C  CB   . ARG A 1 53  ? -9.748  -8.555  4.831   1.00 13.84 ? 50  ARG A CB   1 
ATOM   373  C  CG   . ARG A 1 53  ? -9.697  -10.057 5.046   1.00 15.27 ? 50  ARG A CG   1 
ATOM   374  C  CD   . ARG A 1 53  ? -10.466 -10.527 6.285   1.00 17.40 ? 50  ARG A CD   1 
ATOM   375  N  NE   . ARG A 1 53  ? -10.006 -9.831  7.471   1.00 19.37 ? 50  ARG A NE   1 
ATOM   376  C  CZ   . ARG A 1 53  ? -10.613 -8.811  8.055   1.00 20.82 ? 50  ARG A CZ   1 
ATOM   377  N  NH1  . ARG A 1 53  ? -11.752 -8.339  7.588   1.00 23.69 ? 50  ARG A NH1  1 
ATOM   378  N  NH2  . ARG A 1 53  ? -10.033 -8.201  9.058   1.00 22.85 ? 50  ARG A NH2  1 
ATOM   379  N  N    . ARG A 1 54  ? -10.213 -8.264  1.778   1.00 12.23 ? 51  ARG A N    1 
ATOM   380  C  CA   . ARG A 1 54  ? -10.611 -8.817  0.468   1.00 12.40 ? 51  ARG A CA   1 
ATOM   381  C  C    . ARG A 1 54  ? -9.542  -8.559  -0.592  1.00 13.52 ? 51  ARG A C    1 
ATOM   382  O  O    . ARG A 1 54  ? -9.157  -9.491  -1.336  1.00 13.31 ? 51  ARG A O    1 
ATOM   383  C  CB   . ARG A 1 54  ? -11.949 -8.200  0.071   1.00 13.80 ? 51  ARG A CB   1 
ATOM   384  C  CG   . ARG A 1 54  ? -12.352 -8.584  -1.341  1.00 13.66 ? 51  ARG A CG   1 
ATOM   385  C  CD   . ARG A 1 54  ? -13.665 -7.933  -1.786  1.00 14.49 ? 51  ARG A CD   1 
ATOM   386  N  NE   . ARG A 1 54  ? -13.601 -6.483  -1.638  1.00 14.00 ? 51  ARG A NE   1 
ATOM   387  C  CZ   . ARG A 1 54  ? -12.936 -5.654  -2.425  1.00 13.49 ? 51  ARG A CZ   1 
ATOM   388  N  NH1  . ARG A 1 54  ? -12.233 -6.100  -3.455  1.00 14.63 ? 51  ARG A NH1  1 
ATOM   389  N  NH2  . ARG A 1 54  ? -12.916 -4.370  -2.157  1.00 14.32 ? 51  ARG A NH2  1 
ATOM   390  N  N    . GLU A 1 55  ? -9.047  -7.330  -0.687  1.00 13.99 ? 52  GLU A N    1 
ATOM   391  C  CA   . GLU A 1 55  ? -8.051  -6.983  -1.718  1.00 15.10 ? 52  GLU A CA   1 
ATOM   392  C  C    . GLU A 1 55  ? -6.766  -7.770  -1.474  1.00 13.62 ? 52  GLU A C    1 
ATOM   393  O  O    . GLU A 1 55  ? -6.085  -8.173  -2.414  1.00 13.33 ? 52  GLU A O    1 
ATOM   394  C  CB   . GLU A 1 55  ? -7.788  -5.481  -1.721  1.00 17.02 ? 52  GLU A CB   1 
ATOM   395  C  CG   . GLU A 1 55  ? -8.963  -4.675  -2.244  1.00 20.92 ? 52  GLU A CG   1 
ATOM   396  C  CD   . GLU A 1 55  ? -9.131  -4.696  -3.746  1.00 23.22 ? 52  GLU A CD   1 
ATOM   397  O  OE1  . GLU A 1 55  ? -8.211  -5.148  -4.404  1.00 25.16 ? 52  GLU A OE1  1 
ATOM   398  O  OE2  . GLU A 1 55  ? -10.199 -4.207  -4.290  1.00 25.73 ? 52  GLU A OE2  1 
ATOM   399  N  N    . LEU A 1 56  ? -6.372  -7.957  -0.203  1.00 12.25 ? 53  LEU A N    1 
ATOM   400  C  CA   . LEU A 1 56  ? -5.139  -8.748  0.017   1.00 13.39 ? 53  LEU A CA   1 
ATOM   401  C  C    . LEU A 1 56  ? -5.308  -10.137 -0.596  1.00 13.89 ? 53  LEU A C    1 
ATOM   402  O  O    . LEU A 1 56  ? -4.406  -10.649 -1.268  1.00 14.31 ? 53  LEU A O    1 
ATOM   403  C  CB   . LEU A 1 56  ? -4.825  -8.839  1.517   1.00 12.68 ? 53  LEU A CB   1 
ATOM   404  C  CG   . LEU A 1 56  ? -3.567  -9.639  1.834   1.00 12.82 ? 53  LEU A CG   1 
ATOM   405  C  CD1  . LEU A 1 56  ? -2.307  -8.936  1.289   1.00 13.56 ? 53  LEU A CD1  1 
ATOM   406  C  CD2  . LEU A 1 56  ? -3.467  -9.886  3.308   1.00 13.72 ? 53  LEU A CD2  1 
ATOM   407  N  N    A GLN A 1 57  ? -6.447  -10.777 -0.364  0.50 14.84 ? 54  GLN A N    1 
ATOM   408  N  N    B GLN A 1 57  ? -6.445  -10.792 -0.343  0.50 13.32 ? 54  GLN A N    1 
ATOM   409  C  CA   A GLN A 1 57  ? -6.636  -12.123 -0.961  0.50 14.95 ? 54  GLN A CA   1 
ATOM   410  C  CA   B GLN A 1 57  ? -6.712  -12.127 -0.955  0.50 12.67 ? 54  GLN A CA   1 
ATOM   411  C  C    A GLN A 1 57  ? -6.694  -12.049 -2.491  0.50 14.92 ? 54  GLN A C    1 
ATOM   412  C  C    B GLN A 1 57  ? -6.704  -12.048 -2.483  0.50 13.55 ? 54  GLN A C    1 
ATOM   413  O  O    A GLN A 1 57  ? -6.030  -12.881 -3.128  0.50 15.07 ? 54  GLN A O    1 
ATOM   414  O  O    B GLN A 1 57  ? -6.023  -12.877 -3.106  0.50 13.85 ? 54  GLN A O    1 
ATOM   415  C  CB   A GLN A 1 57  ? -7.860  -12.818 -0.385  0.50 17.21 ? 54  GLN A CB   1 
ATOM   416  C  CB   B GLN A 1 57  ? -8.033  -12.723 -0.464  0.50 12.96 ? 54  GLN A CB   1 
ATOM   417  C  CG   A GLN A 1 57  ? -7.884  -14.300 -0.732  0.50 18.43 ? 54  GLN A CG   1 
ATOM   418  C  CG   B GLN A 1 57  ? -8.492  -13.995 -1.203  0.50 11.98 ? 54  GLN A CG   1 
ATOM   419  C  CD   A GLN A 1 57  ? -8.048  -14.567 -2.209  0.50 19.46 ? 54  GLN A CD   1 
ATOM   420  C  CD   B GLN A 1 57  ? -7.534  -15.165 -1.157  0.50 11.72 ? 54  GLN A CD   1 
ATOM   421  O  OE1  A GLN A 1 57  ? -7.389  -15.421 -2.797  0.50 19.78 ? 54  GLN A OE1  1 
ATOM   422  O  OE1  B GLN A 1 57  ? -7.215  -15.779 -2.182  0.50 13.69 ? 54  GLN A OE1  1 
ATOM   423  N  NE2  A GLN A 1 57  ? -8.926  -13.818 -2.831  0.50 20.20 ? 54  GLN A NE2  1 
ATOM   424  N  NE2  B GLN A 1 57  ? -7.100  -15.522 0.036   0.50 11.57 ? 54  GLN A NE2  1 
ATOM   425  N  N    . GLU A 1 58  ? -7.425  -11.102 -3.067  1.00 14.54 ? 55  GLU A N    1 
ATOM   426  C  CA   . GLU A 1 58  ? -7.571  -11.017 -4.535  1.00 14.18 ? 55  GLU A CA   1 
ATOM   427  C  C    . GLU A 1 58  ? -6.186  -10.881 -5.145  1.00 15.65 ? 55  GLU A C    1 
ATOM   428  O  O    . GLU A 1 58  ? -5.955  -11.523 -6.193  1.00 16.67 ? 55  GLU A O    1 
ATOM   429  C  CB   . GLU A 1 58  ? -8.470  -9.853  -4.961  1.00 15.38 ? 55  GLU A CB   1 
ATOM   430  C  CG   . GLU A 1 58  ? -9.916  -10.073 -4.594  1.00 18.59 ? 55  GLU A CG   1 
ATOM   431  C  CD   . GLU A 1 58  ? -10.834 -8.934  -5.007  1.00 20.84 ? 55  GLU A CD   1 
ATOM   432  O  OE1  . GLU A 1 58  ? -10.345 -7.994  -5.685  1.00 25.60 ? 55  GLU A OE1  1 
ATOM   433  O  OE2  . GLU A 1 58  ? -12.015 -8.960  -4.610  1.00 21.12 ? 55  GLU A OE2  1 
ATOM   434  N  N    . GLU A 1 59  ? -5.310  -10.097 -4.537  1.00 14.05 ? 56  GLU A N    1 
ATOM   435  C  CA   . GLU A 1 59  ? -4.064  -9.704  -5.226  1.00 14.65 ? 56  GLU A CA   1 
ATOM   436  C  C    . GLU A 1 59  ? -2.887  -10.581 -4.840  1.00 14.52 ? 56  GLU A C    1 
ATOM   437  O  O    . GLU A 1 59  ? -1.909  -10.607 -5.619  1.00 15.24 ? 56  GLU A O    1 
ATOM   438  C  CB   . GLU A 1 59  ? -3.761  -8.255  -4.935  1.00 14.69 ? 56  GLU A CB   1 
ATOM   439  C  CG   . GLU A 1 59  ? -4.868  -7.399  -5.429  1.00 17.05 ? 56  GLU A CG   1 
ATOM   440  C  CD   . GLU A 1 59  ? -4.647  -5.945  -5.318  1.00 19.00 ? 56  GLU A CD   1 
ATOM   441  O  OE1  . GLU A 1 59  ? -3.590  -5.543  -4.817  1.00 17.84 ? 56  GLU A OE1  1 
ATOM   442  O  OE2  . GLU A 1 59  ? -5.643  -5.228  -5.661  1.00 23.93 ? 56  GLU A OE2  1 
ATOM   443  N  N    . SER A 1 60  ? -2.903  -11.163 -3.637  1.00 13.99 ? 57  SER A N    1 
ATOM   444  C  CA   . SER A 1 60  ? -1.732  -11.944 -3.179  1.00 13.91 ? 57  SER A CA   1 
ATOM   445  C  C    . SER A 1 60  ? -2.061  -13.401 -2.897  1.00 14.79 ? 57  SER A C    1 
ATOM   446  O  O    . SER A 1 60  ? -1.086  -14.158 -2.741  1.00 15.68 ? 57  SER A O    1 
ATOM   447  C  CB   . SER A 1 60  ? -1.113  -11.340 -1.965  1.00 13.00 ? 57  SER A CB   1 
ATOM   448  O  OG   . SER A 1 60  ? -1.922  -11.588 -0.859  1.00 12.80 ? 57  SER A OG   1 
ATOM   449  N  N    . GLY A 1 61  ? -3.321  -13.783 -2.803  1.00 13.66 ? 58  GLY A N    1 
ATOM   450  C  CA   . GLY A 1 61  ? -3.709  -15.130 -2.366  1.00 13.90 ? 58  GLY A CA   1 
ATOM   451  C  C    . GLY A 1 61  ? -3.609  -15.370 -0.887  1.00 14.20 ? 58  GLY A C    1 
ATOM   452  O  O    . GLY A 1 61  ? -3.895  -16.501 -0.462  1.00 15.57 ? 58  GLY A O    1 
ATOM   453  N  N    . LEU A 1 62  ? -3.288  -14.364 -0.086  1.00 14.05 ? 59  LEU A N    1 
ATOM   454  C  CA   . LEU A 1 62  ? -3.104  -14.555 1.354   1.00 13.21 ? 59  LEU A CA   1 
ATOM   455  C  C    . LEU A 1 62  ? -4.384  -14.225 2.108   1.00 12.82 ? 59  LEU A C    1 
ATOM   456  O  O    . LEU A 1 62  ? -5.090  -13.228 1.767   1.00 13.80 ? 59  LEU A O    1 
ATOM   457  C  CB   . LEU A 1 62  ? -1.987  -13.663 1.870   1.00 13.72 ? 59  LEU A CB   1 
ATOM   458  C  CG   . LEU A 1 62  ? -0.624  -13.957 1.279   1.00 15.29 ? 59  LEU A CG   1 
ATOM   459  C  CD1  . LEU A 1 62  ? 0.361   -12.925 1.774   1.00 15.81 ? 59  LEU A CD1  1 
ATOM   460  C  CD2  . LEU A 1 62  ? -0.133  -15.359 1.576   1.00 16.61 ? 59  LEU A CD2  1 
ATOM   461  N  N    . THR A 1 63  ? -4.588  -14.923 3.211   1.00 12.50 ? 60  THR A N    1 
ATOM   462  C  CA   . THR A 1 63  ? -5.671  -14.665 4.172   1.00 13.68 ? 60  THR A CA   1 
ATOM   463  C  C    . THR A 1 63  ? -5.085  -13.961 5.400   1.00 13.36 ? 60  THR A C    1 
ATOM   464  O  O    . THR A 1 63  ? -4.123  -14.491 6.008   1.00 13.59 ? 60  THR A O    1 
ATOM   465  C  CB   . THR A 1 63  ? -6.350  -15.970 4.567   1.00 13.18 ? 60  THR A CB   1 
ATOM   466  O  OG1  . THR A 1 63  ? -6.878  -16.648 3.434   1.00 13.73 ? 60  THR A OG1  1 
ATOM   467  C  CG2  . THR A 1 63  ? -7.476  -15.715 5.540   1.00 14.07 ? 60  THR A CG2  1 
ATOM   468  N  N    . VAL A 1 64  ? -5.630  -12.796 5.738   1.00 13.65 ? 61  VAL A N    1 
ATOM   469  C  CA   . VAL A 1 64  ? -5.280  -12.070 6.992   1.00 15.60 ? 61  VAL A CA   1 
ATOM   470  C  C    . VAL A 1 64  ? -6.516  -12.112 7.896   1.00 17.34 ? 61  VAL A C    1 
ATOM   471  O  O    . VAL A 1 64  ? -7.608  -11.911 7.395   1.00 18.71 ? 61  VAL A O    1 
ATOM   472  C  CB   . VAL A 1 64  ? -4.792  -10.633 6.704   1.00 15.48 ? 61  VAL A CB   1 
ATOM   473  C  CG1  . VAL A 1 64  ? -5.835  -9.784  6.035   1.00 14.83 ? 61  VAL A CG1  1 
ATOM   474  C  CG2  . VAL A 1 64  ? -4.311  -9.919  7.966   1.00 16.41 ? 61  VAL A CG2  1 
ATOM   475  N  N    . ASP A 1 65  ? -6.332  -12.188 9.206   1.00 21.12 ? 62  ASP A N    1 
ATOM   476  C  CA   . ASP A 1 65  ? -7.427  -11.931 10.181  1.00 21.99 ? 62  ASP A CA   1 
ATOM   477  C  C    . ASP A 1 65  ? -7.351  -10.450 10.580  1.00 21.93 ? 62  ASP A C    1 
ATOM   478  O  O    . ASP A 1 65  ? -7.793  -9.626  9.750   1.00 22.82 ? 62  ASP A O    1 
ATOM   479  C  CB   . ASP A 1 65  ? -7.353  -12.920 11.341  1.00 25.43 ? 62  ASP A CB   1 
ATOM   480  C  CG   . ASP A 1 65  ? -7.501  -14.371 10.908  1.00 26.97 ? 62  ASP A CG   1 
ATOM   481  O  OD1  . ASP A 1 65  ? -8.233  -14.654 9.924   1.00 24.01 ? 62  ASP A OD1  1 
ATOM   482  O  OD2  . ASP A 1 65  ? -6.856  -15.204 11.558  1.00 29.10 ? 62  ASP A OD2  1 
ATOM   483  N  N    . ALA A 1 66  ? -6.878  -10.115 11.780  1.00 25.95 ? 63  ALA A N    1 
ATOM   484  C  CA   . ALA A 1 66  ? -6.739  -8.715  12.252  1.00 24.21 ? 63  ALA A CA   1 
ATOM   485  C  C    . ALA A 1 66  ? -5.780  -7.932  11.354  1.00 21.67 ? 63  ALA A C    1 
ATOM   486  O  O    . ALA A 1 66  ? -4.689  -8.340  11.099  1.00 20.66 ? 63  ALA A O    1 
ATOM   487  C  CB   . ALA A 1 66  ? -6.232  -8.641  13.669  1.00 26.01 ? 63  ALA A CB   1 
ATOM   488  N  N    . LEU A 1 67  ? -6.254  -6.807  10.905  1.00 21.07 ? 64  LEU A N    1 
ATOM   489  C  CA   . LEU A 1 67  ? -5.405  -5.809  10.239  1.00 17.99 ? 64  LEU A CA   1 
ATOM   490  C  C    . LEU A 1 67  ? -5.228  -4.653  11.202  1.00 17.01 ? 64  LEU A C    1 
ATOM   491  O  O    . LEU A 1 67  ? -6.206  -4.270  11.922  1.00 20.40 ? 64  LEU A O    1 
ATOM   492  C  CB   . LEU A 1 67  ? -6.131  -5.372  8.986   1.00 17.97 ? 64  LEU A CB   1 
ATOM   493  C  CG   . LEU A 1 67  ? -5.969  -6.327  7.831   1.00 18.91 ? 64  LEU A CG   1 
ATOM   494  C  CD1  . LEU A 1 67  ? -7.016  -6.033  6.776   1.00 21.94 ? 64  LEU A CD1  1 
ATOM   495  C  CD2  . LEU A 1 67  ? -4.556  -6.262  7.283   1.00 17.85 ? 64  LEU A CD2  1 
ATOM   496  N  N    . HIS A 1 68  ? -4.056  -4.066  11.210  1.00 13.32 ? 65  HIS A N    1 
ATOM   497  C  CA   . HIS A 1 68  ? -3.759  -2.889  12.043  1.00 13.67 ? 65  HIS A CA   1 
ATOM   498  C  C    . HIS A 1 68  ? -3.705  -1.622  11.174  1.00 11.86 ? 65  HIS A C    1 
ATOM   499  O  O    . HIS A 1 68  ? -2.982  -1.579  10.153  1.00 12.20 ? 65  HIS A O    1 
ATOM   500  C  CB   . HIS A 1 68  ? -2.442  -3.120  12.793  1.00 15.09 ? 65  HIS A CB   1 
ATOM   501  C  CG   . HIS A 1 68  ? -2.528  -4.295  13.699  1.00 18.48 ? 65  HIS A CG   1 
ATOM   502  N  ND1  . HIS A 1 68  ? -1.981  -5.540  13.412  1.00 23.92 ? 65  HIS A ND1  1 
ATOM   503  C  CD2  . HIS A 1 68  ? -3.186  -4.421  14.867  1.00 21.02 ? 65  HIS A CD2  1 
ATOM   504  C  CE1  . HIS A 1 68  ? -2.278  -6.374  14.403  1.00 22.58 ? 65  HIS A CE1  1 
ATOM   505  N  NE2  . HIS A 1 68  ? -3.019  -5.720  15.297  1.00 24.69 ? 65  HIS A NE2  1 
ATOM   506  N  N    . LYS A 1 69  ? -4.445  -0.596  11.590  1.00 13.12 ? 66  LYS A N    1 
ATOM   507  C  CA   . LYS A 1 69  ? -4.385  0.705   10.897  1.00 13.06 ? 66  LYS A CA   1 
ATOM   508  C  C    . LYS A 1 69  ? -3.020  1.307   11.091  1.00 12.98 ? 66  LYS A C    1 
ATOM   509  O  O    . LYS A 1 69  ? -2.557  1.415   12.260  1.00 14.71 ? 66  LYS A O    1 
ATOM   510  C  CB   . LYS A 1 69  ? -5.464  1.635   11.457  1.00 14.04 ? 66  LYS A CB   1 
ATOM   511  C  CG   . LYS A 1 69  ? -6.866  1.189   11.131  1.00 17.13 ? 66  LYS A CG   1 
ATOM   512  C  CD   . LYS A 1 69  ? -7.993  2.086   11.674  1.00 19.95 ? 66  LYS A CD   1 
ATOM   513  C  CE   . LYS A 1 69  ? -8.209  1.768   13.135  1.00 23.64 ? 66  LYS A CE   1 
ATOM   514  N  NZ   . LYS A 1 69  ? -9.331  2.545   13.720  1.00 26.83 ? 66  LYS A NZ   1 
ATOM   515  N  N    . VAL A 1 70  ? -2.373  1.747   10.022  1.00 10.87 ? 67  VAL A N    1 
ATOM   516  C  CA   . VAL A 1 70  ? -1.071  2.424   10.199  1.00 11.09 ? 67  VAL A CA   1 
ATOM   517  C  C    . VAL A 1 70  ? -1.034  3.799   9.528   1.00 10.76 ? 67  VAL A C    1 
ATOM   518  O  O    . VAL A 1 70  ? -0.202  4.591   9.916   1.00 11.44 ? 67  VAL A O    1 
ATOM   519  C  CB   . VAL A 1 70  ? 0.071   1.510   9.777   1.00 13.55 ? 67  VAL A CB   1 
ATOM   520  C  CG1  . VAL A 1 70  ? 0.070   0.260   10.631  1.00 15.10 ? 67  VAL A CG1  1 
ATOM   521  C  CG2  . VAL A 1 70  ? 0.005   1.218   8.311   1.00 12.78 ? 67  VAL A CG2  1 
ATOM   522  N  N    . GLY A 1 71  ? -1.870  4.089   8.540   1.00 9.30  ? 68  GLY A N    1 
ATOM   523  C  CA   . GLY A 1 71  ? -1.774  5.411   7.912   1.00 10.19 ? 68  GLY A CA   1 
ATOM   524  C  C    . GLY A 1 71  ? -2.991  5.756   7.098   1.00 9.94  ? 68  GLY A C    1 
ATOM   525  O  O    . GLY A 1 71  ? -3.806  4.906   6.738   1.00 10.03 ? 68  GLY A O    1 
ATOM   526  N  N    A GLN A 1 72  ? -3.101  7.035   6.782   0.50 10.33 ? 69  GLN A N    1 
ATOM   527  N  N    B GLN A 1 72  ? -3.040  7.011   6.699   0.50 10.39 ? 69  GLN A N    1 
ATOM   528  C  CA   A GLN A 1 72  ? -4.000  7.552   5.744   0.50 11.12 ? 69  GLN A CA   1 
ATOM   529  C  CA   B GLN A 1 72  ? -4.015  7.489   5.721   0.50 11.35 ? 69  GLN A CA   1 
ATOM   530  C  C    A GLN A 1 72  ? -3.118  8.378   4.827   0.50 11.05 ? 69  GLN A C    1 
ATOM   531  C  C    B GLN A 1 72  ? -3.271  8.468   4.842   0.50 11.22 ? 69  GLN A C    1 
ATOM   532  O  O    A GLN A 1 72  ? -2.270  9.144   5.295   0.50 10.30 ? 69  GLN A O    1 
ATOM   533  O  O    B GLN A 1 72  ? -2.713  9.464   5.407   0.50 10.51 ? 69  GLN A O    1 
ATOM   534  C  CB   A GLN A 1 72  ? -5.137  8.360   6.370   0.50 12.00 ? 69  GLN A CB   1 
ATOM   535  C  CB   B GLN A 1 72  ? -5.188  8.159   6.419   0.50 12.66 ? 69  GLN A CB   1 
ATOM   536  C  CG   A GLN A 1 72  ? -6.102  8.986   5.378   0.50 13.18 ? 69  GLN A CG   1 
ATOM   537  C  CG   B GLN A 1 72  ? -6.374  8.385   5.511   0.50 13.90 ? 69  GLN A CG   1 
ATOM   538  C  CD   A GLN A 1 72  ? -7.254  9.714   6.036   0.50 14.03 ? 69  GLN A CD   1 
ATOM   539  C  CD   B GLN A 1 72  ? -7.592  8.820   6.291   0.50 15.98 ? 69  GLN A CD   1 
ATOM   540  O  OE1  A GLN A 1 72  ? -7.213  10.087  7.213   0.50 16.55 ? 69  GLN A OE1  1 
ATOM   541  O  OE1  B GLN A 1 72  ? -7.608  8.832   7.530   0.50 20.57 ? 69  GLN A OE1  1 
ATOM   542  N  NE2  A GLN A 1 72  ? -8.332  9.866   5.295   0.50 16.32 ? 69  GLN A NE2  1 
ATOM   543  N  NE2  B GLN A 1 72  ? -8.592  9.251   5.567   0.50 17.27 ? 69  GLN A NE2  1 
ATOM   544  N  N    . ILE A 1 73  ? -3.263  8.197   3.537   1.00 11.03 ? 70  ILE A N    1 
ATOM   545  C  CA   . ILE A 1 73  ? -2.547  9.039   2.551   1.00 11.58 ? 70  ILE A CA   1 
ATOM   546  C  C    . ILE A 1 73  ? -3.542  9.478   1.504   1.00 11.48 ? 70  ILE A C    1 
ATOM   547  O  O    . ILE A 1 73  ? -4.211  8.622   0.963   1.00 12.70 ? 70  ILE A O    1 
ATOM   548  C  CB   . ILE A 1 73  ? -1.373  8.343   1.875   1.00 14.92 ? 70  ILE A CB   1 
ATOM   549  C  CG1  . ILE A 1 73  ? -0.504  7.537   2.817   1.00 17.42 ? 70  ILE A CG1  1 
ATOM   550  C  CG2  . ILE A 1 73  ? -0.564  9.395   1.127   1.00 14.62 ? 70  ILE A CG2  1 
ATOM   551  C  CD1  . ILE A 1 73  ? 0.477   6.617   2.095   1.00 17.61 ? 70  ILE A CD1  1 
ATOM   552  N  N    . VAL A 1 74  ? -3.605  10.781  1.257   1.00 11.59 ? 71  VAL A N    1 
ATOM   553  C  CA   . VAL A 1 74  ? -4.457  11.326  0.177   1.00 10.88 ? 71  VAL A CA   1 
ATOM   554  C  C    . VAL A 1 74  ? -3.555  11.630  -1.020  1.00 10.19 ? 71  VAL A C    1 
ATOM   555  O  O    . VAL A 1 74  ? -2.558  12.335  -0.836  1.00 11.96 ? 71  VAL A O    1 
ATOM   556  C  CB   . VAL A 1 74  ? -5.225  12.561  0.666   1.00 12.43 ? 71  VAL A CB   1 
ATOM   557  C  CG1  . VAL A 1 74  ? -6.036  13.173  -0.469  1.00 13.22 ? 71  VAL A CG1  1 
ATOM   558  C  CG2  . VAL A 1 74  ? -6.146  12.220  1.818   1.00 13.06 ? 71  VAL A CG2  1 
ATOM   559  N  N    . PHE A 1 75  ? -3.891  11.108  -2.181  1.00 10.63 ? 72  PHE A N    1 
ATOM   560  C  CA   . PHE A 1 75  ? -3.198  11.426  -3.442  1.00 10.36 ? 72  PHE A CA   1 
ATOM   561  C  C    . PHE A 1 75  ? -4.046  12.344  -4.296  1.00 10.62 ? 72  PHE A C    1 
ATOM   562  O  O    . PHE A 1 75  ? -5.211  12.003  -4.583  1.00 10.95 ? 72  PHE A O    1 
ATOM   563  C  CB   . PHE A 1 75  ? -2.806  10.157  -4.182  1.00 11.56 ? 72  PHE A CB   1 
ATOM   564  C  CG   . PHE A 1 75  ? -1.878  9.239   -3.435  1.00 12.34 ? 72  PHE A CG   1 
ATOM   565  C  CD1  . PHE A 1 75  ? -0.593  9.664   -3.180  1.00 13.11 ? 72  PHE A CD1  1 
ATOM   566  C  CD2  . PHE A 1 75  ? -2.261  7.996   -2.960  1.00 14.55 ? 72  PHE A CD2  1 
ATOM   567  C  CE1  . PHE A 1 75  ? 0.286   8.881   -2.452  1.00 13.68 ? 72  PHE A CE1  1 
ATOM   568  C  CE2  . PHE A 1 75  ? -1.372  7.226   -2.206  1.00 14.57 ? 72  PHE A CE2  1 
ATOM   569  C  CZ   . PHE A 1 75  ? -0.109  7.680   -1.964  1.00 12.24 ? 72  PHE A CZ   1 
ATOM   570  N  N    . GLU A 1 76  ? -3.403  13.402  -4.772  1.00 10.56 ? 73  GLU A N    1 
ATOM   571  C  CA   . GLU A 1 76  ? -3.942  14.314  -5.805  1.00 11.09 ? 73  GLU A CA   1 
ATOM   572  C  C    . GLU A 1 76  ? -3.099  14.137  -7.051  1.00 10.83 ? 73  GLU A C    1 
ATOM   573  O  O    . GLU A 1 76  ? -1.888  14.227  -6.933  1.00 11.48 ? 73  GLU A O    1 
ATOM   574  C  CB   . GLU A 1 76  ? -3.913  15.720  -5.257  1.00 11.50 ? 73  GLU A CB   1 
ATOM   575  C  CG   . GLU A 1 76  ? -4.365  16.762  -6.256  1.00 12.78 ? 73  GLU A CG   1 
ATOM   576  C  CD   . GLU A 1 76  ? -4.145  18.205  -5.793  1.00 14.57 ? 73  GLU A CD   1 
ATOM   577  O  OE1  . GLU A 1 76  ? -3.901  18.429  -4.595  1.00 18.01 ? 73  GLU A OE1  1 
ATOM   578  O  OE2  . GLU A 1 76  ? -4.090  19.059  -6.685  1.00 14.93 ? 73  GLU A OE2  1 
ATOM   579  N  N    . PHE A 1 77  ? -3.708  13.909  -8.187  1.00 11.82 ? 74  PHE A N    1 
ATOM   580  C  CA   . PHE A 1 77  ? -3.060  14.007  -9.501  1.00 11.62 ? 74  PHE A CA   1 
ATOM   581  C  C    . PHE A 1 77  ? -3.552  15.268  -10.160 1.00 12.79 ? 74  PHE A C    1 
ATOM   582  O  O    . PHE A 1 77  ? -4.771  15.363  -10.440 1.00 13.31 ? 74  PHE A O    1 
ATOM   583  C  CB   . PHE A 1 77  ? -3.400  12.749  -10.296 1.00 12.18 ? 74  PHE A CB   1 
ATOM   584  C  CG   . PHE A 1 77  ? -2.767  11.536  -9.680  1.00 13.27 ? 74  PHE A CG   1 
ATOM   585  C  CD1  . PHE A 1 77  ? -1.425  11.281  -9.934  1.00 14.41 ? 74  PHE A CD1  1 
ATOM   586  C  CD2  . PHE A 1 77  ? -3.454  10.745  -8.773  1.00 16.01 ? 74  PHE A CD2  1 
ATOM   587  C  CE1  . PHE A 1 77  ? -0.795  10.204  -9.340  1.00 17.13 ? 74  PHE A CE1  1 
ATOM   588  C  CE2  . PHE A 1 77  ? -2.803  9.686   -8.154  1.00 17.14 ? 74  PHE A CE2  1 
ATOM   589  C  CZ   . PHE A 1 77  ? -1.486  9.432   -8.439  1.00 16.29 ? 74  PHE A CZ   1 
ATOM   590  N  N    . VAL A 1 78  ? -2.675  16.225  -10.435 1.00 12.98 ? 75  VAL A N    1 
ATOM   591  C  CA   . VAL A 1 78  ? -3.151  17.507  -11.040 1.00 14.35 ? 75  VAL A CA   1 
ATOM   592  C  C    . VAL A 1 78  ? -3.833  17.183  -12.375 1.00 14.46 ? 75  VAL A C    1 
ATOM   593  O  O    . VAL A 1 78  ? -3.460  16.269  -13.071 1.00 15.56 ? 75  VAL A O    1 
ATOM   594  C  CB   . VAL A 1 78  ? -2.003  18.518  -11.192 1.00 15.53 ? 75  VAL A CB   1 
ATOM   595  C  CG1  . VAL A 1 78  ? -1.428  18.932  -9.859  1.00 16.83 ? 75  VAL A CG1  1 
ATOM   596  C  CG2  . VAL A 1 78  ? -0.954  18.022  -12.162 1.00 16.62 ? 75  VAL A CG2  1 
ATOM   597  N  N    . GLY A 1 79  ? -5.000  17.785  -12.576 1.00 15.99 ? 76  GLY A N    1 
ATOM   598  C  CA   . GLY A 1 79  ? -5.745  17.526  -13.808 1.00 15.97 ? 76  GLY A CA   1 
ATOM   599  C  C    . GLY A 1 79  ? -6.823  16.491  -13.646 1.00 16.27 ? 76  GLY A C    1 
ATOM   600  O  O    . GLY A 1 79  ? -7.586  16.320  -14.600 1.00 17.39 ? 76  GLY A O    1 
ATOM   601  N  N    . GLU A 1 80  ? -6.860  15.773  -12.521 1.00 14.94 ? 77  GLU A N    1 
ATOM   602  C  CA   . GLU A 1 80  ? -7.835  14.692  -12.246 1.00 14.93 ? 77  GLU A CA   1 
ATOM   603  C  C    . GLU A 1 80  ? -8.692  15.139  -11.076 1.00 13.65 ? 77  GLU A C    1 
ATOM   604  O  O    . GLU A 1 80  ? -8.192  15.529  -10.011 1.00 13.79 ? 77  GLU A O    1 
ATOM   605  C  CB   . GLU A 1 80  ? -7.133  13.393  -11.896 1.00 16.91 ? 77  GLU A CB   1 
ATOM   606  C  CG   . GLU A 1 80  ? -6.232  12.944  -13.033 1.00 21.23 ? 77  GLU A CG   1 
ATOM   607  C  CD   . GLU A 1 80  ? -5.822  11.494  -12.924 1.00 26.45 ? 77  GLU A CD   1 
ATOM   608  O  OE1  . GLU A 1 80  ? -6.192  10.850  -11.906 1.00 28.29 ? 77  GLU A OE1  1 
ATOM   609  O  OE2  . GLU A 1 80  ? -5.177  11.003  -13.882 1.00 37.18 ? 77  GLU A OE2  1 
ATOM   610  N  N    . PRO A 1 81  ? -10.025 15.162  -11.236 1.00 12.70 ? 78  PRO A N    1 
ATOM   611  C  CA   . PRO A 1 81  ? -10.869 15.686  -10.170 1.00 13.50 ? 78  PRO A CA   1 
ATOM   612  C  C    . PRO A 1 81  ? -10.850 14.862  -8.879  1.00 12.16 ? 78  PRO A C    1 
ATOM   613  O  O    . PRO A 1 81  ? -10.969 15.457  -7.829  1.00 13.39 ? 78  PRO A O    1 
ATOM   614  C  CB   . PRO A 1 81  ? -12.280 15.711  -10.765 1.00 13.67 ? 78  PRO A CB   1 
ATOM   615  C  CG   . PRO A 1 81  ? -12.207 14.849  -11.951 1.00 16.59 ? 78  PRO A CG   1 
ATOM   616  C  CD   . PRO A 1 81  ? -10.770 14.870  -12.473 1.00 14.19 ? 78  PRO A CD   1 
ATOM   617  N  N    . GLU A 1 82  ? -10.787 13.533  -8.978  1.00 12.22 ? 79  GLU A N    1 
ATOM   618  C  CA   . GLU A 1 82  ? -10.976 12.735  -7.766  1.00 12.56 ? 79  GLU A CA   1 
ATOM   619  C  C    . GLU A 1 82  ? -9.645  12.566  -7.024  1.00 12.21 ? 79  GLU A C    1 
ATOM   620  O  O    . GLU A 1 82  ? -8.671  12.123  -7.631  1.00 12.99 ? 79  GLU A O    1 
ATOM   621  C  CB   . GLU A 1 82  ? -11.660 11.425  -8.092  1.00 15.69 ? 79  GLU A CB   1 
ATOM   622  C  CG   . GLU A 1 82  ? -12.359 10.833  -6.889  1.00 19.23 ? 79  GLU A CG   1 
ATOM   623  C  CD   . GLU A 1 82  ? -13.611 11.513  -6.323  1.00 24.11 ? 79  GLU A CD   1 
ATOM   624  O  OE1  . GLU A 1 82  ? -14.093 12.502  -6.891  1.00 26.41 ? 79  GLU A OE1  1 
ATOM   625  O  OE2  . GLU A 1 82  ? -14.133 11.005  -5.294  1.00 26.59 ? 79  GLU A OE2  1 
ATOM   626  N  N    . LEU A 1 83  ? -9.695  12.758  -5.717  1.00 12.47 ? 80  LEU A N    1 
ATOM   627  C  CA   . LEU A 1 83  ? -8.590  12.430  -4.792  1.00 12.05 ? 80  LEU A CA   1 
ATOM   628  C  C    . LEU A 1 83  ? -8.684  10.953  -4.423  1.00 12.74 ? 80  LEU A C    1 
ATOM   629  O  O    . LEU A 1 83  ? -9.777  10.387  -4.283  1.00 14.03 ? 80  LEU A O    1 
ATOM   630  C  CB   . LEU A 1 83  ? -8.616  13.278  -3.537  1.00 12.37 ? 80  LEU A CB   1 
ATOM   631  C  CG   . LEU A 1 83  ? -8.627  14.787  -3.729  1.00 12.48 ? 80  LEU A CG   1 
ATOM   632  C  CD1  . LEU A 1 83  ? -8.657  15.491  -2.365  1.00 12.98 ? 80  LEU A CD1  1 
ATOM   633  C  CD2  . LEU A 1 83  ? -7.430  15.256  -4.532  1.00 13.04 ? 80  LEU A CD2  1 
ATOM   634  N  N    . MET A 1 84  ? -7.547  10.286  -4.270  1.00 11.20 ? 81  MET A N    1 
ATOM   635  C  CA   . MET A 1 84  ? -7.525  8.922   -3.701  1.00 11.46 ? 81  MET A CA   1 
ATOM   636  C  C    . MET A 1 84  ? -7.340  9.022   -2.200  1.00 11.43 ? 81  MET A C    1 
ATOM   637  O  O    . MET A 1 84  ? -6.308  9.565   -1.793  1.00 11.94 ? 81  MET A O    1 
ATOM   638  C  CB   . MET A 1 84  ? -6.401  8.049   -4.259  1.00 12.82 ? 81  MET A CB   1 
ATOM   639  C  CG   . MET A 1 84  ? -6.442  7.941   -5.759  1.00 13.90 ? 81  MET A CG   1 
ATOM   640  S  SD   . MET A 1 84  ? -5.029  7.000   -6.397  1.00 15.75 ? 81  MET A SD   1 
ATOM   641  C  CE   . MET A 1 84  ? -5.317  5.388   -5.661  1.00 16.99 ? 81  MET A CE   1 
ATOM   642  N  N    . ASP A 1 85  ? -8.242  8.508   -1.382  1.00 10.74 ? 82  ASP A N    1 
ATOM   643  C  CA   . ASP A 1 85  ? -8.116  8.502   0.080   1.00 11.40 ? 82  ASP A CA   1 
ATOM   644  C  C    . ASP A 1 85  ? -7.717  7.085   0.483   1.00 11.01 ? 82  ASP A C    1 
ATOM   645  O  O    . ASP A 1 85  ? -8.566  6.160   0.531   1.00 11.30 ? 82  ASP A O    1 
ATOM   646  C  CB   . ASP A 1 85  ? -9.429  8.961   0.722   1.00 13.56 ? 82  ASP A CB   1 
ATOM   647  C  CG   . ASP A 1 85  ? -9.445  8.700   2.208   1.00 17.00 ? 82  ASP A CG   1 
ATOM   648  O  OD1  . ASP A 1 85  ? -8.360  8.625   2.784   1.00 18.48 ? 82  ASP A OD1  1 
ATOM   649  O  OD2  . ASP A 1 85  ? -10.561 8.705   2.804   1.00 21.25 ? 82  ASP A OD2  1 
ATOM   650  N  N    . VAL A 1 86  ? -6.439  6.884   0.660   1.00 9.86  ? 83  VAL A N    1 
ATOM   651  C  CA   . VAL A 1 86  ? -5.887  5.519   0.823   1.00 10.00 ? 83  VAL A CA   1 
ATOM   652  C  C    . VAL A 1 86  ? -5.728  5.236   2.311   1.00 8.98  ? 83  VAL A C    1 
ATOM   653  O  O    . VAL A 1 86  ? -4.951  5.907   3.012   1.00 10.55 ? 83  VAL A O    1 
ATOM   654  C  CB   . VAL A 1 86  ? -4.559  5.329   0.062   1.00 10.50 ? 83  VAL A CB   1 
ATOM   655  C  CG1  . VAL A 1 86  ? -4.027  3.931   0.197   1.00 11.40 ? 83  VAL A CG1  1 
ATOM   656  C  CG2  . VAL A 1 86  ? -4.705  5.702   -1.397  1.00 10.21 ? 83  VAL A CG2  1 
ATOM   657  N  N    . HIS A 1 87  ? -6.358  4.180   2.774   1.00 9.24  ? 84  HIS A N    1 
ATOM   658  C  CA   . HIS A 1 87  ? -6.246  3.667   4.144   1.00 9.15  ? 84  HIS A CA   1 
ATOM   659  C  C    . HIS A 1 87  ? -5.241  2.536   4.171   1.00 8.96  ? 84  HIS A C    1 
ATOM   660  O  O    . HIS A 1 87  ? -5.470  1.516   3.527   1.00 9.82  ? 84  HIS A O    1 
ATOM   661  C  CB   . HIS A 1 87  ? -7.639  3.242   4.635   1.00 9.75  ? 84  HIS A CB   1 
ATOM   662  C  CG   . HIS A 1 87  ? -8.540  4.405   4.853   1.00 11.65 ? 84  HIS A CG   1 
ATOM   663  N  ND1  . HIS A 1 87  ? -9.059  5.254   3.905   1.00 14.29 ? 84  HIS A ND1  1 
ATOM   664  C  CD2  . HIS A 1 87  ? -8.949  4.878   6.025   1.00 12.71 ? 84  HIS A CD2  1 
ATOM   665  C  CE1  . HIS A 1 87  ? -9.789  6.207   4.528   1.00 12.87 ? 84  HIS A CE1  1 
ATOM   666  N  NE2  . HIS A 1 87  ? -9.706  5.997   5.781   1.00 15.97 ? 84  HIS A NE2  1 
ATOM   667  N  N    . VAL A 1 88  ? -4.156  2.750   4.888   1.00 9.58  ? 85  VAL A N    1 
ATOM   668  C  CA   . VAL A 1 88  ? -3.004  1.829   4.922   1.00 8.58  ? 85  VAL A CA   1 
ATOM   669  C  C    . VAL A 1 88  ? -3.072  0.983   6.185   1.00 9.03  ? 85  VAL A C    1 
ATOM   670  O  O    . VAL A 1 88  ? -3.300  1.490   7.307   1.00 10.26 ? 85  VAL A O    1 
ATOM   671  C  CB   . VAL A 1 88  ? -1.660  2.572   4.830   1.00 9.20  ? 85  VAL A CB   1 
ATOM   672  C  CG1  . VAL A 1 88  ? -0.505  1.600   4.683   1.00 9.27  ? 85  VAL A CG1  1 
ATOM   673  C  CG2  . VAL A 1 88  ? -1.688  3.598   3.699   1.00 9.89  ? 85  VAL A CG2  1 
ATOM   674  N  N    . PHE A 1 89  ? -2.866  -0.317  5.985   1.00 9.44  ? 86  PHE A N    1 
ATOM   675  C  CA   . PHE A 1 89  ? -2.873  -1.328  7.063   1.00 9.28  ? 86  PHE A CA   1 
ATOM   676  C  C    . PHE A 1 89  ? -1.641  -2.183  6.980   1.00 10.23 ? 86  PHE A C    1 
ATOM   677  O  O    . PHE A 1 89  ? -1.039  -2.340  5.927   1.00 11.63 ? 86  PHE A O    1 
ATOM   678  C  CB   . PHE A 1 89  ? -4.079  -2.259  6.931   1.00 10.14 ? 86  PHE A CB   1 
ATOM   679  C  CG   . PHE A 1 89  ? -5.417  -1.571  7.012   1.00 10.59 ? 86  PHE A CG   1 
ATOM   680  C  CD1  . PHE A 1 89  ? -5.988  -0.999  5.888   1.00 11.49 ? 86  PHE A CD1  1 
ATOM   681  C  CD2  . PHE A 1 89  ? -6.155  -1.618  8.186   1.00 10.71 ? 86  PHE A CD2  1 
ATOM   682  C  CE1  . PHE A 1 89  ? -7.248  -0.394  5.984   1.00 12.40 ? 86  PHE A CE1  1 
ATOM   683  C  CE2  . PHE A 1 89  ? -7.387  -1.008  8.269   1.00 11.61 ? 86  PHE A CE2  1 
ATOM   684  C  CZ   . PHE A 1 89  ? -7.950  -0.429  7.156   1.00 12.75 ? 86  PHE A CZ   1 
ATOM   685  N  N    A CYS A 1 90  ? -1.285  -2.710  8.148   0.50 10.09 ? 87  CYS A N    1 
ATOM   686  N  N    B CYS A 1 90  ? -1.266  -2.718  8.128   0.50 11.07 ? 87  CYS A N    1 
ATOM   687  C  CA   A CYS A 1 90  ? -0.194  -3.698  8.302   0.50 10.57 ? 87  CYS A CA   1 
ATOM   688  C  CA   B CYS A 1 90  ? -0.217  -3.754  8.163   0.50 12.05 ? 87  CYS A CA   1 
ATOM   689  C  C    A CYS A 1 90  ? -0.726  -4.981  8.943   0.50 11.91 ? 87  CYS A C    1 
ATOM   690  C  C    B CYS A 1 90  ? -0.712  -4.978  8.927   0.50 12.97 ? 87  CYS A C    1 
ATOM   691  O  O    A CYS A 1 90  ? -1.680  -4.954  9.721   0.50 11.78 ? 87  CYS A O    1 
ATOM   692  O  O    B CYS A 1 90  ? -1.630  -4.906  9.746   0.50 12.67 ? 87  CYS A O    1 
ATOM   693  C  CB   A CYS A 1 90  ? 0.937   -3.104  9.138   0.50 11.05 ? 87  CYS A CB   1 
ATOM   694  C  CB   B CYS A 1 90  ? 1.063   -3.207  8.777   0.50 14.62 ? 87  CYS A CB   1 
ATOM   695  S  SG   A CYS A 1 90  ? 2.084   -2.091  8.158   0.50 12.17 ? 87  CYS A SG   1 
ATOM   696  S  SG   B CYS A 1 90  ? 0.926   -2.913  10.558  0.50 18.48 ? 87  CYS A SG   1 
ATOM   697  N  N    . THR A 1 91  ? -0.041  -6.086  8.661   1.00 12.31 ? 88  THR A N    1 
ATOM   698  C  CA   . THR A 1 91  ? -0.197  -7.353  9.411   1.00 13.65 ? 88  THR A CA   1 
ATOM   699  C  C    . THR A 1 91  ? 1.142   -8.073  9.427   1.00 14.55 ? 88  THR A C    1 
ATOM   700  O  O    . THR A 1 91  ? 1.891   -7.905  8.474   1.00 13.37 ? 88  THR A O    1 
ATOM   701  C  CB   . THR A 1 91  ? -1.258  -8.244  8.764   1.00 15.84 ? 88  THR A CB   1 
ATOM   702  O  OG1  . THR A 1 91  ? -1.357  -9.410  9.587   1.00 19.25 ? 88  THR A OG1  1 
ATOM   703  C  CG2  . THR A 1 91  ? -0.959  -8.588  7.331   1.00 16.69 ? 88  THR A CG2  1 
ATOM   704  N  N    . ASP A 1 92  ? 1.414   -8.860  10.471  1.00 16.59 ? 89  ASP A N    1 
ATOM   705  C  CA   . ASP A 1 92  ? 2.625   -9.718  10.501  1.00 18.73 ? 89  ASP A CA   1 
ATOM   706  C  C    . ASP A 1 92  ? 2.237   -11.175 10.357  1.00 22.63 ? 89  ASP A C    1 
ATOM   707  O  O    . ASP A 1 92  ? 3.190   -11.999 10.320  1.00 25.93 ? 89  ASP A O    1 
ATOM   708  C  CB   . ASP A 1 92  ? 3.465   -9.427  11.750  1.00 19.75 ? 89  ASP A CB   1 
ATOM   709  C  CG   . ASP A 1 92  ? 2.765   -9.752  13.051  1.00 24.19 ? 89  ASP A CG   1 
ATOM   710  O  OD1  . ASP A 1 92  ? 1.653   -10.330 13.018  1.00 26.76 ? 89  ASP A OD1  1 
ATOM   711  O  OD2  . ASP A 1 92  ? 3.353   -9.466  14.100  1.00 30.60 ? 89  ASP A OD2  1 
ATOM   712  N  N    . SER A 1 93  ? 0.937   -11.474 10.268  1.00 21.97 ? 90  SER A N    1 
ATOM   713  C  CA   . SER A 1 93  ? 0.374   -12.836 10.437  1.00 25.96 ? 90  SER A CA   1 
ATOM   714  C  C    . SER A 1 93  ? -0.586  -13.104 9.292   1.00 21.06 ? 90  SER A C    1 
ATOM   715  O  O    . SER A 1 93  ? -1.678  -12.557 9.278   1.00 23.41 ? 90  SER A O    1 
ATOM   716  C  CB   . SER A 1 93  ? -0.331  -12.988 11.749  1.00 30.14 ? 90  SER A CB   1 
ATOM   717  O  OG   . SER A 1 93  ? -1.397  -12.062 11.847  1.00 41.89 ? 90  SER A OG   1 
ATOM   718  N  N    . ILE A 1 94  ? -0.171  -13.992 8.422   1.00 19.70 ? 91  ILE A N    1 
ATOM   719  C  CA   . ILE A 1 94  ? -0.979  -14.356 7.241   1.00 18.46 ? 91  ILE A CA   1 
ATOM   720  C  C    . ILE A 1 94  ? -1.059  -15.880 7.164   1.00 18.19 ? 91  ILE A C    1 
ATOM   721  O  O    . ILE A 1 94  ? -0.255  -16.587 7.807   1.00 19.95 ? 91  ILE A O    1 
ATOM   722  C  CB   . ILE A 1 94  ? -0.383  -13.712 5.977   1.00 20.50 ? 91  ILE A CB   1 
ATOM   723  C  CG1  . ILE A 1 94  ? 1.146   -13.772 5.963   1.00 22.64 ? 91  ILE A CG1  1 
ATOM   724  C  CG2  . ILE A 1 94  ? -0.872  -12.271 5.865   1.00 24.08 ? 91  ILE A CG2  1 
ATOM   725  C  CD1  . ILE A 1 94  ? 1.706   -15.118 5.650   1.00 25.99 ? 91  ILE A CD1  1 
ATOM   726  N  N    . GLN A 1 95  ? -2.001  -16.359 6.366   1.00 15.47 ? 92  GLN A N    1 
ATOM   727  C  CA   . GLN A 1 95  ? -2.098  -17.773 5.965   1.00 14.71 ? 92  GLN A CA   1 
ATOM   728  C  C    . GLN A 1 95  ? -2.119  -17.868 4.463   1.00 14.97 ? 92  GLN A C    1 
ATOM   729  O  O    . GLN A 1 95  ? -2.572  -16.968 3.781   1.00 15.08 ? 92  GLN A O    1 
ATOM   730  C  CB   . GLN A 1 95  ? -3.370  -18.412 6.524   1.00 14.14 ? 92  GLN A CB   1 
ATOM   731  C  CG   . GLN A 1 95  ? -3.337  -18.522 8.033   1.00 15.17 ? 92  GLN A CG   1 
ATOM   732  C  CD   . GLN A 1 95  ? -4.676  -18.946 8.586   1.00 16.24 ? 92  GLN A CD   1 
ATOM   733  O  OE1  . GLN A 1 95  ? -4.917  -20.135 8.797   1.00 21.24 ? 92  GLN A OE1  1 
ATOM   734  N  NE2  . GLN A 1 95  ? -5.558  -18.008 8.750   1.00 17.33 ? 92  GLN A NE2  1 
ATOM   735  N  N    . GLY A 1 96  ? -1.603  -18.983 3.987   1.00 16.45 ? 93  GLY A N    1 
ATOM   736  C  CA   . GLY A 1 96  ? -1.393  -19.188 2.562   1.00 15.95 ? 93  GLY A CA   1 
ATOM   737  C  C    . GLY A 1 96  ? 0.020   -18.809 2.153   1.00 16.35 ? 93  GLY A C    1 
ATOM   738  O  O    . GLY A 1 96  ? 0.827   -18.300 2.966   1.00 18.11 ? 93  GLY A O    1 
ATOM   739  N  N    A THR A 1 97  ? 0.310   -19.115 0.895   0.50 16.91 ? 94  THR A N    1 
ATOM   740  N  N    B THR A 1 97  ? 0.326   -19.064 0.903   0.50 16.76 ? 94  THR A N    1 
ATOM   741  C  CA   A THR A 1 97  ? 1.569   -18.795 0.173   0.50 16.11 ? 94  THR A CA   1 
ATOM   742  C  CA   B THR A 1 97  ? 1.619   -18.669 0.305   0.50 15.87 ? 94  THR A CA   1 
ATOM   743  C  C    A THR A 1 97  ? 1.248   -17.714 -0.846  0.50 15.11 ? 94  THR A C    1 
ATOM   744  C  C    B THR A 1 97  ? 1.302   -17.754 -0.859  0.50 15.05 ? 94  THR A C    1 
ATOM   745  O  O    A THR A 1 97  ? 0.200   -17.750 -1.468  0.50 15.83 ? 94  THR A O    1 
ATOM   746  O  O    B THR A 1 97  ? 0.335   -17.958 -1.572  0.50 15.89 ? 94  THR A O    1 
ATOM   747  C  CB   A THR A 1 97  ? 2.117   -20.004 -0.595  0.50 16.40 ? 94  THR A CB   1 
ATOM   748  C  CB   B THR A 1 97  ? 2.447   -19.886 -0.108  0.50 16.45 ? 94  THR A CB   1 
ATOM   749  O  OG1  A THR A 1 97  ? 2.203   -21.114 0.306   0.50 18.37 ? 94  THR A OG1  1 
ATOM   750  O  OG1  B THR A 1 97  ? 1.668   -20.714 -0.971  0.50 19.28 ? 94  THR A OG1  1 
ATOM   751  C  CG2  A THR A 1 97  ? 3.455   -19.717 -1.245  0.50 16.37 ? 94  THR A CG2  1 
ATOM   752  C  CG2  B THR A 1 97  ? 2.908   -20.690 1.089   0.50 15.49 ? 94  THR A CG2  1 
ATOM   753  N  N    . PRO A 1 98  ? 2.110   -16.709 -1.071  1.00 14.20 ? 95  PRO A N    1 
ATOM   754  C  CA   . PRO A 1 98  ? 1.796   -15.705 -2.082  1.00 14.85 ? 95  PRO A CA   1 
ATOM   755  C  C    . PRO A 1 98  ? 1.669   -16.359 -3.455  1.00 14.20 ? 95  PRO A C    1 
ATOM   756  O  O    . PRO A 1 98  ? 2.458   -17.247 -3.833  1.00 17.41 ? 95  PRO A O    1 
ATOM   757  C  CB   . PRO A 1 98  ? 2.974   -14.735 -2.001  1.00 15.23 ? 95  PRO A CB   1 
ATOM   758  C  CG   . PRO A 1 98  ? 3.553   -14.958 -0.614  1.00 15.73 ? 95  PRO A CG   1 
ATOM   759  C  CD   . PRO A 1 98  ? 3.356   -16.425 -0.354  1.00 14.87 ? 95  PRO A CD   1 
ATOM   760  N  N    A VAL A 1 99  ? 0.684   -15.931 -4.218  0.50 14.96 ? 96  VAL A N    1 
ATOM   761  N  N    B VAL A 1 99  ? 0.702   -15.828 -4.202  0.50 13.17 ? 96  VAL A N    1 
ATOM   762  C  CA   A VAL A 1 99  ? 0.448   -16.527 -5.557  0.50 15.23 ? 96  VAL A CA   1 
ATOM   763  C  CA   B VAL A 1 99  ? 0.221   -16.308 -5.529  0.50 12.32 ? 96  VAL A CA   1 
ATOM   764  C  C    A VAL A 1 99  ? 0.603   -15.418 -6.595  0.50 14.21 ? 96  VAL A C    1 
ATOM   765  C  C    B VAL A 1 99  ? 0.651   -15.303 -6.601  0.50 12.38 ? 96  VAL A C    1 
ATOM   766  O  O    A VAL A 1 99  ? 0.065   -14.313 -6.413  0.50 14.11 ? 96  VAL A O    1 
ATOM   767  O  O    B VAL A 1 99  ? 0.262   -14.144 -6.501  0.50 12.76 ? 96  VAL A O    1 
ATOM   768  C  CB   A VAL A 1 99  ? -0.905  -17.256 -5.616  0.50 16.76 ? 96  VAL A CB   1 
ATOM   769  C  CB   B VAL A 1 99  ? -1.310  -16.471 -5.526  0.50 11.97 ? 96  VAL A CB   1 
ATOM   770  C  CG1  A VAL A 1 99  ? -1.054  -18.272 -4.486  0.50 18.13 ? 96  VAL A CG1  1 
ATOM   771  C  CG1  B VAL A 1 99  ? -1.815  -16.731 -6.934  0.50 11.87 ? 96  VAL A CG1  1 
ATOM   772  C  CG2  A VAL A 1 99  ? -2.042  -16.262 -5.588  0.50 17.62 ? 96  VAL A CG2  1 
ATOM   773  C  CG2  B VAL A 1 99  ? -1.773  -17.572 -4.584  0.50 11.59 ? 96  VAL A CG2  1 
ATOM   774  N  N    . GLU A 1 100 ? 1.319   -15.764 -7.646  1.00 13.04 ? 97  GLU A N    1 
ATOM   775  C  CA   . GLU A 1 100 ? 1.517   -14.943 -8.858  1.00 12.02 ? 97  GLU A CA   1 
ATOM   776  C  C    . GLU A 1 100 ? 0.322   -15.145 -9.765  1.00 11.60 ? 97  GLU A C    1 
ATOM   777  O  O    . GLU A 1 100 ? -0.076  -16.321 -10.054 1.00 13.74 ? 97  GLU A O    1 
ATOM   778  C  CB   . GLU A 1 100 ? 2.812   -15.258 -9.628  1.00 12.43 ? 97  GLU A CB   1 
ATOM   779  C  CG   . GLU A 1 100 ? 2.921   -14.394 -10.895 1.00 13.47 ? 97  GLU A CG   1 
ATOM   780  C  CD   . GLU A 1 100 ? 4.294   -14.385 -11.575 1.00 13.64 ? 97  GLU A CD   1 
ATOM   781  O  OE1  . GLU A 1 100 ? 5.099   -15.186 -11.168 1.00 14.02 ? 97  GLU A OE1  1 
ATOM   782  O  OE2  . GLU A 1 100 ? 4.505   -13.562 -12.479 1.00 14.87 ? 97  GLU A OE2  1 
ATOM   783  N  N    . SER A 1 101 ? -0.235  -14.048 -10.242 1.00 11.47 ? 98  SER A N    1 
ATOM   784  C  CA   . SER A 1 101 ? -1.377  -14.064 -11.181 1.00 12.49 ? 98  SER A CA   1 
ATOM   785  C  C    . SER A 1 101 ? -1.069  -13.194 -12.388 1.00 12.77 ? 98  SER A C    1 
ATOM   786  O  O    . SER A 1 101 ? -0.013  -12.503 -12.457 1.00 12.86 ? 98  SER A O    1 
ATOM   787  C  CB   . SER A 1 101 ? -2.620  -13.599 -10.506 1.00 12.75 ? 98  SER A CB   1 
ATOM   788  O  OG   . SER A 1 101 ? -2.481  -12.221 -10.158 1.00 14.79 ? 98  SER A OG   1 
ATOM   789  N  N    . ASP A 1 102 ? -1.992  -13.111 -13.328 1.00 13.31 ? 99  ASP A N    1 
ATOM   790  C  CA   . ASP A 1 102 ? -1.857  -12.200 -14.483 1.00 13.99 ? 99  ASP A CA   1 
ATOM   791  C  C    . ASP A 1 102 ? -1.761  -10.746 -14.011 1.00 14.75 ? 99  ASP A C    1 
ATOM   792  O  O    . ASP A 1 102 ? -1.299  -9.899  -14.785 1.00 17.12 ? 99  ASP A O    1 
ATOM   793  C  CB   . ASP A 1 102 ? -3.069  -12.350 -15.408 1.00 15.45 ? 99  ASP A CB   1 
ATOM   794  C  CG   . ASP A 1 102 ? -4.417  -12.021 -14.801 1.00 15.69 ? 99  ASP A CG   1 
ATOM   795  O  OD1  . ASP A 1 102 ? -4.657  -12.266 -13.623 1.00 15.46 ? 99  ASP A OD1  1 
ATOM   796  O  OD2  . ASP A 1 102 ? -5.266  -11.525 -15.561 1.00 19.02 ? 99  ASP A OD2  1 
ATOM   797  N  N    . GLU A 1 103 ? -2.278  -10.419 -12.832 1.00 13.59 ? 100 GLU A N    1 
ATOM   798  C  CA   . GLU A 1 103 ? -2.352  -9.011  -12.351 1.00 16.15 ? 100 GLU A CA   1 
ATOM   799  C  C    . GLU A 1 103 ? -1.143  -8.655  -11.485 1.00 14.02 ? 100 GLU A C    1 
ATOM   800  O  O    . GLU A 1 103 ? -0.844  -7.476  -11.329 1.00 14.43 ? 100 GLU A O    1 
ATOM   801  C  CB   . GLU A 1 103 ? -3.617  -8.784  -11.524 1.00 17.78 ? 100 GLU A CB   1 
ATOM   802  C  CG   . GLU A 1 103 ? -4.919  -8.923  -12.316 1.00 22.96 ? 100 GLU A CG   1 
ATOM   803  C  CD   . GLU A 1 103 ? -5.179  -7.827  -13.349 1.00 27.87 ? 100 GLU A CD   1 
ATOM   804  O  OE1  . GLU A 1 103 ? -4.445  -6.817  -13.340 1.00 30.49 ? 100 GLU A OE1  1 
ATOM   805  O  OE2  . GLU A 1 103 ? -6.131  -7.989  -14.189 1.00 33.56 ? 100 GLU A OE2  1 
ATOM   806  N  N    . MET A 1 104 ? -0.493  -9.634  -10.852 1.00 12.54 ? 101 MET A N    1 
ATOM   807  C  CA   . MET A 1 104 ? 0.376   -9.283  -9.712  1.00 12.46 ? 101 MET A CA   1 
ATOM   808  C  C    . MET A 1 104 ? 1.448   -10.358 -9.520  1.00 12.44 ? 101 MET A C    1 
ATOM   809  O  O    . MET A 1 104 ? 1.084   -11.550 -9.521  1.00 12.46 ? 101 MET A O    1 
ATOM   810  C  CB   . MET A 1 104 ? -0.484  -9.167  -8.464  1.00 14.20 ? 101 MET A CB   1 
ATOM   811  C  CG   . MET A 1 104 ? 0.215   -8.593  -7.315  1.00 14.27 ? 101 MET A CG   1 
ATOM   812  S  SD   . MET A 1 104 ? 0.714   -6.839  -7.441  1.00 14.83 ? 101 MET A SD   1 
ATOM   813  C  CE   . MET A 1 104 ? -0.831  -5.989  -7.193  1.00 17.12 ? 101 MET A CE   1 
ATOM   814  N  N    . ARG A 1 105 ? 2.700   -9.969  -9.268  1.00 12.07 ? 102 ARG A N    1 
ATOM   815  C  CA   . ARG A 1 105 ? 3.819   -10.888 -8.920  1.00 12.21 ? 102 ARG A CA   1 
ATOM   816  C  C    . ARG A 1 105 ? 4.325   -10.534 -7.523  1.00 11.78 ? 102 ARG A C    1 
ATOM   817  O  O    . ARG A 1 105 ? 5.103   -9.581  -7.385  1.00 10.42 ? 102 ARG A O    1 
ATOM   818  C  CB   . ARG A 1 105 ? 4.919   -10.786 -9.969  1.00 12.99 ? 102 ARG A CB   1 
ATOM   819  C  CG   . ARG A 1 105 ? 6.116   -11.694 -9.724  1.00 14.89 ? 102 ARG A CG   1 
ATOM   820  C  CD   . ARG A 1 105 ? 7.054   -11.717 -10.908 1.00 17.30 ? 102 ARG A CD   1 
ATOM   821  N  NE   . ARG A 1 105 ? 7.624   -10.464 -11.331 1.00 17.34 ? 102 ARG A NE   1 
ATOM   822  C  CZ   . ARG A 1 105 ? 8.798   -9.933  -10.955 1.00 18.74 ? 102 ARG A CZ   1 
ATOM   823  N  NH1  . ARG A 1 105 ? 9.576   -10.576 -10.118 1.00 20.17 ? 102 ARG A NH1  1 
ATOM   824  N  NH2  . ARG A 1 105 ? 9.182   -8.748  -11.422 1.00 22.70 ? 102 ARG A NH2  1 
ATOM   825  N  N    . PRO A 1 106 ? 3.869   -11.220 -6.463  1.00 12.96 ? 103 PRO A N    1 
ATOM   826  C  CA   . PRO A 1 106 ? 4.420   -11.013 -5.120  1.00 13.31 ? 103 PRO A CA   1 
ATOM   827  C  C    . PRO A 1 106 ? 5.853   -11.518 -4.958  1.00 13.41 ? 103 PRO A C    1 
ATOM   828  O  O    . PRO A 1 106 ? 6.234   -12.541 -5.498  1.00 15.05 ? 103 PRO A O    1 
ATOM   829  C  CB   . PRO A 1 106 ? 3.520   -11.824 -4.194  1.00 13.67 ? 103 PRO A CB   1 
ATOM   830  C  CG   . PRO A 1 106 ? 2.225   -12.063 -4.963  1.00 16.71 ? 103 PRO A CG   1 
ATOM   831  C  CD   . PRO A 1 106 ? 2.670   -12.112 -6.421  1.00 14.01 ? 103 PRO A CD   1 
ATOM   832  N  N    A CYS A 1 107 ? 6.686   -10.759 -4.233  0.50 13.75 ? 104 CYS A N    1 
ATOM   833  N  N    B CYS A 1 107 ? 6.574   -10.847 -4.076  0.50 12.44 ? 104 CYS A N    1 
ATOM   834  C  CA   A CYS A 1 107 ? 8.039   -11.181 -3.785  0.50 13.30 ? 104 CYS A CA   1 
ATOM   835  C  CA   B CYS A 1 107 ? 7.918   -11.276 -3.674  0.50 11.09 ? 104 CYS A CA   1 
ATOM   836  C  C    A CYS A 1 107 ? 8.309   -10.659 -2.366  0.50 12.96 ? 104 CYS A C    1 
ATOM   837  C  C    B CYS A 1 107 ? 8.254   -10.682 -2.315  0.50 11.75 ? 104 CYS A C    1 
ATOM   838  O  O    A CYS A 1 107 ? 7.932   -9.514  -2.090  0.50 12.46 ? 104 CYS A O    1 
ATOM   839  O  O    B CYS A 1 107 ? 7.869   -9.548  -2.033  0.50 11.36 ? 104 CYS A O    1 
ATOM   840  C  CB   A CYS A 1 107 ? 9.129   -10.633 -4.696  0.50 14.43 ? 104 CYS A CB   1 
ATOM   841  C  CB   B CYS A 1 107 ? 8.950   -10.823 -4.682  0.50 10.64 ? 104 CYS A CB   1 
ATOM   842  S  SG   A CYS A 1 107 ? 9.235   -11.400 -6.338  0.50 22.00 ? 104 CYS A SG   1 
ATOM   843  S  SG   B CYS A 1 107 ? 10.494  -11.746 -4.575  0.50 13.60 ? 104 CYS A SG   1 
ATOM   844  N  N    . TRP A 1 108 ? 8.923   -11.479 -1.499  1.00 12.75 ? 105 TRP A N    1 
ATOM   845  C  CA   . TRP A 1 108 ? 9.469   -11.040 -0.210  1.00 12.91 ? 105 TRP A CA   1 
ATOM   846  C  C    . TRP A 1 108 ? 10.716  -10.218 -0.445  1.00 14.64 ? 105 TRP A C    1 
ATOM   847  O  O    . TRP A 1 108 ? 11.566  -10.620 -1.291  1.00 16.38 ? 105 TRP A O    1 
ATOM   848  C  CB   . TRP A 1 108 ? 9.746   -12.229 0.688   1.00 12.89 ? 105 TRP A CB   1 
ATOM   849  C  CG   . TRP A 1 108 ? 8.544   -12.961 1.174   1.00 13.42 ? 105 TRP A CG   1 
ATOM   850  C  CD1  . TRP A 1 108 ? 8.073   -14.176 0.748   1.00 13.31 ? 105 TRP A CD1  1 
ATOM   851  C  CD2  . TRP A 1 108 ? 7.638   -12.530 2.197   1.00 13.23 ? 105 TRP A CD2  1 
ATOM   852  N  NE1  . TRP A 1 108 ? 6.982   -14.547 1.453   1.00 14.70 ? 105 TRP A NE1  1 
ATOM   853  C  CE2  . TRP A 1 108 ? 6.654   -13.530 2.329   1.00 13.21 ? 105 TRP A CE2  1 
ATOM   854  C  CE3  . TRP A 1 108 ? 7.591   -11.409 3.032   1.00 13.14 ? 105 TRP A CE3  1 
ATOM   855  C  CZ2  . TRP A 1 108 ? 5.649   -13.456 3.289   1.00 14.58 ? 105 TRP A CZ2  1 
ATOM   856  C  CZ3  . TRP A 1 108 ? 6.569   -11.322 3.942   1.00 14.85 ? 105 TRP A CZ3  1 
ATOM   857  C  CH2  . TRP A 1 108 ? 5.630   -12.331 4.075   1.00 14.03 ? 105 TRP A CH2  1 
ATOM   858  N  N    . PHE A 1 109 ? 10.914  -9.185  0.366   1.00 14.32 ? 106 PHE A N    1 
ATOM   859  C  CA   . PHE A 1 109 ? 12.139  -8.344  0.376   1.00 13.84 ? 106 PHE A CA   1 
ATOM   860  C  C    . PHE A 1 109 ? 12.660  -8.202  1.795   1.00 14.45 ? 106 PHE A C    1 
ATOM   861  O  O    . PHE A 1 109 ? 11.929  -7.941  2.748   1.00 15.77 ? 106 PHE A O    1 
ATOM   862  C  CB   . PHE A 1 109 ? 11.835  -6.931  -0.094  1.00 14.18 ? 106 PHE A CB   1 
ATOM   863  C  CG   . PHE A 1 109 ? 11.472  -6.854  -1.553  1.00 13.21 ? 106 PHE A CG   1 
ATOM   864  C  CD1  . PHE A 1 109 ? 10.183  -7.168  -1.959  1.00 13.22 ? 106 PHE A CD1  1 
ATOM   865  C  CD2  . PHE A 1 109 ? 12.449  -6.579  -2.500  1.00 13.41 ? 106 PHE A CD2  1 
ATOM   866  C  CE1  . PHE A 1 109 ? 9.876   -7.116  -3.308  1.00 13.04 ? 106 PHE A CE1  1 
ATOM   867  C  CE2  . PHE A 1 109 ? 12.135  -6.562  -3.836  1.00 13.68 ? 106 PHE A CE2  1 
ATOM   868  C  CZ   . PHE A 1 109 ? 10.845  -6.840  -4.228  1.00 13.48 ? 106 PHE A CZ   1 
ATOM   869  N  N    . GLN A 1 110 ? 13.973  -8.366  1.944   1.00 15.66 ? 107 GLN A N    1 
ATOM   870  C  CA   . GLN A 1 110 ? 14.647  -7.984  3.198   1.00 16.43 ? 107 GLN A CA   1 
ATOM   871  C  C    . GLN A 1 110 ? 14.480  -6.478  3.393   1.00 15.06 ? 107 GLN A C    1 
ATOM   872  O  O    . GLN A 1 110 ? 14.403  -5.764  2.381   1.00 15.40 ? 107 GLN A O    1 
ATOM   873  C  CB   . GLN A 1 110 ? 16.136  -8.336  3.130   1.00 18.03 ? 107 GLN A CB   1 
ATOM   874  C  CG   . GLN A 1 110 ? 16.409  -9.829  3.019   1.00 21.24 ? 107 GLN A CG   1 
ATOM   875  C  CD   . GLN A 1 110 ? 15.867  -10.582 4.202   1.00 26.15 ? 107 GLN A CD   1 
ATOM   876  O  OE1  . GLN A 1 110 ? 14.844  -11.272 4.146   1.00 28.94 ? 107 GLN A OE1  1 
ATOM   877  N  NE2  . GLN A 1 110 ? 16.528  -10.399 5.332   1.00 28.99 ? 107 GLN A NE2  1 
ATOM   878  N  N    . LEU A 1 111 ? 14.414  -6.024  4.638   1.00 15.79 ? 108 LEU A N    1 
ATOM   879  C  CA   . LEU A 1 111 ? 13.996  -4.624  4.906   1.00 18.08 ? 108 LEU A CA   1 
ATOM   880  C  C    . LEU A 1 111 ? 15.014  -3.630  4.345   1.00 22.19 ? 108 LEU A C    1 
ATOM   881  O  O    . LEU A 1 111 ? 14.595  -2.552  3.878   1.00 26.51 ? 108 LEU A O    1 
ATOM   882  C  CB   . LEU A 1 111 ? 13.726  -4.450  6.396   1.00 19.60 ? 108 LEU A CB   1 
ATOM   883  C  CG   . LEU A 1 111 ? 12.629  -5.339  6.966   1.00 20.64 ? 108 LEU A CG   1 
ATOM   884  C  CD1  . LEU A 1 111 ? 12.354  -5.026  8.431   1.00 22.46 ? 108 LEU A CD1  1 
ATOM   885  C  CD2  . LEU A 1 111 ? 11.331  -5.202  6.175   1.00 20.85 ? 108 LEU A CD2  1 
ATOM   886  N  N    A ASP A 1 112 ? 16.287  -4.025  4.282   0.50 21.87 ? 109 ASP A N    1 
ATOM   887  N  N    B ASP A 1 112 ? 16.288  -4.003  4.286   0.50 20.59 ? 109 ASP A N    1 
ATOM   888  C  CA   A ASP A 1 112 ? 17.393  -3.181  3.758   0.50 23.90 ? 109 ASP A CA   1 
ATOM   889  C  CA   B ASP A 1 112 ? 17.352  -3.108  3.765   0.50 21.71 ? 109 ASP A CA   1 
ATOM   890  C  C    A ASP A 1 112 ? 17.523  -3.328  2.236   0.50 23.89 ? 109 ASP A C    1 
ATOM   891  C  C    B ASP A 1 112 ? 17.378  -3.135  2.230   0.50 22.54 ? 109 ASP A C    1 
ATOM   892  O  O    A ASP A 1 112 ? 18.513  -2.826  1.682   0.50 23.16 ? 109 ASP A O    1 
ATOM   893  O  O    B ASP A 1 112 ? 18.136  -2.310  1.679   0.50 21.91 ? 109 ASP A O    1 
ATOM   894  C  CB   A ASP A 1 112 ? 18.715  -3.507  4.462   0.50 25.26 ? 109 ASP A CB   1 
ATOM   895  C  CB   B ASP A 1 112 ? 18.720  -3.466  4.357   0.50 21.30 ? 109 ASP A CB   1 
ATOM   896  C  CG   A ASP A 1 112 ? 19.021  -4.987  4.662   0.50 27.03 ? 109 ASP A CG   1 
ATOM   897  C  CG   B ASP A 1 112 ? 18.927  -2.978  5.787   0.50 22.54 ? 109 ASP A CG   1 
ATOM   898  O  OD1  A ASP A 1 112 ? 18.078  -5.774  4.982   0.50 28.46 ? 109 ASP A OD1  1 
ATOM   899  O  OD1  B ASP A 1 112 ? 18.057  -2.233  6.294   0.50 21.26 ? 109 ASP A OD1  1 
ATOM   900  O  OD2  A ASP A 1 112 ? 20.211  -5.348  4.515   0.50 30.09 ? 109 ASP A OD2  1 
ATOM   901  O  OD2  B ASP A 1 112 ? 19.982  -3.334  6.381   0.50 19.90 ? 109 ASP A OD2  1 
ATOM   902  N  N    . GLN A 1 113 ? 16.576  -4.000  1.565   1.00 20.72 ? 110 GLN A N    1 
ATOM   903  C  CA   . GLN A 1 113 ? 16.604  -4.157  0.086   1.00 21.62 ? 110 GLN A CA   1 
ATOM   904  C  C    . GLN A 1 113 ? 15.258  -3.730  -0.530  1.00 16.81 ? 110 GLN A C    1 
ATOM   905  O  O    . GLN A 1 113 ? 14.938  -4.134  -1.650  1.00 18.57 ? 110 GLN A O    1 
ATOM   906  C  CB   . GLN A 1 113 ? 16.981  -5.599  -0.254  1.00 23.95 ? 110 GLN A CB   1 
ATOM   907  C  CG   . GLN A 1 113 ? 18.332  -5.990  0.349   1.00 30.51 ? 110 GLN A CG   1 
ATOM   908  C  CD   . GLN A 1 113 ? 18.774  -7.397  0.012   1.00 36.99 ? 110 GLN A CD   1 
ATOM   909  O  OE1  . GLN A 1 113 ? 18.067  -8.381  0.242   1.00 41.85 ? 110 GLN A OE1  1 
ATOM   910  N  NE2  . GLN A 1 113 ? 19.989  -7.509  -0.500  1.00 40.83 ? 110 GLN A NE2  1 
ATOM   911  N  N    . ILE A 1 114 ? 14.491  -2.906  0.162   1.00 16.18 ? 111 ILE A N    1 
ATOM   912  C  CA   . ILE A 1 114 ? 13.200  -2.423  -0.379  1.00 14.84 ? 111 ILE A CA   1 
ATOM   913  C  C    . ILE A 1 114 ? 13.472  -1.614  -1.638  1.00 13.46 ? 111 ILE A C    1 
ATOM   914  O  O    . ILE A 1 114 ? 14.345  -0.738  -1.628  1.00 13.99 ? 111 ILE A O    1 
ATOM   915  C  CB   . ILE A 1 114 ? 12.434  -1.662  0.712   1.00 15.75 ? 111 ILE A CB   1 
ATOM   916  C  CG1  . ILE A 1 114 ? 11.951  -2.658  1.787   1.00 17.28 ? 111 ILE A CG1  1 
ATOM   917  C  CG2  . ILE A 1 114 ? 11.281  -0.865  0.111   1.00 15.65 ? 111 ILE A CG2  1 
ATOM   918  C  CD1  . ILE A 1 114 ? 11.557  -1.972  3.045   1.00 20.50 ? 111 ILE A CD1  1 
ATOM   919  N  N    . PRO A 1 115 ? 12.811  -1.942  -2.770  1.00 12.61 ? 112 PRO A N    1 
ATOM   920  C  CA   . PRO A 1 115 ? 13.195  -1.450  -4.092  1.00 12.79 ? 112 PRO A CA   1 
ATOM   921  C  C    . PRO A 1 115 ? 12.598  -0.065  -4.389  1.00 11.91 ? 112 PRO A C    1 
ATOM   922  O  O    . PRO A 1 115 ? 11.858  0.092   -5.329  1.00 12.60 ? 112 PRO A O    1 
ATOM   923  C  CB   . PRO A 1 115 ? 12.655  -2.558  -5.002  1.00 13.66 ? 112 PRO A CB   1 
ATOM   924  C  CG   . PRO A 1 115 ? 11.408  -2.984  -4.327  1.00 14.22 ? 112 PRO A CG   1 
ATOM   925  C  CD   . PRO A 1 115 ? 11.777  -2.996  -2.853  1.00 12.89 ? 112 PRO A CD   1 
ATOM   926  N  N    . PHE A 1 116 ? 13.025  0.924   -3.619  1.00 12.36 ? 113 PHE A N    1 
ATOM   927  C  CA   . PHE A 1 116 ? 12.421  2.268   -3.703  1.00 13.63 ? 113 PHE A CA   1 
ATOM   928  C  C    . PHE A 1 116 ? 12.482  2.864   -5.124  1.00 12.68 ? 113 PHE A C    1 
ATOM   929  O  O    . PHE A 1 116 ? 11.600  3.650   -5.475  1.00 13.97 ? 113 PHE A O    1 
ATOM   930  C  CB   . PHE A 1 116 ? 13.022  3.220   -2.653  1.00 14.14 ? 113 PHE A CB   1 
ATOM   931  C  CG   . PHE A 1 116 ? 12.591  2.904   -1.248  1.00 15.48 ? 113 PHE A CG   1 
ATOM   932  C  CD1  . PHE A 1 116 ? 11.271  3.128   -0.873  1.00 13.96 ? 113 PHE A CD1  1 
ATOM   933  C  CD2  . PHE A 1 116 ? 13.486  2.460   -0.294  1.00 15.42 ? 113 PHE A CD2  1 
ATOM   934  C  CE1  . PHE A 1 116 ? 10.852  2.830   0.407   1.00 16.38 ? 113 PHE A CE1  1 
ATOM   935  C  CE2  . PHE A 1 116 ? 13.076  2.196   1.004   1.00 16.23 ? 113 PHE A CE2  1 
ATOM   936  C  CZ   . PHE A 1 116 ? 11.744  2.339   1.333   1.00 15.88 ? 113 PHE A CZ   1 
ATOM   937  N  N    . LYS A 1 117 ? 13.545  2.595   -5.886  1.00 14.88 ? 114 LYS A N    1 
ATOM   938  C  CA   . LYS A 1 117 ? 13.669  3.187   -7.239  1.00 16.39 ? 114 LYS A CA   1 
ATOM   939  C  C    . LYS A 1 117 ? 12.576  2.658   -8.155  1.00 14.84 ? 114 LYS A C    1 
ATOM   940  O  O    . LYS A 1 117 ? 12.283  3.299   -9.156  1.00 19.02 ? 114 LYS A O    1 
ATOM   941  C  CB   . LYS A 1 117 ? 15.054  2.866   -7.820  1.00 21.65 ? 114 LYS A CB   1 
ATOM   942  C  CG   . LYS A 1 117 ? 15.241  1.447   -8.359  1.00 29.80 ? 114 LYS A CG   1 
ATOM   943  C  CD   . LYS A 1 117 ? 16.677  0.904   -8.243  1.00 35.00 ? 114 LYS A CD   1 
ATOM   944  C  CE   . LYS A 1 117 ? 17.230  0.354   -9.541  1.00 39.70 ? 114 LYS A CE   1 
ATOM   945  N  NZ   . LYS A 1 117 ? 16.419  -0.776  -10.055 1.00 41.55 ? 114 LYS A NZ   1 
ATOM   946  N  N    A ASP A 1 118 ? 11.988  1.504   -7.816  0.50 14.42 ? 115 ASP A N    1 
ATOM   947  N  N    B ASP A 1 118 ? 11.997  1.496   -7.830  0.50 13.51 ? 115 ASP A N    1 
ATOM   948  C  CA   A ASP A 1 118 ? 10.954  0.836   -8.649  0.50 13.53 ? 115 ASP A CA   1 
ATOM   949  C  CA   B ASP A 1 118 ? 10.910  0.885   -8.642  0.50 12.14 ? 115 ASP A CA   1 
ATOM   950  C  C    A ASP A 1 118 ? 9.603   0.889   -7.913  0.50 12.58 ? 115 ASP A C    1 
ATOM   951  C  C    B ASP A 1 118 ? 9.640   0.825   -7.792  0.50 11.73 ? 115 ASP A C    1 
ATOM   952  O  O    A ASP A 1 118 ? 8.750   0.039   -8.205  0.50 11.49 ? 115 ASP A O    1 
ATOM   953  O  O    B ASP A 1 118 ? 8.911   -0.176  -7.830  0.50 10.59 ? 115 ASP A O    1 
ATOM   954  C  CB   A ASP A 1 118 ? 11.420  -0.575  -9.030  0.50 14.87 ? 115 ASP A CB   1 
ATOM   955  C  CB   B ASP A 1 118 ? 11.326  -0.470  -9.192  0.50 12.41 ? 115 ASP A CB   1 
ATOM   956  C  CG   A ASP A 1 118 ? 12.634  -0.620  -9.954  0.50 17.64 ? 115 ASP A CG   1 
ATOM   957  C  CG   B ASP A 1 118 ? 10.350  -0.967  -10.231 0.50 13.52 ? 115 ASP A CG   1 
ATOM   958  O  OD1  A ASP A 1 118 ? 12.718  0.223   -10.875 0.50 20.18 ? 115 ASP A OD1  1 
ATOM   959  O  OD1  B ASP A 1 118 ? 9.641   -0.116  -10.847 0.50 14.09 ? 115 ASP A OD1  1 
ATOM   960  O  OD2  A ASP A 1 118 ? 13.439  -1.560  -9.804  0.50 19.52 ? 115 ASP A OD2  1 
ATOM   961  O  OD2  B ASP A 1 118 ? 10.313  -2.192  -10.401 0.50 15.52 ? 115 ASP A OD2  1 
ATOM   962  N  N    . MET A 1 119 ? 9.413   1.889   -7.047  1.00 11.69 ? 116 MET A N    1 
ATOM   963  C  CA   . MET A 1 119 ? 8.177   2.109   -6.248  1.00 11.46 ? 116 MET A CA   1 
ATOM   964  C  C    . MET A 1 119 ? 7.711   3.534   -6.507  1.00 11.18 ? 116 MET A C    1 
ATOM   965  O  O    . MET A 1 119 ? 8.511   4.360   -6.958  1.00 12.52 ? 116 MET A O    1 
ATOM   966  C  CB   . MET A 1 119 ? 8.370   1.892   -4.755  1.00 10.28 ? 116 MET A CB   1 
ATOM   967  C  CG   . MET A 1 119 ? 8.734   0.470   -4.462  1.00 11.73 ? 116 MET A CG   1 
ATOM   968  S  SD   . MET A 1 119 ? 9.398   0.122   -2.847  1.00 12.42 ? 116 MET A SD   1 
ATOM   969  C  CE   . MET A 1 119 ? 7.908   0.323   -1.869  1.00 13.28 ? 116 MET A CE   1 
ATOM   970  N  N    . TRP A 1 120 ? 6.443   3.831   -6.257  1.00 11.09 ? 117 TRP A N    1 
ATOM   971  C  CA   . TRP A 1 120 ? 5.992   5.224   -6.292  1.00 11.08 ? 117 TRP A CA   1 
ATOM   972  C  C    . TRP A 1 120 ? 6.902   6.077   -5.413  1.00 10.88 ? 117 TRP A C    1 
ATOM   973  O  O    . TRP A 1 120 ? 7.316   5.645   -4.338  1.00 11.74 ? 117 TRP A O    1 
ATOM   974  C  CB   . TRP A 1 120 ? 4.540   5.313   -5.815  1.00 10.96 ? 117 TRP A CB   1 
ATOM   975  C  CG   . TRP A 1 120 ? 3.507   4.768   -6.739  1.00 12.04 ? 117 TRP A CG   1 
ATOM   976  C  CD1  . TRP A 1 120 ? 3.037   3.488   -6.824  1.00 11.80 ? 117 TRP A CD1  1 
ATOM   977  C  CD2  . TRP A 1 120 ? 2.756   5.551   -7.668  1.00 13.40 ? 117 TRP A CD2  1 
ATOM   978  N  NE1  . TRP A 1 120 ? 2.045   3.426   -7.765  1.00 13.77 ? 117 TRP A NE1  1 
ATOM   979  C  CE2  . TRP A 1 120 ? 1.860   4.668   -8.282  1.00 13.01 ? 117 TRP A CE2  1 
ATOM   980  C  CE3  . TRP A 1 120 ? 2.717   6.914   -7.994  1.00 14.28 ? 117 TRP A CE3  1 
ATOM   981  C  CZ2  . TRP A 1 120 ? 0.930   5.119   -9.214  1.00 15.70 ? 117 TRP A CZ2  1 
ATOM   982  C  CZ3  . TRP A 1 120 ? 1.802   7.346   -8.927  1.00 16.49 ? 117 TRP A CZ3  1 
ATOM   983  C  CH2  . TRP A 1 120 ? 0.939   6.450   -9.529  1.00 15.72 ? 117 TRP A CH2  1 
ATOM   984  N  N    . PRO A 1 121 ? 7.205   7.313   -5.836  1.00 11.42 ? 118 PRO A N    1 
ATOM   985  C  CA   . PRO A 1 121 ? 8.237   8.077   -5.145  1.00 11.31 ? 118 PRO A CA   1 
ATOM   986  C  C    . PRO A 1 121 ? 7.861   8.498   -3.726  1.00 11.96 ? 118 PRO A C    1 
ATOM   987  O  O    . PRO A 1 121 ? 8.723   8.645   -2.884  1.00 13.01 ? 118 PRO A O    1 
ATOM   988  C  CB   . PRO A 1 121 ? 8.459   9.294   -6.040  1.00 12.67 ? 118 PRO A CB   1 
ATOM   989  C  CG   . PRO A 1 121 ? 7.232   9.363   -6.878  1.00 12.53 ? 118 PRO A CG   1 
ATOM   990  C  CD   . PRO A 1 121 ? 6.805   7.929   -7.099  1.00 12.24 ? 118 PRO A CD   1 
ATOM   991  N  N    . ASP A 1 122 ? 6.575   8.633   -3.449  1.00 11.46 ? 119 ASP A N    1 
ATOM   992  C  CA   . ASP A 1 122 ? 6.135   8.987   -2.088  1.00 11.19 ? 119 ASP A CA   1 
ATOM   993  C  C    . ASP A 1 122 ? 6.503   7.879   -1.081  1.00 10.73 ? 119 ASP A C    1 
ATOM   994  O  O    . ASP A 1 122 ? 6.623   8.145   0.132   1.00 10.28 ? 119 ASP A O    1 
ATOM   995  C  CB   . ASP A 1 122 ? 4.629   9.244   -2.018  1.00 12.05 ? 119 ASP A CB   1 
ATOM   996  C  CG   . ASP A 1 122 ? 3.825   8.076   -2.567  1.00 11.46 ? 119 ASP A CG   1 
ATOM   997  O  OD1  . ASP A 1 122 ? 3.991   7.840   -3.798  1.00 12.08 ? 119 ASP A OD1  1 
ATOM   998  O  OD2  . ASP A 1 122 ? 3.088   7.403   -1.804  1.00 12.56 ? 119 ASP A OD2  1 
ATOM   999  N  N    . ASP A 1 123 ? 6.632   6.640   -1.549  1.00 9.95  ? 120 ASP A N    1 
ATOM   1000 C  CA   . ASP A 1 123 ? 6.843   5.514   -0.622  1.00 10.33 ? 120 ASP A CA   1 
ATOM   1001 C  C    . ASP A 1 123 ? 8.178   5.704   0.105   1.00 10.18 ? 120 ASP A C    1 
ATOM   1002 O  O    . ASP A 1 123 ? 8.307   5.231   1.236   1.00 11.04 ? 120 ASP A O    1 
ATOM   1003 C  CB   . ASP A 1 123 ? 6.817   4.200   -1.372  1.00 9.88  ? 120 ASP A CB   1 
ATOM   1004 C  CG   . ASP A 1 123 ? 5.496   3.821   -1.992  1.00 12.23 ? 120 ASP A CG   1 
ATOM   1005 O  OD1  . ASP A 1 123 ? 4.608   4.716   -2.150  1.00 12.22 ? 120 ASP A OD1  1 
ATOM   1006 O  OD2  . ASP A 1 123 ? 5.338   2.628   -2.332  1.00 13.57 ? 120 ASP A OD2  1 
ATOM   1007 N  N    . SER A 1 124 ? 9.127   6.390   -0.499  1.00 11.26 ? 121 SER A N    1 
ATOM   1008 C  CA   . SER A 1 124 ? 10.435  6.662   0.145   1.00 12.06 ? 121 SER A CA   1 
ATOM   1009 C  C    . SER A 1 124 ? 10.231  7.494   1.419   1.00 11.98 ? 121 SER A C    1 
ATOM   1010 O  O    . SER A 1 124 ? 11.037  7.417   2.317   1.00 12.52 ? 121 SER A O    1 
ATOM   1011 C  CB   . SER A 1 124 ? 11.330  7.392   -0.815  1.00 13.80 ? 121 SER A CB   1 
ATOM   1012 O  OG   . SER A 1 124 ? 11.725  6.519   -1.882  1.00 17.57 ? 121 SER A OG   1 
ATOM   1013 N  N    . TYR A 1 125 ? 9.184   8.299   1.480   1.00 11.35 ? 122 TYR A N    1 
ATOM   1014 C  CA   . TYR A 1 125 ? 8.858   9.127   2.657   1.00 11.56 ? 122 TYR A CA   1 
ATOM   1015 C  C    . TYR A 1 125 ? 8.146   8.337   3.742   1.00 11.00 ? 122 TYR A C    1 
ATOM   1016 O  O    . TYR A 1 125 ? 8.507   8.449   4.922   1.00 12.09 ? 122 TYR A O    1 
ATOM   1017 C  CB   . TYR A 1 125 ? 7.981   10.316  2.254   1.00 12.24 ? 122 TYR A CB   1 
ATOM   1018 C  CG   . TYR A 1 125 ? 8.701   11.334  1.437   1.00 13.61 ? 122 TYR A CG   1 
ATOM   1019 C  CD1  . TYR A 1 125 ? 9.415   12.309  2.101   1.00 15.75 ? 122 TYR A CD1  1 
ATOM   1020 C  CD2  . TYR A 1 125 ? 8.679   11.341  0.058   1.00 13.62 ? 122 TYR A CD2  1 
ATOM   1021 C  CE1  . TYR A 1 125 ? 10.113  13.273  1.399   1.00 17.96 ? 122 TYR A CE1  1 
ATOM   1022 C  CE2  . TYR A 1 125 ? 9.371   12.304  -0.663  1.00 16.56 ? 122 TYR A CE2  1 
ATOM   1023 C  CZ   . TYR A 1 125 ? 10.065  13.277  0.024   1.00 17.44 ? 122 TYR A CZ   1 
ATOM   1024 O  OH   . TYR A 1 125 ? 10.771  14.267  -0.606  1.00 20.26 ? 122 TYR A OH   1 
ATOM   1025 N  N    . TRP A 1 126 ? 7.104   7.580   3.422   1.00 10.54 ? 123 TRP A N    1 
ATOM   1026 C  CA   . TRP A 1 126 ? 6.253   6.961   4.475   1.00 11.32 ? 123 TRP A CA   1 
ATOM   1027 C  C    . TRP A 1 126 ? 6.617   5.527   4.797   1.00 11.68 ? 123 TRP A C    1 
ATOM   1028 O  O    . TRP A 1 126 ? 6.372   5.065   5.922   1.00 11.38 ? 123 TRP A O    1 
ATOM   1029 C  CB   . TRP A 1 126 ? 4.756   7.098   4.192   1.00 10.93 ? 123 TRP A CB   1 
ATOM   1030 C  CG   . TRP A 1 126 ? 4.267   6.539   2.891   1.00 10.63 ? 123 TRP A CG   1 
ATOM   1031 C  CD1  . TRP A 1 126 ? 4.113   7.194   1.706   1.00 10.55 ? 123 TRP A CD1  1 
ATOM   1032 C  CD2  . TRP A 1 126 ? 3.911   5.165   2.637   1.00 10.88 ? 123 TRP A CD2  1 
ATOM   1033 N  NE1  . TRP A 1 126 ? 3.593   6.342   0.773   1.00 11.33 ? 123 TRP A NE1  1 
ATOM   1034 C  CE2  . TRP A 1 126 ? 3.481   5.087   1.295   1.00 11.65 ? 123 TRP A CE2  1 
ATOM   1035 C  CE3  . TRP A 1 126 ? 3.862   4.005   3.428   1.00 12.08 ? 123 TRP A CE3  1 
ATOM   1036 C  CZ2  . TRP A 1 126 ? 3.016   3.909   0.718   1.00 13.81 ? 123 TRP A CZ2  1 
ATOM   1037 C  CZ3  . TRP A 1 126 ? 3.376   2.856   2.838   1.00 12.81 ? 123 TRP A CZ3  1 
ATOM   1038 C  CH2  . TRP A 1 126 ? 2.987   2.804   1.502   1.00 13.38 ? 123 TRP A CH2  1 
ATOM   1039 N  N    . PHE A 1 127 ? 7.232   4.796   3.883   1.00 11.40 ? 124 PHE A N    1 
ATOM   1040 C  CA   . PHE A 1 127 ? 7.573   3.391   4.176   1.00 12.73 ? 124 PHE A CA   1 
ATOM   1041 C  C    . PHE A 1 127 ? 8.522   3.325   5.363   1.00 13.45 ? 124 PHE A C    1 
ATOM   1042 O  O    . PHE A 1 127 ? 8.340   2.465   6.219   1.00 12.95 ? 124 PHE A O    1 
ATOM   1043 C  CB   . PHE A 1 127 ? 8.151   2.691   2.934   1.00 16.18 ? 124 PHE A CB   1 
ATOM   1044 C  CG   . PHE A 1 127 ? 7.659   1.306   2.712   1.00 18.72 ? 124 PHE A CG   1 
ATOM   1045 C  CD1  . PHE A 1 127 ? 8.362   0.258   3.285   1.00 23.72 ? 124 PHE A CD1  1 
ATOM   1046 C  CD2  . PHE A 1 127 ? 6.596   1.018   1.887   1.00 24.58 ? 124 PHE A CD2  1 
ATOM   1047 C  CE1  . PHE A 1 127 ? 7.949   -1.054  3.125   1.00 27.00 ? 124 PHE A CE1  1 
ATOM   1048 C  CE2  . PHE A 1 127 ? 6.232   -0.304  1.662   1.00 21.65 ? 124 PHE A CE2  1 
ATOM   1049 C  CZ   . PHE A 1 127 ? 6.889   -1.330  2.299   1.00 24.90 ? 124 PHE A CZ   1 
ATOM   1050 N  N    . PRO A 1 128 ? 9.552   4.189   5.478   1.00 12.86 ? 125 PRO A N    1 
ATOM   1051 C  CA   . PRO A 1 128 ? 10.440  4.109   6.638   1.00 14.75 ? 125 PRO A CA   1 
ATOM   1052 C  C    . PRO A 1 128 ? 9.715   4.337   7.970   1.00 13.73 ? 125 PRO A C    1 
ATOM   1053 O  O    . PRO A 1 128 ? 10.169  3.806   9.001   1.00 15.28 ? 125 PRO A O    1 
ATOM   1054 C  CB   . PRO A 1 128 ? 11.528  5.151   6.335   1.00 15.86 ? 125 PRO A CB   1 
ATOM   1055 C  CG   . PRO A 1 128 ? 11.548  5.223   4.820   1.00 15.43 ? 125 PRO A CG   1 
ATOM   1056 C  CD   . PRO A 1 128 ? 10.080  5.098   4.426   1.00 13.22 ? 125 PRO A CD   1 
ATOM   1057 N  N    . LEU A 1 129 ? 8.632   5.121   7.990   1.00 12.01 ? 126 LEU A N    1 
ATOM   1058 C  CA   . LEU A 1 129 ? 7.811   5.285   9.198   1.00 12.76 ? 126 LEU A CA   1 
ATOM   1059 C  C    . LEU A 1 129 ? 7.139   3.962   9.537   1.00 12.64 ? 126 LEU A C    1 
ATOM   1060 O  O    . LEU A 1 129 ? 7.138   3.539   10.712  1.00 12.74 ? 126 LEU A O    1 
ATOM   1061 C  CB   . LEU A 1 129 ? 6.774   6.381   8.966   1.00 13.07 ? 126 LEU A CB   1 
ATOM   1062 C  CG   . LEU A 1 129 ? 7.321   7.740   8.552   1.00 13.17 ? 126 LEU A CG   1 
ATOM   1063 C  CD1  . LEU A 1 129 ? 6.199   8.740   8.449   1.00 13.64 ? 126 LEU A CD1  1 
ATOM   1064 C  CD2  . LEU A 1 129 ? 8.395   8.252   9.516   1.00 15.88 ? 126 LEU A CD2  1 
ATOM   1065 N  N    A LEU A 1 130 ? 6.549   3.340   8.518   0.50 13.69 ? 127 LEU A N    1 
ATOM   1066 N  N    B LEU A 1 130 ? 6.567   3.241   8.582   0.50 12.48 ? 127 LEU A N    1 
ATOM   1067 C  CA   A LEU A 1 130 ? 5.907   2.006   8.630   0.50 15.05 ? 127 LEU A CA   1 
ATOM   1068 C  CA   B LEU A 1 130 ? 5.997   1.899   8.905   0.50 12.83 ? 127 LEU A CA   1 
ATOM   1069 C  C    A LEU A 1 130 ? 6.922   0.987   9.191   0.50 14.01 ? 127 LEU A C    1 
ATOM   1070 C  C    B LEU A 1 130 ? 7.068   0.952   9.417   0.50 12.91 ? 127 LEU A C    1 
ATOM   1071 O  O    A LEU A 1 130 ? 6.469   0.257   10.102  0.50 15.01 ? 127 LEU A O    1 
ATOM   1072 O  O    B LEU A 1 130 ? 6.861   0.110   10.348  0.50 11.68 ? 127 LEU A O    1 
ATOM   1073 C  CB   A LEU A 1 130 ? 5.291   1.624   7.275   0.50 16.62 ? 127 LEU A CB   1 
ATOM   1074 C  CB   B LEU A 1 130 ? 5.403   1.298   7.648   0.50 12.56 ? 127 LEU A CB   1 
ATOM   1075 C  CG   A LEU A 1 130 ? 4.407   0.375   7.264   0.50 18.79 ? 127 LEU A CG   1 
ATOM   1076 C  CG   B LEU A 1 130 ? 4.186   2.056   7.191   0.50 12.35 ? 127 LEU A CG   1 
ATOM   1077 C  CD1  A LEU A 1 130 ? 3.213   0.559   6.343   0.50 21.26 ? 127 LEU A CD1  1 
ATOM   1078 C  CD1  B LEU A 1 130 ? 3.545   1.338   6.025   0.50 13.22 ? 127 LEU A CD1  1 
ATOM   1079 C  CD2  A LEU A 1 130 ? 5.246   -0.808  6.850   0.50 20.65 ? 127 LEU A CD2  1 
ATOM   1080 C  CD2  B LEU A 1 130 ? 3.236   2.300   8.365   0.50 11.62 ? 127 LEU A CD2  1 
ATOM   1081 N  N    . LEU A 1 131 ? 8.233   1.021   8.821   1.00 13.97 ? 128 LEU A N    1 
ATOM   1082 C  CA   . LEU A 1 131 ? 9.247   0.035   9.244   1.00 15.21 ? 128 LEU A CA   1 
ATOM   1083 C  C    . LEU A 1 131 ? 9.555   0.232   10.714  1.00 14.65 ? 128 LEU A C    1 
ATOM   1084 O  O    . LEU A 1 131 ? 9.972   -0.735  11.377  1.00 18.45 ? 128 LEU A O    1 
ATOM   1085 C  CB   . LEU A 1 131 ? 10.525  0.217   8.419   1.00 17.13 ? 128 LEU A CB   1 
ATOM   1086 C  CG   . LEU A 1 131 ? 10.405  -0.130  6.940   1.00 17.73 ? 128 LEU A CG   1 
ATOM   1087 C  CD1  . LEU A 1 131 ? 11.740  -0.031  6.244   1.00 20.17 ? 128 LEU A CD1  1 
ATOM   1088 C  CD2  . LEU A 1 131 ? 9.826   -1.500  6.730   1.00 18.21 ? 128 LEU A CD2  1 
ATOM   1089 N  N    . GLN A 1 132 ? 9.433   1.457   11.224  1.00 13.83 ? 129 GLN A N    1 
ATOM   1090 C  CA   . GLN A 1 132 ? 9.723   1.776   12.635  1.00 13.18 ? 129 GLN A CA   1 
ATOM   1091 C  C    . GLN A 1 132 ? 8.431   1.809   13.451  1.00 13.37 ? 129 GLN A C    1 
ATOM   1092 O  O    . GLN A 1 132 ? 8.450   2.297   14.560  1.00 15.03 ? 129 GLN A O    1 
ATOM   1093 C  CB   . GLN A 1 132 ? 10.537  3.064   12.736  1.00 13.71 ? 129 GLN A CB   1 
ATOM   1094 C  CG   . GLN A 1 132 ? 12.005  2.843   12.355  1.00 14.19 ? 129 GLN A CG   1 
ATOM   1095 C  CD   . GLN A 1 132 ? 12.882  4.064   12.559  1.00 14.94 ? 129 GLN A CD   1 
ATOM   1096 O  OE1  . GLN A 1 132 ? 12.401  5.168   12.805  1.00 14.87 ? 129 GLN A OE1  1 
ATOM   1097 N  NE2  . GLN A 1 132 ? 14.185  3.894   12.396  1.00 14.86 ? 129 GLN A NE2  1 
ATOM   1098 N  N    . LYS A 1 133 ? 7.339   1.266   12.920  1.00 15.06 ? 130 LYS A N    1 
ATOM   1099 C  CA   . LYS A 1 133 ? 6.054   1.034   13.629  1.00 15.16 ? 130 LYS A CA   1 
ATOM   1100 C  C    . LYS A 1 133 ? 5.465   2.380   14.025  1.00 14.11 ? 130 LYS A C    1 
ATOM   1101 O  O    . LYS A 1 133 ? 4.842   2.518   15.100  1.00 16.31 ? 130 LYS A O    1 
ATOM   1102 C  CB   . LYS A 1 133 ? 6.238   0.102   14.832  1.00 17.33 ? 130 LYS A CB   1 
ATOM   1103 C  CG   . LYS A 1 133 ? 6.854   -1.239  14.451  1.00 20.57 ? 130 LYS A CG   1 
ATOM   1104 C  CD   . LYS A 1 133 ? 5.898   -2.152  13.745  1.00 29.27 ? 130 LYS A CD   1 
ATOM   1105 C  CE   . LYS A 1 133 ? 4.629   -2.388  14.550  1.00 35.95 ? 130 LYS A CE   1 
ATOM   1106 N  NZ   . LYS A 1 133 ? 4.108   -3.775  14.444  1.00 38.06 ? 130 LYS A NZ   1 
ATOM   1107 N  N    . LYS A 1 134 ? 5.593   3.363   13.142  1.00 12.29 ? 131 LYS A N    1 
ATOM   1108 C  CA   . LYS A 1 134 ? 4.928   4.666   13.356  1.00 13.44 ? 131 LYS A CA   1 
ATOM   1109 C  C    . LYS A 1 134 ? 3.655   4.741   12.513  1.00 13.97 ? 131 LYS A C    1 
ATOM   1110 O  O    . LYS A 1 134 ? 3.531   3.983   11.525  1.00 16.16 ? 131 LYS A O    1 
ATOM   1111 C  CB   . LYS A 1 134 ? 5.892   5.796   13.003  1.00 14.33 ? 131 LYS A CB   1 
ATOM   1112 C  CG   . LYS A 1 134 ? 7.244   5.714   13.687  1.00 17.51 ? 131 LYS A CG   1 
ATOM   1113 C  CD   . LYS A 1 134 ? 7.064   5.630   15.151  1.00 19.98 ? 131 LYS A CD   1 
ATOM   1114 C  CE   . LYS A 1 134 ? 8.287   5.907   15.956  1.00 24.54 ? 131 LYS A CE   1 
ATOM   1115 N  NZ   . LYS A 1 134 ? 7.871   6.325   17.304  1.00 22.22 ? 131 LYS A NZ   1 
ATOM   1116 N  N    . LYS A 1 135 ? 2.754   5.622   12.902  1.00 11.78 ? 132 LYS A N    1 
ATOM   1117 C  CA   . LYS A 1 135 ? 1.472   5.826   12.214  1.00 12.12 ? 132 LYS A CA   1 
ATOM   1118 C  C    . LYS A 1 135 ? 1.527   7.213   11.614  1.00 11.55 ? 132 LYS A C    1 
ATOM   1119 O  O    . LYS A 1 135 ? 2.198   8.097   12.154  1.00 11.82 ? 132 LYS A O    1 
ATOM   1120 C  CB   . LYS A 1 135 ? 0.279   5.617   13.147  1.00 13.95 ? 132 LYS A CB   1 
ATOM   1121 C  CG   . LYS A 1 135 ? 0.233   4.223   13.747  1.00 16.92 ? 132 LYS A CG   1 
ATOM   1122 C  CD   . LYS A 1 135 ? -0.835  4.001   14.722  1.00 22.33 ? 132 LYS A CD   1 
ATOM   1123 C  CE   . LYS A 1 135 ? -0.724  2.635   15.364  1.00 28.55 ? 132 LYS A CE   1 
ATOM   1124 N  NZ   . LYS A 1 135 ? -1.677  2.490   16.482  1.00 33.61 ? 132 LYS A NZ   1 
ATOM   1125 N  N    . PHE A 1 136 ? 0.803   7.458   10.521  1.00 10.12 ? 133 PHE A N    1 
ATOM   1126 C  CA   . PHE A 1 136 ? 0.955   8.731   9.796   1.00 10.96 ? 133 PHE A CA   1 
ATOM   1127 C  C    . PHE A 1 136 ? -0.288  9.128   9.016   1.00 10.15 ? 133 PHE A C    1 
ATOM   1128 O  O    . PHE A 1 136 ? -1.153  8.335   8.676   1.00 10.29 ? 133 PHE A O    1 
ATOM   1129 C  CB   . PHE A 1 136 ? 2.145   8.625   8.851   1.00 12.69 ? 133 PHE A CB   1 
ATOM   1130 C  CG   . PHE A 1 136 ? 2.021   7.523   7.835   1.00 13.96 ? 133 PHE A CG   1 
ATOM   1131 C  CD1  . PHE A 1 136 ? 1.357   7.689   6.639   1.00 14.06 ? 133 PHE A CD1  1 
ATOM   1132 C  CD2  . PHE A 1 136 ? 2.649   6.317   8.089   1.00 14.77 ? 133 PHE A CD2  1 
ATOM   1133 C  CE1  . PHE A 1 136 ? 1.225   6.612   5.773   1.00 14.62 ? 133 PHE A CE1  1 
ATOM   1134 C  CE2  . PHE A 1 136 ? 2.579   5.281   7.192   1.00 17.12 ? 133 PHE A CE2  1 
ATOM   1135 C  CZ   . PHE A 1 136 ? 1.870   5.448   6.053   1.00 15.06 ? 133 PHE A CZ   1 
ATOM   1136 N  N    . HIS A 1 137 ? -0.362  10.425  8.764   1.00 10.34 ? 134 HIS A N    1 
ATOM   1137 C  CA   . HIS A 1 137 ? -1.285  11.079  7.821   1.00 10.79 ? 134 HIS A CA   1 
ATOM   1138 C  C    . HIS A 1 137 ? -0.450  11.794  6.788   1.00 11.46 ? 134 HIS A C    1 
ATOM   1139 O  O    . HIS A 1 137 ? 0.410   12.601  7.172   1.00 12.60 ? 134 HIS A O    1 
ATOM   1140 C  CB   . HIS A 1 137 ? -2.234  12.073  8.478   1.00 12.35 ? 134 HIS A CB   1 
ATOM   1141 C  CG   . HIS A 1 137 ? -3.306  11.441  9.278   1.00 13.11 ? 134 HIS A CG   1 
ATOM   1142 N  ND1  . HIS A 1 137 ? -4.214  12.208  9.969   1.00 16.51 ? 134 HIS A ND1  1 
ATOM   1143 C  CD2  . HIS A 1 137 ? -3.691  10.160  9.482   1.00 12.97 ? 134 HIS A CD2  1 
ATOM   1144 C  CE1  . HIS A 1 137 ? -5.054  11.418  10.602  1.00 17.30 ? 134 HIS A CE1  1 
ATOM   1145 N  NE2  . HIS A 1 137 ? -4.799  10.150  10.280  1.00 15.50 ? 134 HIS A NE2  1 
ATOM   1146 N  N    . GLY A 1 138 ? -0.685  11.525  5.526   1.00 11.72 ? 135 GLY A N    1 
ATOM   1147 C  CA   . GLY A 1 138 ? 0.066   12.126  4.427   1.00 12.39 ? 135 GLY A CA   1 
ATOM   1148 C  C    . GLY A 1 138 ? -0.880  12.648  3.348   1.00 11.79 ? 135 GLY A C    1 
ATOM   1149 O  O    . GLY A 1 138 ? -2.003  12.237  3.211   1.00 11.09 ? 135 GLY A O    1 
ATOM   1150 N  N    A TYR A 1 139 ? -0.341  13.586  2.595   0.50 11.67 ? 136 TYR A N    1 
ATOM   1151 N  N    B TYR A 1 139 ? -0.382  13.585  2.566   0.50 10.88 ? 136 TYR A N    1 
ATOM   1152 C  CA   A TYR A 1 139 ? -0.904  14.150  1.350   0.50 11.62 ? 136 TYR A CA   1 
ATOM   1153 C  CA   B TYR A 1 139 ? -1.042  14.148  1.361   0.50 10.54 ? 136 TYR A CA   1 
ATOM   1154 C  C    A TYR A 1 139 ? 0.220   14.291  0.347   0.50 10.94 ? 136 TYR A C    1 
ATOM   1155 C  C    B TYR A 1 139 ? 0.057   14.412  0.341   0.50 10.57 ? 136 TYR A C    1 
ATOM   1156 O  O    A TYR A 1 139 ? 1.285   14.868  0.639   0.50 10.56 ? 136 TYR A O    1 
ATOM   1157 O  O    B TYR A 1 139 ? 0.964   15.197  0.678   0.50 10.56 ? 136 TYR A O    1 
ATOM   1158 C  CB   A TYR A 1 139 ? -1.517  15.527  1.603   0.50 12.51 ? 136 TYR A CB   1 
ATOM   1159 C  CB   B TYR A 1 139 ? -1.812  15.427  1.732   0.50 10.21 ? 136 TYR A CB   1 
ATOM   1160 C  CG   A TYR A 1 139 ? -1.807  16.325  0.357   0.50 13.93 ? 136 TYR A CG   1 
ATOM   1161 C  CG   B TYR A 1 139 ? -2.667  15.999  0.625   0.50 9.85  ? 136 TYR A CG   1 
ATOM   1162 C  CD1  A TYR A 1 139 ? -2.902  16.043  -0.427  0.50 13.61 ? 136 TYR A CD1  1 
ATOM   1163 C  CD1  B TYR A 1 139 ? -2.098  16.548  -0.516  0.50 9.97  ? 136 TYR A CD1  1 
ATOM   1164 C  CD2  A TYR A 1 139 ? -0.963  17.333  -0.063  0.50 13.89 ? 136 TYR A CD2  1 
ATOM   1165 C  CD2  B TYR A 1 139 ? -4.046  15.925  0.679   0.50 10.29 ? 136 TYR A CD2  1 
ATOM   1166 C  CE1  A TYR A 1 139 ? -3.199  16.791  -1.556  0.50 14.77 ? 136 TYR A CE1  1 
ATOM   1167 C  CE1  B TYR A 1 139 ? -2.874  17.033  -1.550  0.50 10.86 ? 136 TYR A CE1  1 
ATOM   1168 C  CE2  A TYR A 1 139 ? -1.212  18.072  -1.205  0.50 15.09 ? 136 TYR A CE2  1 
ATOM   1169 C  CE2  B TYR A 1 139 ? -4.829  16.373  -0.366  0.50 10.63 ? 136 TYR A CE2  1 
ATOM   1170 C  CZ   A TYR A 1 139 ? -2.348  17.810  -1.944  0.50 15.81 ? 136 TYR A CZ   1 
ATOM   1171 C  CZ   B TYR A 1 139 ? -4.245  16.949  -1.462  0.50 10.91 ? 136 TYR A CZ   1 
ATOM   1172 O  OH   A TYR A 1 139 ? -2.641  18.536  -3.059  0.50 18.29 ? 136 TYR A OH   1 
ATOM   1173 O  OH   B TYR A 1 139 ? -5.052  17.422  -2.447  0.50 11.59 ? 136 TYR A OH   1 
ATOM   1174 N  N    . PHE A 1 140 ? -0.025  13.791  -0.834  1.00 9.83  ? 137 PHE A N    1 
ATOM   1175 C  CA   . PHE A 1 140 ? 0.952   13.971  -1.912  1.00 9.90  ? 137 PHE A CA   1 
ATOM   1176 C  C    . PHE A 1 140 ? 0.246   14.464  -3.164  1.00 10.27 ? 137 PHE A C    1 
ATOM   1177 O  O    . PHE A 1 140 ? -0.710  13.841  -3.626  1.00 11.03 ? 137 PHE A O    1 
ATOM   1178 C  CB   . PHE A 1 140 ? 1.714   12.675  -2.203  1.00 11.11 ? 137 PHE A CB   1 
ATOM   1179 C  CG   . PHE A 1 140 ? 2.598   12.232  -1.067  1.00 11.40 ? 137 PHE A CG   1 
ATOM   1180 C  CD1  . PHE A 1 140 ? 2.082   11.520  0.005   1.00 12.60 ? 137 PHE A CD1  1 
ATOM   1181 C  CD2  . PHE A 1 140 ? 3.952   12.578  -1.058  1.00 10.96 ? 137 PHE A CD2  1 
ATOM   1182 C  CE1  . PHE A 1 140 ? 2.927   11.136  1.044   1.00 12.80 ? 137 PHE A CE1  1 
ATOM   1183 C  CE2  . PHE A 1 140 ? 4.782   12.181  0.003   1.00 11.60 ? 137 PHE A CE2  1 
ATOM   1184 C  CZ   . PHE A 1 140 ? 4.253   11.500  1.042   1.00 12.63 ? 137 PHE A CZ   1 
ATOM   1185 N  N    . LYS A 1 141 ? 0.750   15.568  -3.689  1.00 10.87 ? 138 LYS A N    1 
ATOM   1186 C  CA   . LYS A 1 141 ? 0.260   16.143  -4.962  1.00 11.74 ? 138 LYS A CA   1 
ATOM   1187 C  C    . LYS A 1 141 ? 1.227   15.758  -6.080  1.00 10.82 ? 138 LYS A C    1 
ATOM   1188 O  O    . LYS A 1 141 ? 2.416   16.171  -5.975  1.00 11.32 ? 138 LYS A O    1 
ATOM   1189 C  CB   . LYS A 1 141 ? 0.118   17.649  -4.822  1.00 12.18 ? 138 LYS A CB   1 
ATOM   1190 C  CG   . LYS A 1 141 ? -0.360  18.347  -6.080  1.00 13.03 ? 138 LYS A CG   1 
ATOM   1191 C  CD   . LYS A 1 141 ? -0.333  19.867  -5.948  1.00 15.03 ? 138 LYS A CD   1 
ATOM   1192 C  CE   . LYS A 1 141 ? -0.766  20.620  -7.179  1.00 19.51 ? 138 LYS A CE   1 
ATOM   1193 N  NZ   . LYS A 1 141 ? -0.786  22.075  -6.886  1.00 22.33 ? 138 LYS A NZ   1 
ATOM   1194 N  N    . PHE A 1 142 ? 0.774   15.026  -7.070  1.00 10.73 ? 139 PHE A N    1 
ATOM   1195 C  CA   . PHE A 1 142 ? 1.604   14.520  -8.172  1.00 11.08 ? 139 PHE A CA   1 
ATOM   1196 C  C    . PHE A 1 142 ? 1.305   15.260  -9.477  1.00 12.80 ? 139 PHE A C    1 
ATOM   1197 O  O    . PHE A 1 142 ? 0.130   15.641  -9.697  1.00 12.24 ? 139 PHE A O    1 
ATOM   1198 C  CB   . PHE A 1 142 ? 1.247   13.047  -8.398  1.00 11.72 ? 139 PHE A CB   1 
ATOM   1199 C  CG   . PHE A 1 142 ? 2.008   12.058  -7.556  1.00 12.27 ? 139 PHE A CG   1 
ATOM   1200 C  CD1  . PHE A 1 142 ? 1.655   11.729  -6.255  1.00 14.11 ? 139 PHE A CD1  1 
ATOM   1201 C  CD2  . PHE A 1 142 ? 3.139   11.448  -8.095  1.00 14.60 ? 139 PHE A CD2  1 
ATOM   1202 C  CE1  . PHE A 1 142 ? 2.429   10.812  -5.529  1.00 13.82 ? 139 PHE A CE1  1 
ATOM   1203 C  CE2  . PHE A 1 142 ? 3.899   10.533  -7.377  1.00 15.67 ? 139 PHE A CE2  1 
ATOM   1204 C  CZ   . PHE A 1 142 ? 3.545   10.244  -6.084  1.00 14.93 ? 139 PHE A CZ   1 
ATOM   1205 N  N    . GLN A 1 143 ? 2.321   15.399  -10.311 1.00 13.12 ? 140 GLN A N    1 
ATOM   1206 C  CA   . GLN A 1 143 ? 2.116   15.639  -11.751 1.00 14.80 ? 140 GLN A CA   1 
ATOM   1207 C  C    . GLN A 1 143 ? 2.560   14.387  -12.456 1.00 14.62 ? 140 GLN A C    1 
ATOM   1208 O  O    . GLN A 1 143 ? 3.723   13.982  -12.381 1.00 17.20 ? 140 GLN A O    1 
ATOM   1209 C  CB   . GLN A 1 143 ? 2.893   16.855  -12.220 1.00 16.51 ? 140 GLN A CB   1 
ATOM   1210 C  CG   . GLN A 1 143 ? 2.515   17.294  -13.642 1.00 20.12 ? 140 GLN A CG   1 
ATOM   1211 C  CD   . GLN A 1 143 ? 3.287   18.513  -14.082 1.00 24.89 ? 140 GLN A CD   1 
ATOM   1212 O  OE1  . GLN A 1 143 ? 4.523   18.567  -14.005 1.00 26.68 ? 140 GLN A OE1  1 
ATOM   1213 N  NE2  . GLN A 1 143 ? 2.563   19.520  -14.561 1.00 25.73 ? 140 GLN A NE2  1 
ATOM   1214 N  N    . GLY A 1 144 ? 1.614   13.791  -13.142 1.00 15.41 ? 141 GLY A N    1 
ATOM   1215 C  CA   . GLY A 1 144 ? 1.813   12.452  -13.702 1.00 16.57 ? 141 GLY A CA   1 
ATOM   1216 C  C    . GLY A 1 144 ? 2.140   11.464  -12.603 1.00 17.14 ? 141 GLY A C    1 
ATOM   1217 O  O    . GLY A 1 144 ? 1.673   11.653  -11.452 1.00 18.82 ? 141 GLY A O    1 
ATOM   1218 N  N    . GLN A 1 145 ? 2.928   10.455  -12.896 1.00 17.02 ? 142 GLN A N    1 
ATOM   1219 C  CA   . GLN A 1 145 ? 3.148   9.362   -11.916 1.00 17.91 ? 142 GLN A CA   1 
ATOM   1220 C  C    . GLN A 1 145 ? 4.553   9.438   -11.312 1.00 15.75 ? 142 GLN A C    1 
ATOM   1221 O  O    . GLN A 1 145 ? 4.879   8.644   -10.407 1.00 15.33 ? 142 GLN A O    1 
ATOM   1222 C  CB   . GLN A 1 145 ? 2.831   8.028   -12.577 1.00 21.63 ? 142 GLN A CB   1 
ATOM   1223 C  CG   . GLN A 1 145 ? 1.405   7.971   -13.092 1.00 24.54 ? 142 GLN A CG   1 
ATOM   1224 C  CD   . GLN A 1 145 ? 0.969   6.546   -13.319 1.00 29.47 ? 142 GLN A CD   1 
ATOM   1225 O  OE1  . GLN A 1 145 ? 1.774   5.639   -13.444 1.00 31.16 ? 142 GLN A OE1  1 
ATOM   1226 N  NE2  . GLN A 1 145 ? -0.331  6.341   -13.357 1.00 35.81 ? 142 GLN A NE2  1 
ATOM   1227 N  N    . ASP A 1 146 ? 5.405   10.389  -11.716 1.00 15.06 ? 143 ASP A N    1 
ATOM   1228 C  CA   . ASP A 1 146 ? 6.835   10.401  -11.326 1.00 15.91 ? 143 ASP A CA   1 
ATOM   1229 C  C    . ASP A 1 146 ? 7.228   11.621  -10.509 1.00 15.20 ? 143 ASP A C    1 
ATOM   1230 O  O    . ASP A 1 146 ? 8.278   11.592  -9.914  1.00 17.91 ? 143 ASP A O    1 
ATOM   1231 C  CB   . ASP A 1 146 ? 7.745   10.296  -12.553 1.00 18.73 ? 143 ASP A CB   1 
ATOM   1232 C  CG   . ASP A 1 146 ? 7.487   9.034   -13.346 1.00 23.87 ? 143 ASP A CG   1 
ATOM   1233 O  OD1  . ASP A 1 146 ? 7.048   8.048   -12.741 1.00 23.37 ? 143 ASP A OD1  1 
ATOM   1234 O  OD2  . ASP A 1 146 ? 7.659   9.088   -14.586 1.00 29.57 ? 143 ASP A OD2  1 
ATOM   1235 N  N    . THR A 1 147 ? 6.405   12.666  -10.444 1.00 13.49 ? 144 THR A N    1 
ATOM   1236 C  CA   . THR A 1 147 ? 6.839   13.952  -9.874  1.00 12.40 ? 144 THR A CA   1 
ATOM   1237 C  C    . THR A 1 147 ? 5.916   14.319  -8.707  1.00 11.44 ? 144 THR A C    1 
ATOM   1238 O  O    . THR A 1 147 ? 4.692   14.496  -8.899  1.00 12.77 ? 144 THR A O    1 
ATOM   1239 C  CB   . THR A 1 147 ? 6.814   15.064  -10.927 1.00 13.34 ? 144 THR A CB   1 
ATOM   1240 O  OG1  . THR A 1 147 ? 7.667   14.644  -11.984 1.00 14.53 ? 144 THR A OG1  1 
ATOM   1241 C  CG2  . THR A 1 147 ? 7.309   16.395  -10.397 1.00 14.27 ? 144 THR A CG2  1 
ATOM   1242 N  N    . ILE A 1 148 ? 6.524   14.492  -7.550  1.00 10.63 ? 145 ILE A N    1 
ATOM   1243 C  CA   . ILE A 1 148 ? 5.841   15.057  -6.360  1.00 10.94 ? 145 ILE A CA   1 
ATOM   1244 C  C    . ILE A 1 148 ? 5.996   16.568  -6.423  1.00 11.61 ? 145 ILE A C    1 
ATOM   1245 O  O    . ILE A 1 148 ? 7.088   17.069  -6.194  1.00 11.56 ? 145 ILE A O    1 
ATOM   1246 C  CB   . ILE A 1 148 ? 6.364   14.465  -5.040  1.00 10.98 ? 145 ILE A CB   1 
ATOM   1247 C  CG1  . ILE A 1 148 ? 6.189   12.939  -4.997  1.00 10.96 ? 145 ILE A CG1  1 
ATOM   1248 C  CG2  . ILE A 1 148 ? 5.702   15.158  -3.872  1.00 11.17 ? 145 ILE A CG2  1 
ATOM   1249 C  CD1  . ILE A 1 148 ? 6.937   12.244  -3.887  1.00 11.72 ? 145 ILE A CD1  1 
ATOM   1250 N  N    . LEU A 1 149 ? 4.912   17.270  -6.662  1.00 10.82 ? 146 LEU A N    1 
ATOM   1251 C  CA   . LEU A 1 149 ? 4.921   18.756  -6.668  1.00 11.49 ? 146 LEU A CA   1 
ATOM   1252 C  C    . LEU A 1 149 ? 4.998   19.304  -5.260  1.00 13.05 ? 146 LEU A C    1 
ATOM   1253 O  O    . LEU A 1 149 ? 5.761   20.264  -5.032  1.00 13.86 ? 146 LEU A O    1 
ATOM   1254 C  CB   . LEU A 1 149 ? 3.680   19.293  -7.395  1.00 12.19 ? 146 LEU A CB   1 
ATOM   1255 C  CG   . LEU A 1 149 ? 3.522   18.938  -8.872  1.00 12.10 ? 146 LEU A CG   1 
ATOM   1256 C  CD1  . LEU A 1 149 ? 2.184   19.429  -9.364  1.00 14.20 ? 146 LEU A CD1  1 
ATOM   1257 C  CD2  . LEU A 1 149 ? 4.654   19.544  -9.674  1.00 13.32 ? 146 LEU A CD2  1 
ATOM   1258 N  N    . ASP A 1 150 ? 4.256   18.685  -4.343  1.00 11.69 ? 147 ASP A N    1 
ATOM   1259 C  CA   . ASP A 1 150 ? 4.141   19.163  -2.957  1.00 12.86 ? 147 ASP A CA   1 
ATOM   1260 C  C    . ASP A 1 150 ? 3.617   18.021  -2.095  1.00 10.83 ? 147 ASP A C    1 
ATOM   1261 O  O    . ASP A 1 150 ? 2.963   17.124  -2.613  1.00 12.39 ? 147 ASP A O    1 
ATOM   1262 C  CB   . ASP A 1 150 ? 3.140   20.316  -2.803  1.00 14.68 ? 147 ASP A CB   1 
ATOM   1263 C  CG   . ASP A 1 150 ? 3.435   21.525  -3.648  1.00 18.59 ? 147 ASP A CG   1 
ATOM   1264 O  OD1  . ASP A 1 150 ? 2.912   21.577  -4.790  1.00 22.79 ? 147 ASP A OD1  1 
ATOM   1265 O  OD2  . ASP A 1 150 ? 4.141   22.397  -3.147  1.00 19.84 ? 147 ASP A OD2  1 
ATOM   1266 N  N    . TYR A 1 151 ? 3.930   18.037  -0.828  1.00 11.46 ? 148 TYR A N    1 
ATOM   1267 C  CA   . TYR A 1 151 ? 3.410   17.004  0.077   1.00 11.64 ? 148 TYR A CA   1 
ATOM   1268 C  C    . TYR A 1 151 ? 3.384   17.510  1.512   1.00 13.01 ? 148 TYR A C    1 
ATOM   1269 O  O    . TYR A 1 151 ? 4.080   18.485  1.835   1.00 14.33 ? 148 TYR A O    1 
ATOM   1270 C  CB   . TYR A 1 151 ? 4.255   15.717  -0.006  1.00 11.71 ? 148 TYR A CB   1 
ATOM   1271 C  CG   . TYR A 1 151 ? 5.566   15.757  0.739   1.00 13.57 ? 148 TYR A CG   1 
ATOM   1272 C  CD1  . TYR A 1 151 ? 6.652   16.427  0.213   1.00 14.58 ? 148 TYR A CD1  1 
ATOM   1273 C  CD2  . TYR A 1 151 ? 5.705   15.209  1.997   1.00 14.01 ? 148 TYR A CD2  1 
ATOM   1274 C  CE1  . TYR A 1 151 ? 7.853   16.522  0.899   1.00 15.87 ? 148 TYR A CE1  1 
ATOM   1275 C  CE2  . TYR A 1 151 ? 6.878   15.306  2.722   1.00 16.59 ? 148 TYR A CE2  1 
ATOM   1276 C  CZ   . TYR A 1 151 ? 7.957   15.958  2.161   1.00 17.61 ? 148 TYR A CZ   1 
ATOM   1277 O  OH   . TYR A 1 151 ? 9.114   16.030  2.901   1.00 21.92 ? 148 TYR A OH   1 
ATOM   1278 N  N    . THR A 1 152 ? 2.594   16.853  2.336   1.00 12.64 ? 149 THR A N    1 
ATOM   1279 C  CA   . THR A 1 152 ? 2.699   16.932  3.806   1.00 13.46 ? 149 THR A CA   1 
ATOM   1280 C  C    . THR A 1 152 ? 2.702   15.531  4.360   1.00 13.22 ? 149 THR A C    1 
ATOM   1281 O  O    . THR A 1 152 ? 2.045   14.660  3.782   1.00 13.09 ? 149 THR A O    1 
ATOM   1282 C  CB   . THR A 1 152 ? 1.599   17.809  4.407   1.00 15.34 ? 149 THR A CB   1 
ATOM   1283 O  OG1  . THR A 1 152 ? 0.377   17.162  4.137   1.00 18.41 ? 149 THR A OG1  1 
ATOM   1284 C  CG2  . THR A 1 152 ? 1.537   19.213  3.834   1.00 17.97 ? 149 THR A CG2  1 
ATOM   1285 N  N    . LEU A 1 153 ? 3.414   15.323  5.440   1.00 13.48 ? 150 LEU A N    1 
ATOM   1286 C  CA   . LEU A 1 153 ? 3.426   14.004  6.111   1.00 12.94 ? 150 LEU A CA   1 
ATOM   1287 C  C    . LEU A 1 153 ? 3.683   14.230  7.584   1.00 14.15 ? 150 LEU A C    1 
ATOM   1288 O  O    . LEU A 1 153 ? 4.698   14.956  7.910   1.00 18.98 ? 150 LEU A O    1 
ATOM   1289 C  CB   . LEU A 1 153 ? 4.490   13.120  5.467   1.00 13.21 ? 150 LEU A CB   1 
ATOM   1290 C  CG   . LEU A 1 153 ? 4.610   11.682  5.993   1.00 13.78 ? 150 LEU A CG   1 
ATOM   1291 C  CD1  . LEU A 1 153 ? 3.346   10.903  5.764   1.00 13.22 ? 150 LEU A CD1  1 
ATOM   1292 C  CD2  . LEU A 1 153 ? 5.760   10.937  5.338   1.00 14.73 ? 150 LEU A CD2  1 
ATOM   1293 N  N    . ARG A 1 154 ? 2.851   13.696  8.434   1.00 14.10 ? 151 ARG A N    1 
ATOM   1294 C  CA   . ARG A 1 154 ? 3.030   13.886  9.887   1.00 14.90 ? 151 ARG A CA   1 
ATOM   1295 C  C    . ARG A 1 154 ? 2.693   12.567  10.571  1.00 14.25 ? 151 ARG A C    1 
ATOM   1296 O  O    . ARG A 1 154 ? 1.788   11.816  10.118  1.00 13.82 ? 151 ARG A O    1 
ATOM   1297 C  CB   . ARG A 1 154 ? 2.198   15.070  10.367  1.00 18.87 ? 151 ARG A CB   1 
ATOM   1298 C  CG   . ARG A 1 154 ? 0.744   14.771  10.640  1.00 22.10 ? 151 ARG A CG   1 
ATOM   1299 C  CD   . ARG A 1 154 ? 0.075   15.934  11.400  1.00 25.81 ? 151 ARG A CD   1 
ATOM   1300 N  NE   . ARG A 1 154 ? -1.175  15.652  12.105  1.00 33.13 ? 151 ARG A NE   1 
ATOM   1301 C  CZ   . ARG A 1 154 ? -1.269  15.225  13.373  1.00 37.41 ? 151 ARG A CZ   1 
ATOM   1302 N  NH1  . ARG A 1 154 ? -0.178  14.974  14.090  1.00 41.00 ? 151 ARG A NH1  1 
ATOM   1303 N  NH2  . ARG A 1 154 ? -2.461  15.019  13.921  1.00 39.11 ? 151 ARG A NH2  1 
ATOM   1304 N  N    . GLU A 1 155 ? 3.426   12.260  11.638  1.00 12.89 ? 152 GLU A N    1 
ATOM   1305 C  CA   . GLU A 1 155 ? 3.102   11.099  12.466  1.00 12.79 ? 152 GLU A CA   1 
ATOM   1306 C  C    . GLU A 1 155 ? 1.919   11.431  13.356  1.00 11.87 ? 152 GLU A C    1 
ATOM   1307 O  O    . GLU A 1 155 ? 1.700   12.615  13.702  1.00 14.80 ? 152 GLU A O    1 
ATOM   1308 C  CB   . GLU A 1 155 ? 4.290   10.670  13.324  1.00 12.92 ? 152 GLU A CB   1 
ATOM   1309 C  CG   . GLU A 1 155 ? 5.467   10.246  12.470  1.00 14.81 ? 152 GLU A CG   1 
ATOM   1310 C  CD   . GLU A 1 155 ? 6.695   9.786   13.232  1.00 16.72 ? 152 GLU A CD   1 
ATOM   1311 O  OE1  . GLU A 1 155 ? 6.602   9.530   14.422  1.00 16.51 ? 152 GLU A OE1  1 
ATOM   1312 O  OE2  . GLU A 1 155 ? 7.729   9.614   12.583  1.00 18.48 ? 152 GLU A OE2  1 
ATOM   1313 N  N    . VAL A 1 156 ? 1.103   10.437  13.634  1.00 11.29 ? 153 VAL A N    1 
ATOM   1314 C  CA   . VAL A 1 156 ? -0.130  10.580  14.450  1.00 11.87 ? 153 VAL A CA   1 
ATOM   1315 C  C    . VAL A 1 156 ? -0.182  9.428   15.456  1.00 12.94 ? 153 VAL A C    1 
ATOM   1316 O  O    . VAL A 1 156 ? 0.461   8.367   15.261  1.00 13.14 ? 153 VAL A O    1 
ATOM   1317 C  CB   . VAL A 1 156 ? -1.379  10.577  13.566  1.00 12.15 ? 153 VAL A CB   1 
ATOM   1318 C  CG1  . VAL A 1 156 ? -1.343  11.761  12.616  1.00 13.90 ? 153 VAL A CG1  1 
ATOM   1319 C  CG2  . VAL A 1 156 ? -1.591  9.264   12.808  1.00 13.27 ? 153 VAL A CG2  1 
ATOM   1320 N  N    . ASP A 1 157 ? -0.957  9.607   16.512  1.00 14.83 ? 154 ASP A N    1 
ATOM   1321 C  CA   . ASP A 1 157 ? -1.243  8.491   17.441  1.00 15.41 ? 154 ASP A CA   1 
ATOM   1322 C  C    . ASP A 1 157 ? -2.509  7.737   17.047  1.00 13.99 ? 154 ASP A C    1 
ATOM   1323 O  O    . ASP A 1 157 ? -2.649  6.605   17.483  1.00 17.11 ? 154 ASP A O    1 
ATOM   1324 C  CB   . ASP A 1 157 ? -1.329  9.031   18.874  1.00 18.15 ? 154 ASP A CB   1 
ATOM   1325 C  CG   . ASP A 1 157 ? -0.018  9.606   19.380  1.00 19.04 ? 154 ASP A CG   1 
ATOM   1326 O  OD1  . ASP A 1 157 ? 1.014   8.971   19.120  1.00 21.23 ? 154 ASP A OD1  1 
ATOM   1327 O  OD2  . ASP A 1 157 ? -0.108  10.594  20.114  1.00 25.35 ? 154 ASP A OD2  1 
ATOM   1328 N  N    . THR A 1 158 ? -3.439  8.387   16.343  1.00 15.33 ? 155 THR A N    1 
ATOM   1329 C  CA   . THR A 1 158 ? -4.713  7.749   15.946  1.00 14.62 ? 155 THR A CA   1 
ATOM   1330 C  C    . THR A 1 158 ? -4.864  7.942   14.439  1.00 14.62 ? 155 THR A C    1 
ATOM   1331 O  O    . THR A 1 158 ? -4.869  9.090   13.940  1.00 16.04 ? 155 THR A O    1 
ATOM   1332 C  CB   . THR A 1 158 ? -5.969  8.301   16.667  1.00 15.22 ? 155 THR A CB   1 
ATOM   1333 O  OG1  . THR A 1 158 ? -5.672  8.424   18.063  1.00 20.20 ? 155 THR A OG1  1 
ATOM   1334 C  CG2  . THR A 1 158 ? -7.186  7.437   16.456  1.00 16.63 ? 155 THR A CG2  1 
ATOM   1335 N  N    . VAL A 1 159 ? -4.916  6.849   13.690  1.00 13.19 ? 156 VAL A N    1 
ATOM   1336 C  CA   . VAL A 1 159 ? -5.041  6.947   12.212  1.00 13.91 ? 156 VAL A CA   1 
ATOM   1337 C  C    . VAL A 1 159 ? -6.440  7.444   11.848  1.00 15.52 ? 156 VAL A C    1 
ATOM   1338 O  O    . VAL A 1 159 ? -6.529  8.339   10.963  1.00 18.27 ? 156 VAL A O    1 
ATOM   1339 C  CB   . VAL A 1 159 ? -4.718  5.583   11.591  1.00 14.86 ? 156 VAL A CB   1 
ATOM   1340 C  CG1  . VAL A 1 159 ? -5.021  5.592   10.107  1.00 15.28 ? 156 VAL A CG1  1 
ATOM   1341 C  CG2  . VAL A 1 159 ? -3.292  5.175   11.885  1.00 16.10 ? 156 VAL A CG2  1 
ATOM   1342 O  OXT  . VAL A 1 159 ? -7.415  6.898   12.413  1.00 16.57 ? 156 VAL A OXT  1 
HETATM 1343 C  C10  A KOX B 2 .   ? -5.002  1.119   -4.122  0.50 23.06 ? 201 KOX A C10  1 
HETATM 1344 C  C15  A KOX B 2 .   ? 1.134   6.859   -5.062  0.50 14.42 ? 201 KOX A C15  1 
HETATM 1345 O  O01  A KOX B 2 .   ? 2.312   4.180   -3.252  0.50 14.10 ? 201 KOX A O01  1 
HETATM 1346 C  C02  A KOX B 2 .   ? 1.546   4.822   -3.956  0.50 14.75 ? 201 KOX A C02  1 
HETATM 1347 N  N03  A KOX B 2 .   ? 0.424   4.297   -4.421  0.50 17.10 ? 201 KOX A N03  1 
HETATM 1348 C  C04  A KOX B 2 .   ? -0.302  5.080   -5.206  0.50 15.50 ? 201 KOX A C04  1 
HETATM 1349 S  S05  A KOX B 2 .   ? -1.815  4.467   -5.860  0.50 20.47 ? 201 KOX A S05  1 
HETATM 1350 C  C06  A KOX B 2 .   ? -1.536  2.690   -5.912  0.50 21.92 ? 201 KOX A C06  1 
HETATM 1351 C  C07  A KOX B 2 .   ? -2.759  2.109   -5.267  0.50 23.46 ? 201 KOX A C07  1 
HETATM 1352 C  C08  A KOX B 2 .   ? -3.657  1.437   -6.067  0.50 22.55 ? 201 KOX A C08  1 
HETATM 1353 C  C09  A KOX B 2 .   ? -4.806  0.934   -5.477  0.50 23.85 ? 201 KOX A C09  1 
HETATM 1354 C  C11  A KOX B 2 .   ? -4.089  1.803   -3.319  0.50 24.04 ? 201 KOX A C11  1 
HETATM 1355 C  C12  A KOX B 2 .   ? -2.963  2.301   -3.911  0.50 25.04 ? 201 KOX A C12  1 
HETATM 1356 CL CL13 A KOX B 2 .   ? -1.784  3.168   -2.915  0.50 29.19 ? 201 KOX A CL13 1 
HETATM 1357 C  C14  A KOX B 2 .   ? 0.006   6.346   -5.550  0.50 16.11 ? 201 KOX A C14  1 
HETATM 1358 N  N16  A KOX B 2 .   ? 1.856   6.070   -4.290  0.50 14.11 ? 201 KOX A N16  1 
HETATM 1359 C  C10  B KOX C 2 .   ? -4.748  1.492   -3.870  0.50 18.32 ? 202 KOX A C10  1 
HETATM 1360 C  C15  B KOX C 2 .   ? 1.137   6.856   -4.921  0.50 15.88 ? 202 KOX A C15  1 
HETATM 1361 O  O01  B KOX C 2 .   ? 2.185   4.112   -3.165  0.50 16.67 ? 202 KOX A O01  1 
HETATM 1362 C  C02  B KOX C 2 .   ? 1.514   4.765   -3.957  0.50 16.42 ? 202 KOX A C02  1 
HETATM 1363 N  N03  B KOX C 2 .   ? 0.556   4.242   -4.727  0.50 18.21 ? 202 KOX A N03  1 
HETATM 1364 C  C04  B KOX C 2 .   ? -0.107  5.007   -5.556  0.50 15.67 ? 202 KOX A C04  1 
HETATM 1365 S  S05  B KOX C 2 .   ? -1.396  4.298   -6.604  0.50 18.55 ? 202 KOX A S05  1 
HETATM 1366 C  C06  B KOX C 2 .   ? -1.446  2.532   -6.323  0.50 19.95 ? 202 KOX A C06  1 
HETATM 1367 C  C07  B KOX C 2 .   ? -2.609  2.183   -5.428  0.50 18.61 ? 202 KOX A C07  1 
HETATM 1368 C  C08  B KOX C 2 .   ? -2.442  2.105   -4.068  0.50 17.25 ? 202 KOX A C08  1 
HETATM 1369 C  C09  B KOX C 2 .   ? -3.537  1.792   -3.264  0.50 17.59 ? 202 KOX A C09  1 
HETATM 1370 C  C11  B KOX C 2 .   ? -4.907  1.561   -5.219  0.50 19.12 ? 202 KOX A C11  1 
HETATM 1371 C  C12  B KOX C 2 .   ? -3.826  1.903   -6.005  0.50 18.19 ? 202 KOX A C12  1 
HETATM 1372 CL CL13 B KOX C 2 .   ? -4.049  2.002   -7.754  0.50 19.47 ? 202 KOX A CL13 1 
HETATM 1373 C  C14  B KOX C 2 .   ? 0.170   6.332   -5.690  0.50 16.48 ? 202 KOX A C14  1 
HETATM 1374 N  N16  B KOX C 2 .   ? 1.769   6.052   -4.086  0.50 15.80 ? 202 KOX A N16  1 
HETATM 1375 S  S    . SO4 D 3 .   ? -5.640  -1.060  15.189  1.00 28.38 ? 203 SO4 A S    1 
HETATM 1376 O  O1   . SO4 D 3 .   ? -5.670  0.241   15.822  1.00 32.28 ? 203 SO4 A O1   1 
HETATM 1377 O  O2   . SO4 D 3 .   ? -6.581  -1.914  15.880  1.00 34.97 ? 203 SO4 A O2   1 
HETATM 1378 O  O3   . SO4 D 3 .   ? -4.318  -1.642  15.268  1.00 33.79 ? 203 SO4 A O3   1 
HETATM 1379 O  O4   . SO4 D 3 .   ? -6.076  -0.902  13.817  1.00 24.44 ? 203 SO4 A O4   1 
HETATM 1380 O  O    . HOH E 4 .   ? -17.581 -6.102  -1.391  1.00 35.42 ? 301 HOH A O    1 
HETATM 1381 O  O    . HOH E 4 .   ? -6.865  -17.592 11.174  1.00 27.70 ? 302 HOH A O    1 
HETATM 1382 O  O    . HOH E 4 .   ? -13.647 -9.446  6.499   1.00 35.39 ? 303 HOH A O    1 
HETATM 1383 O  O    . HOH E 4 .   ? 15.812  -7.782  6.731   1.00 31.04 ? 304 HOH A O    1 
HETATM 1384 O  O    . HOH E 4 .   ? 12.949  -3.810  -8.919  1.00 32.34 ? 305 HOH A O    1 
HETATM 1385 O  O    . HOH E 4 .   ? 2.903   4.285   -11.684 1.00 39.76 ? 306 HOH A O    1 
HETATM 1386 O  O    . HOH E 4 .   ? 15.652  -5.344  -3.725  1.00 32.62 ? 307 HOH A O    1 
HETATM 1387 O  O    . HOH E 4 .   ? 9.688   8.505   13.739  1.00 14.30 ? 308 HOH A O    1 
HETATM 1388 O  O    . HOH E 4 .   ? -7.851  -2.359  12.203  1.00 38.18 ? 309 HOH A O    1 
HETATM 1389 O  O    . HOH E 4 .   ? -18.063 -5.167  5.265   1.00 26.44 ? 310 HOH A O    1 
HETATM 1390 O  O    . HOH E 4 .   ? 15.648  -8.975  -0.364  1.00 25.48 ? 311 HOH A O    1 
HETATM 1391 O  O    . HOH E 4 .   ? -3.938  -12.605 10.498  1.00 30.39 ? 312 HOH A O    1 
HETATM 1392 O  O    . HOH E 4 .   ? -6.445  -13.083 -11.937 1.00 18.25 ? 313 HOH A O    1 
HETATM 1393 O  O    . HOH E 4 .   ? -5.287  19.488  -8.967  1.00 31.43 ? 314 HOH A O    1 
HETATM 1394 O  O    . HOH E 4 .   ? -15.663 -7.701  1.904   1.00 29.13 ? 315 HOH A O    1 
HETATM 1395 O  O    . HOH E 4 .   ? -7.423  -10.513 -14.475 1.00 26.52 ? 316 HOH A O    1 
HETATM 1396 O  O    . HOH E 4 .   ? -11.736 -6.085  -6.840  1.00 28.59 ? 317 HOH A O    1 
HETATM 1397 O  O    . HOH E 4 .   ? 14.075  -10.921 -2.040  1.00 32.44 ? 318 HOH A O    1 
HETATM 1398 O  O    . HOH E 4 .   ? -1.702  -12.627 -7.429  1.00 17.94 ? 319 HOH A O    1 
HETATM 1399 O  O    . HOH E 4 .   ? 4.116   -0.792  10.703  1.00 18.32 ? 320 HOH A O    1 
HETATM 1400 O  O    . HOH E 4 .   ? 4.896   1.789   -4.909  1.00 11.64 ? 321 HOH A O    1 
HETATM 1401 O  O    . HOH E 4 .   ? 9.512   -12.655 -8.476  1.00 27.56 ? 322 HOH A O    1 
HETATM 1402 O  O    . HOH E 4 .   ? 16.277  0.042   0.015   1.00 30.60 ? 323 HOH A O    1 
HETATM 1403 O  O    . HOH E 4 .   ? 5.505   19.104  -16.412 1.00 24.39 ? 324 HOH A O    1 
HETATM 1404 O  O    . HOH E 4 .   ? 4.332   -3.429  11.813  1.00 32.87 ? 325 HOH A O    1 
HETATM 1405 O  O    . HOH E 4 .   ? -10.134 7.734   -7.486  1.00 21.55 ? 326 HOH A O    1 
HETATM 1406 O  O    . HOH E 4 .   ? -13.013 -11.230 -3.627  1.00 25.17 ? 327 HOH A O    1 
HETATM 1407 O  O    . HOH E 4 .   ? 9.758   14.549  5.024   1.00 31.37 ? 328 HOH A O    1 
HETATM 1408 O  O    . HOH E 4 .   ? -0.244  -9.937  -17.238 1.00 28.07 ? 329 HOH A O    1 
HETATM 1409 O  O    . HOH E 4 .   ? 1.309   -18.246 -11.289 1.00 21.87 ? 330 HOH A O    1 
HETATM 1410 O  O    . HOH E 4 .   ? 15.669  -0.637  2.347   1.00 33.50 ? 331 HOH A O    1 
HETATM 1411 O  O    . HOH E 4 .   ? -0.396  -8.615  12.796  1.00 30.75 ? 332 HOH A O    1 
HETATM 1412 O  O    . HOH E 4 .   ? 13.094  -11.886 2.208   1.00 27.46 ? 333 HOH A O    1 
HETATM 1413 O  O    . HOH E 4 .   ? 5.543   12.541  -13.728 1.00 22.18 ? 334 HOH A O    1 
HETATM 1414 O  O    . HOH E 4 .   ? -7.661  -13.067 -7.603  1.00 24.41 ? 335 HOH A O    1 
HETATM 1415 O  O    . HOH E 4 .   ? 2.127   -6.663  1.536   1.00 15.26 ? 336 HOH A O    1 
HETATM 1416 O  O    . HOH E 4 .   ? -8.008  4.973   14.228  1.00 22.58 ? 337 HOH A O    1 
HETATM 1417 O  O    . HOH E 4 .   ? 11.006  -11.889 9.352   1.00 31.93 ? 338 HOH A O    1 
HETATM 1418 O  O    . HOH E 4 .   ? -8.398  9.568   -8.504  1.00 25.89 ? 339 HOH A O    1 
HETATM 1419 O  O    . HOH E 4 .   ? -24.036 -2.768  -4.195  1.00 16.09 ? 340 HOH A O    1 
HETATM 1420 O  O    . HOH E 4 .   ? 5.158   -14.445 -7.135  1.00 24.32 ? 341 HOH A O    1 
HETATM 1421 O  O    . HOH E 4 .   ? -4.891  11.830  13.933  1.00 24.93 ? 342 HOH A O    1 
HETATM 1422 O  O    . HOH E 4 .   ? -3.787  1.960   14.648  1.00 21.87 ? 343 HOH A O    1 
HETATM 1423 O  O    . HOH E 4 .   ? 7.868   21.167  -3.525  1.00 24.25 ? 344 HOH A O    1 
HETATM 1424 O  O    . HOH E 4 .   ? 3.026   1.339   12.055  1.00 19.55 ? 345 HOH A O    1 
HETATM 1425 O  O    . HOH E 4 .   ? -13.275 -9.084  3.644   1.00 21.44 ? 346 HOH A O    1 
HETATM 1426 O  O    . HOH E 4 .   ? -1.264  14.622  -13.213 1.00 20.88 ? 347 HOH A O    1 
HETATM 1427 O  O    . HOH E 4 .   ? 4.738   9.021   16.385  1.00 19.77 ? 348 HOH A O    1 
HETATM 1428 O  O    . HOH E 4 .   ? -4.731  -15.372 8.704   1.00 26.91 ? 349 HOH A O    1 
HETATM 1429 O  O    . HOH E 4 .   ? 5.774   19.206  3.900   1.00 34.36 ? 350 HOH A O    1 
HETATM 1430 O  O    . HOH E 4 .   ? -9.764  -13.630 7.638   1.00 22.92 ? 351 HOH A O    1 
HETATM 1431 O  O    . HOH E 4 .   ? 6.019   16.235  -14.122 1.00 28.66 ? 352 HOH A O    1 
HETATM 1432 O  O    . HOH E 4 .   ? -6.987  -11.668 3.149   1.00 13.85 ? 353 HOH A O    1 
HETATM 1433 O  O    . HOH E 4 .   ? 9.356   -5.382  10.784  1.00 30.05 ? 354 HOH A O    1 
HETATM 1434 O  O    . HOH E 4 .   ? -20.095 -5.367  -0.349  1.00 33.06 ? 355 HOH A O    1 
HETATM 1435 O  O    . HOH E 4 .   ? 10.372  6.412   -7.234  1.00 27.57 ? 356 HOH A O    1 
HETATM 1436 O  O    . HOH E 4 .   ? 14.378  6.647   -2.739  1.00 29.72 ? 357 HOH A O    1 
HETATM 1437 O  O    . HOH E 4 .   ? -14.830 -4.281  9.580   1.00 26.58 ? 358 HOH A O    1 
HETATM 1438 O  O    . HOH E 4 .   ? 3.981   -12.631 -16.083 1.00 29.29 ? 359 HOH A O    1 
HETATM 1439 O  O    . HOH E 4 .   ? -12.848 8.982   1.082   1.00 26.95 ? 360 HOH A O    1 
HETATM 1440 O  O    . HOH E 4 .   ? 6.496   23.534  -4.144  1.00 28.38 ? 361 HOH A O    1 
HETATM 1441 O  O    . HOH E 4 .   ? -0.680  -21.048 5.639   1.00 33.18 ? 362 HOH A O    1 
HETATM 1442 O  O    . HOH E 4 .   ? -2.385  -18.818 -1.243  1.00 23.70 ? 363 HOH A O    1 
HETATM 1443 O  O    . HOH E 4 .   ? 9.994   5.161   -3.644  1.00 13.99 ? 364 HOH A O    1 
HETATM 1444 O  O    . HOH E 4 .   ? 2.982   7.115   15.419  1.00 15.12 ? 365 HOH A O    1 
HETATM 1445 O  O    . HOH E 4 .   ? -6.595  13.975  -8.146  1.00 13.18 ? 366 HOH A O    1 
HETATM 1446 O  O    . HOH E 4 .   ? -5.786  2.701   7.914   1.00 17.83 ? 367 HOH A O    1 
HETATM 1447 O  O    . HOH E 4 .   ? 11.229  9.795   -3.529  1.00 20.65 ? 368 HOH A O    1 
HETATM 1448 O  O    . HOH E 4 .   ? 0.191   3.446   -14.345 1.00 30.63 ? 369 HOH A O    1 
HETATM 1449 O  O    . HOH E 4 .   ? 1.289   -3.737  -5.870  1.00 16.93 ? 370 HOH A O    1 
HETATM 1450 O  O    . HOH E 4 .   ? -22.000 -4.174  -3.001  1.00 26.87 ? 371 HOH A O    1 
HETATM 1451 O  O    . HOH E 4 .   ? -22.864 -3.808  5.406   1.00 26.76 ? 372 HOH A O    1 
HETATM 1452 O  O    . HOH E 4 .   ? 6.250   -9.083  -13.430 1.00 20.94 ? 373 HOH A O    1 
HETATM 1453 O  O    . HOH E 4 .   ? -4.116  -13.706 -6.470  1.00 29.11 ? 374 HOH A O    1 
HETATM 1454 O  O    . HOH E 4 .   ? 4.770   -16.063 7.227   1.00 34.47 ? 375 HOH A O    1 
HETATM 1455 O  O    . HOH E 4 .   ? 9.374   3.745   -10.437 1.00 30.13 ? 376 HOH A O    1 
HETATM 1456 O  O    . HOH E 4 .   ? -9.541  14.654  -15.891 1.00 28.77 ? 377 HOH A O    1 
HETATM 1457 O  O    . HOH E 4 .   ? 5.907   2.091   17.738  1.00 24.13 ? 378 HOH A O    1 
HETATM 1458 O  O    . HOH E 4 .   ? -9.635  -1.682  -7.151  1.00 23.61 ? 379 HOH A O    1 
HETATM 1459 O  O    . HOH E 4 .   ? 5.064   17.198  9.688   1.00 33.48 ? 380 HOH A O    1 
HETATM 1460 O  O    . HOH E 4 .   ? 2.323   -1.415  -7.562  1.00 22.13 ? 381 HOH A O    1 
HETATM 1461 O  O    . HOH E 4 .   ? -10.489 -2.184  -0.669  1.00 19.83 ? 382 HOH A O    1 
HETATM 1462 O  O    . HOH E 4 .   ? 12.973  3.060   8.949   1.00 20.44 ? 383 HOH A O    1 
HETATM 1463 O  O    . HOH E 4 .   ? 15.691  0.706   -5.319  1.00 28.77 ? 384 HOH A O    1 
HETATM 1464 O  O    . HOH E 4 .   ? 5.666   13.941  12.470  1.00 20.57 ? 385 HOH A O    1 
HETATM 1465 O  O    . HOH E 4 .   ? -12.947 -3.242  -5.625  1.00 25.30 ? 386 HOH A O    1 
HETATM 1466 O  O    . HOH E 4 .   ? -0.338  15.329  6.396   1.00 23.57 ? 387 HOH A O    1 
HETATM 1467 O  O    . HOH E 4 .   ? 1.870   -18.645 -7.616  1.00 28.37 ? 388 HOH A O    1 
HETATM 1468 O  O    . HOH E 4 .   ? 8.566   -6.766  -13.496 1.00 26.21 ? 389 HOH A O    1 
HETATM 1469 O  O    . HOH E 4 .   ? -10.345 11.807  -11.310 1.00 22.16 ? 390 HOH A O    1 
HETATM 1470 O  O    . HOH E 4 .   ? -4.230  -8.078  -22.643 1.00 29.18 ? 391 HOH A O    1 
HETATM 1471 O  O    . HOH E 4 .   ? -5.056  4.228   15.024  1.00 20.15 ? 392 HOH A O    1 
HETATM 1472 O  O    . HOH E 4 .   ? 3.706   9.983   -15.698 1.00 23.70 ? 393 HOH A O    1 
HETATM 1473 O  O    . HOH E 4 .   ? 5.819   20.265  -0.323  1.00 26.30 ? 394 HOH A O    1 
HETATM 1474 O  O    . HOH E 4 .   ? -4.154  12.583  5.228   1.00 30.94 ? 395 HOH A O    1 
HETATM 1475 O  O    . HOH E 4 .   ? 3.132   -5.593  10.607  1.00 21.83 ? 396 HOH A O    1 
HETATM 1476 O  O    . HOH E 4 .   ? -9.866  -13.630 -5.660  1.00 31.52 ? 397 HOH A O    1 
HETATM 1477 O  O    . HOH E 4 .   ? -19.205 -1.600  -5.135  1.00 20.35 ? 398 HOH A O    1 
HETATM 1478 O  O    . HOH E 4 .   ? -13.245 -0.436  8.681   1.00 19.48 ? 399 HOH A O    1 
HETATM 1479 O  O    . HOH E 4 .   ? -7.680  4.318   -9.597  1.00 33.41 ? 400 HOH A O    1 
HETATM 1480 O  O    . HOH E 4 .   ? 5.644   4.665   18.496  1.00 24.57 ? 401 HOH A O    1 
HETATM 1481 O  O    . HOH E 4 .   ? 15.444  1.155   12.156  1.00 21.82 ? 402 HOH A O    1 
HETATM 1482 O  O    . HOH E 4 .   ? 1.089   5.950   18.952  1.00 25.98 ? 403 HOH A O    1 
HETATM 1483 O  O    . HOH E 4 .   ? 0.876   0.663   -7.328  1.00 25.29 ? 404 HOH A O    1 
HETATM 1484 O  O    . HOH E 4 .   ? -5.437  -11.916 -9.535  1.00 29.35 ? 405 HOH A O    1 
HETATM 1485 O  O    . HOH E 4 .   ? 13.835  6.290   1.945   1.00 31.37 ? 406 HOH A O    1 
HETATM 1486 O  O    . HOH E 4 .   ? 4.866   17.872  6.254   1.00 27.80 ? 407 HOH A O    1 
HETATM 1487 O  O    . HOH E 4 .   ? -9.122  5.439   10.357  1.00 31.95 ? 408 HOH A O    1 
HETATM 1488 O  O    . HOH E 4 .   ? -5.543  -15.281 -5.255  1.00 32.25 ? 409 HOH A O    1 
HETATM 1489 O  O    . HOH E 4 .   ? 2.507   10.667  17.027  1.00 29.55 ? 410 HOH A O    1 
HETATM 1490 O  O    . HOH E 4 .   ? -6.494  14.329  -16.739 1.00 31.38 ? 411 HOH A O    1 
HETATM 1491 O  O    . HOH E 4 .   ? 2.515   -15.500 9.115   1.00 32.41 ? 412 HOH A O    1 
HETATM 1492 O  O    . HOH E 4 .   ? -11.361 -12.295 -1.454  1.00 31.72 ? 413 HOH A O    1 
HETATM 1493 O  O    . HOH E 4 .   ? -1.818  22.682  -9.848  1.00 27.95 ? 414 HOH A O    1 
HETATM 1494 O  O    . HOH E 4 .   ? 2.718   21.458  1.360   0.50 30.09 ? 415 HOH A O    1 
HETATM 1495 O  O    . HOH E 4 .   ? -19.844 -4.745  -4.658  1.00 38.99 ? 416 HOH A O    1 
HETATM 1496 O  O    . HOH E 4 .   ? 1.253   -6.060  12.393  1.00 29.94 ? 417 HOH A O    1 
HETATM 1497 O  O    . HOH E 4 .   ? 1.844   0.708   14.239  1.00 34.10 ? 418 HOH A O    1 
HETATM 1498 O  O    . HOH E 4 .   ? -14.946 -1.462  -6.798  1.00 35.09 ? 419 HOH A O    1 
HETATM 1499 O  O    . HOH E 4 .   ? -8.225  3.681   8.404   1.00 24.95 ? 420 HOH A O    1 
HETATM 1500 O  O    . HOH E 4 .   ? -10.122 5.690   15.784  1.00 31.57 ? 421 HOH A O    1 
HETATM 1501 O  O    . HOH E 4 .   ? -0.087  -13.995 -16.655 1.00 28.90 ? 422 HOH A O    1 
HETATM 1502 O  O    . HOH E 4 .   ? -7.491  0.015   -7.529  1.00 34.32 ? 423 HOH A O    1 
HETATM 1503 O  O    . HOH E 4 .   ? 3.169   5.225   17.493  1.00 26.04 ? 424 HOH A O    1 
HETATM 1504 O  O    . HOH E 4 .   ? 15.853  -8.133  -3.079  1.00 33.05 ? 425 HOH A O    1 
HETATM 1505 O  O    . HOH E 4 .   ? -0.005  17.304  8.140   1.00 31.69 ? 426 HOH A O    1 
HETATM 1506 O  O    . HOH E 4 .   ? -3.137  15.188  5.734   1.00 32.79 ? 427 HOH A O    1 
HETATM 1507 O  O    . HOH E 4 .   ? -10.591 0.814   9.179   1.00 26.53 ? 428 HOH A O    1 
HETATM 1508 O  O    . HOH E 4 .   ? 14.108  0.745   9.754   1.00 23.96 ? 429 HOH A O    1 
HETATM 1509 O  O    . HOH E 4 .   ? -12.398 8.090   -8.610  1.00 34.94 ? 430 HOH A O    1 
# 
loop_
_pdbx_poly_seq_scheme.asym_id 
_pdbx_poly_seq_scheme.entity_id 
_pdbx_poly_seq_scheme.seq_id 
_pdbx_poly_seq_scheme.mon_id 
_pdbx_poly_seq_scheme.ndb_seq_num 
_pdbx_poly_seq_scheme.pdb_seq_num 
_pdbx_poly_seq_scheme.auth_seq_num 
_pdbx_poly_seq_scheme.pdb_mon_id 
_pdbx_poly_seq_scheme.auth_mon_id 
_pdbx_poly_seq_scheme.pdb_strand_id 
_pdbx_poly_seq_scheme.pdb_ins_code 
_pdbx_poly_seq_scheme.hetero 
A 1 1   GLY 1   -2  ?   ?   ?   A . n 
A 1 2   SER 2   -1  ?   ?   ?   A . n 
A 1 3   HIS 3   0   ?   ?   ?   A . n 
A 1 4   MET 4   1   ?   ?   ?   A . n 
A 1 5   GLY 5   2   ?   ?   ?   A . n 
A 1 6   ALA 6   3   3   ALA ALA A . n 
A 1 7   SER 7   4   4   SER SER A . n 
A 1 8   ARG 8   5   5   ARG ARG A . n 
A 1 9   LEU 9   6   6   LEU LEU A . n 
A 1 10  TYR 10  7   7   TYR TYR A . n 
A 1 11  THR 11  8   8   THR THR A . n 
A 1 12  LEU 12  9   9   LEU LEU A . n 
A 1 13  VAL 13  10  10  VAL VAL A . n 
A 1 14  LEU 14  11  11  LEU LEU A . n 
A 1 15  VAL 15  12  12  VAL VAL A . n 
A 1 16  LEU 16  13  13  LEU LEU A . n 
A 1 17  GLN 17  14  14  GLN GLN A . n 
A 1 18  PRO 18  15  15  PRO PRO A . n 
A 1 19  GLN 19  16  16  GLN GLN A . n 
A 1 20  ARG 20  17  17  ARG ARG A . n 
A 1 21  VAL 21  18  18  VAL VAL A . n 
A 1 22  LEU 22  19  19  LEU LEU A . n 
A 1 23  LEU 23  20  20  LEU LEU A . n 
A 1 24  GLY 24  21  21  GLY GLY A . n 
A 1 25  MET 25  22  22  MET MET A . n 
A 1 26  LYS 26  23  23  LYS LYS A . n 
A 1 27  LYS 27  24  24  LYS LYS A . n 
A 1 28  ARG 28  25  25  ARG ARG A . n 
A 1 29  GLY 29  26  26  GLY GLY A . n 
A 1 30  PHE 30  27  27  PHE PHE A . n 
A 1 31  GLY 31  28  28  GLY GLY A . n 
A 1 32  ALA 32  29  29  ALA ALA A . n 
A 1 33  GLY 33  30  30  GLY GLY A . n 
A 1 34  ARG 34  31  31  ARG ARG A . n 
A 1 35  TRP 35  32  32  TRP TRP A . n 
A 1 36  ASN 36  33  33  ASN ASN A . n 
A 1 37  GLY 37  34  34  GLY GLY A . n 
A 1 38  PHE 38  35  35  PHE PHE A . n 
A 1 39  GLY 39  36  36  GLY GLY A . n 
A 1 40  GLY 40  37  37  GLY GLY A . n 
A 1 41  LYS 41  38  38  LYS LYS A . n 
A 1 42  VAL 42  39  39  VAL VAL A . n 
A 1 43  GLN 43  40  40  GLN GLN A . n 
A 1 44  GLU 44  41  41  GLU GLU A . n 
A 1 45  GLY 45  42  42  GLY GLY A . n 
A 1 46  GLU 46  43  43  GLU GLU A . n 
A 1 47  THR 47  44  44  THR THR A . n 
A 1 48  ILE 48  45  45  ILE ILE A . n 
A 1 49  GLU 49  46  46  GLU GLU A . n 
A 1 50  ASP 50  47  47  ASP ASP A . n 
A 1 51  GLY 51  48  48  GLY GLY A . n 
A 1 52  ALA 52  49  49  ALA ALA A . n 
A 1 53  ARG 53  50  50  ARG ARG A . n 
A 1 54  ARG 54  51  51  ARG ARG A . n 
A 1 55  GLU 55  52  52  GLU GLU A . n 
A 1 56  LEU 56  53  53  LEU LEU A . n 
A 1 57  GLN 57  54  54  GLN GLN A . n 
A 1 58  GLU 58  55  55  GLU GLU A . n 
A 1 59  GLU 59  56  56  GLU GLU A . n 
A 1 60  SER 60  57  57  SER SER A . n 
A 1 61  GLY 61  58  58  GLY GLY A . n 
A 1 62  LEU 62  59  59  LEU LEU A . n 
A 1 63  THR 63  60  60  THR THR A . n 
A 1 64  VAL 64  61  61  VAL VAL A . n 
A 1 65  ASP 65  62  62  ASP ASP A . n 
A 1 66  ALA 66  63  63  ALA ALA A . n 
A 1 67  LEU 67  64  64  LEU LEU A . n 
A 1 68  HIS 68  65  65  HIS HIS A . n 
A 1 69  LYS 69  66  66  LYS LYS A . n 
A 1 70  VAL 70  67  67  VAL VAL A . n 
A 1 71  GLY 71  68  68  GLY GLY A . n 
A 1 72  GLN 72  69  69  GLN GLN A . n 
A 1 73  ILE 73  70  70  ILE ILE A . n 
A 1 74  VAL 74  71  71  VAL VAL A . n 
A 1 75  PHE 75  72  72  PHE PHE A . n 
A 1 76  GLU 76  73  73  GLU GLU A . n 
A 1 77  PHE 77  74  74  PHE PHE A . n 
A 1 78  VAL 78  75  75  VAL VAL A . n 
A 1 79  GLY 79  76  76  GLY GLY A . n 
A 1 80  GLU 80  77  77  GLU GLU A . n 
A 1 81  PRO 81  78  78  PRO PRO A . n 
A 1 82  GLU 82  79  79  GLU GLU A . n 
A 1 83  LEU 83  80  80  LEU LEU A . n 
A 1 84  MET 84  81  81  MET MET A . n 
A 1 85  ASP 85  82  82  ASP ASP A . n 
A 1 86  VAL 86  83  83  VAL VAL A . n 
A 1 87  HIS 87  84  84  HIS HIS A . n 
A 1 88  VAL 88  85  85  VAL VAL A . n 
A 1 89  PHE 89  86  86  PHE PHE A . n 
A 1 90  CYS 90  87  87  CYS CYS A . n 
A 1 91  THR 91  88  88  THR THR A . n 
A 1 92  ASP 92  89  89  ASP ASP A . n 
A 1 93  SER 93  90  90  SER SER A . n 
A 1 94  ILE 94  91  91  ILE ILE A . n 
A 1 95  GLN 95  92  92  GLN GLN A . n 
A 1 96  GLY 96  93  93  GLY GLY A . n 
A 1 97  THR 97  94  94  THR THR A . n 
A 1 98  PRO 98  95  95  PRO PRO A . n 
A 1 99  VAL 99  96  96  VAL VAL A . n 
A 1 100 GLU 100 97  97  GLU GLU A . n 
A 1 101 SER 101 98  98  SER SER A . n 
A 1 102 ASP 102 99  99  ASP ASP A . n 
A 1 103 GLU 103 100 100 GLU GLU A . n 
A 1 104 MET 104 101 101 MET MET A . n 
A 1 105 ARG 105 102 102 ARG ARG A . n 
A 1 106 PRO 106 103 103 PRO PRO A . n 
A 1 107 CYS 107 104 104 CYS CYS A . n 
A 1 108 TRP 108 105 105 TRP TRP A . n 
A 1 109 PHE 109 106 106 PHE PHE A . n 
A 1 110 GLN 110 107 107 GLN GLN A . n 
A 1 111 LEU 111 108 108 LEU LEU A . n 
A 1 112 ASP 112 109 109 ASP ASP A . n 
A 1 113 GLN 113 110 110 GLN GLN A . n 
A 1 114 ILE 114 111 111 ILE ILE A . n 
A 1 115 PRO 115 112 112 PRO PRO A . n 
A 1 116 PHE 116 113 113 PHE PHE A . n 
A 1 117 LYS 117 114 114 LYS LYS A . n 
A 1 118 ASP 118 115 115 ASP ASP A . n 
A 1 119 MET 119 116 116 MET MET A . n 
A 1 120 TRP 120 117 117 TRP TRP A . n 
A 1 121 PRO 121 118 118 PRO PRO A . n 
A 1 122 ASP 122 119 119 ASP ASP A . n 
A 1 123 ASP 123 120 120 ASP ASP A . n 
A 1 124 SER 124 121 121 SER SER A . n 
A 1 125 TYR 125 122 122 TYR TYR A . n 
A 1 126 TRP 126 123 123 TRP TRP A . n 
A 1 127 PHE 127 124 124 PHE PHE A . n 
A 1 128 PRO 128 125 125 PRO PRO A . n 
A 1 129 LEU 129 126 126 LEU LEU A . n 
A 1 130 LEU 130 127 127 LEU LEU A . n 
A 1 131 LEU 131 128 128 LEU LEU A . n 
A 1 132 GLN 132 129 129 GLN GLN A . n 
A 1 133 LYS 133 130 130 LYS LYS A . n 
A 1 134 LYS 134 131 131 LYS LYS A . n 
A 1 135 LYS 135 132 132 LYS LYS A . n 
A 1 136 PHE 136 133 133 PHE PHE A . n 
A 1 137 HIS 137 134 134 HIS HIS A . n 
A 1 138 GLY 138 135 135 GLY GLY A . n 
A 1 139 TYR 139 136 136 TYR TYR A . n 
A 1 140 PHE 140 137 137 PHE PHE A . n 
A 1 141 LYS 141 138 138 LYS LYS A . n 
A 1 142 PHE 142 139 139 PHE PHE A . n 
A 1 143 GLN 143 140 140 GLN GLN A . n 
A 1 144 GLY 144 141 141 GLY GLY A . n 
A 1 145 GLN 145 142 142 GLN GLN A . n 
A 1 146 ASP 146 143 143 ASP ASP A . n 
A 1 147 THR 147 144 144 THR THR A . n 
A 1 148 ILE 148 145 145 ILE ILE A . n 
A 1 149 LEU 149 146 146 LEU LEU A . n 
A 1 150 ASP 150 147 147 ASP ASP A . n 
A 1 151 TYR 151 148 148 TYR TYR A . n 
A 1 152 THR 152 149 149 THR THR A . n 
A 1 153 LEU 153 150 150 LEU LEU A . n 
A 1 154 ARG 154 151 151 ARG ARG A . n 
A 1 155 GLU 155 152 152 GLU GLU A . n 
A 1 156 VAL 156 153 153 VAL VAL A . n 
A 1 157 ASP 157 154 154 ASP ASP A . n 
A 1 158 THR 158 155 155 THR THR A . n 
A 1 159 VAL 159 156 156 VAL VAL A . n 
# 
_pdbx_contact_author.id                 3 
_pdbx_contact_author.email              pal.stenmark@dbb.su.se 
_pdbx_contact_author.name_first         Pal 
_pdbx_contact_author.name_last          Stenmark 
_pdbx_contact_author.name_mi            ? 
_pdbx_contact_author.role               'principal investigator/group leader' 
_pdbx_contact_author.identifier_ORCID   0000-0003-4777-3417 
# 
loop_
_pdbx_nonpoly_scheme.asym_id 
_pdbx_nonpoly_scheme.entity_id 
_pdbx_nonpoly_scheme.mon_id 
_pdbx_nonpoly_scheme.ndb_seq_num 
_pdbx_nonpoly_scheme.pdb_seq_num 
_pdbx_nonpoly_scheme.auth_seq_num 
_pdbx_nonpoly_scheme.pdb_mon_id 
_pdbx_nonpoly_scheme.auth_mon_id 
_pdbx_nonpoly_scheme.pdb_strand_id 
_pdbx_nonpoly_scheme.pdb_ins_code 
B 2 KOX 1   201 201 KOX LIG A . 
C 2 KOX 1   202 202 KOX LIG A . 
D 3 SO4 1   203 1   SO4 SO4 A . 
E 4 HOH 1   301 110 HOH HOH A . 
E 4 HOH 2   302 100 HOH HOH A . 
E 4 HOH 3   303 62  HOH HOH A . 
E 4 HOH 4   304 163 HOH HOH A . 
E 4 HOH 5   305 34  HOH HOH A . 
E 4 HOH 6   306 160 HOH HOH A . 
E 4 HOH 7   307 64  HOH HOH A . 
E 4 HOH 8   308 2   HOH HOH A . 
E 4 HOH 9   309 98  HOH HOH A . 
E 4 HOH 10  310 88  HOH HOH A . 
E 4 HOH 11  311 13  HOH HOH A . 
E 4 HOH 12  312 133 HOH HOH A . 
E 4 HOH 13  313 11  HOH HOH A . 
E 4 HOH 14  314 159 HOH HOH A . 
E 4 HOH 15  315 23  HOH HOH A . 
E 4 HOH 16  316 56  HOH HOH A . 
E 4 HOH 17  317 101 HOH HOH A . 
E 4 HOH 18  318 134 HOH HOH A . 
E 4 HOH 19  319 15  HOH HOH A . 
E 4 HOH 20  320 12  HOH HOH A . 
E 4 HOH 21  321 1   HOH HOH A . 
E 4 HOH 22  322 137 HOH HOH A . 
E 4 HOH 23  323 87  HOH HOH A . 
E 4 HOH 24  324 82  HOH HOH A . 
E 4 HOH 25  325 149 HOH HOH A . 
E 4 HOH 26  326 50  HOH HOH A . 
E 4 HOH 27  327 36  HOH HOH A . 
E 4 HOH 28  328 69  HOH HOH A . 
E 4 HOH 29  329 57  HOH HOH A . 
E 4 HOH 30  330 95  HOH HOH A . 
E 4 HOH 31  331 111 HOH HOH A . 
E 4 HOH 32  332 92  HOH HOH A . 
E 4 HOH 33  333 80  HOH HOH A . 
E 4 HOH 34  334 19  HOH HOH A . 
E 4 HOH 35  335 75  HOH HOH A . 
E 4 HOH 36  336 7   HOH HOH A . 
E 4 HOH 37  337 42  HOH HOH A . 
E 4 HOH 38  338 155 HOH HOH A . 
E 4 HOH 39  339 72  HOH HOH A . 
E 4 HOH 40  340 6   HOH HOH A . 
E 4 HOH 41  341 128 HOH HOH A . 
E 4 HOH 42  342 125 HOH HOH A . 
E 4 HOH 43  343 29  HOH HOH A . 
E 4 HOH 44  344 61  HOH HOH A . 
E 4 HOH 45  345 146 HOH HOH A . 
E 4 HOH 46  346 22  HOH HOH A . 
E 4 HOH 47  347 30  HOH HOH A . 
E 4 HOH 48  348 112 HOH HOH A . 
E 4 HOH 49  349 130 HOH HOH A . 
E 4 HOH 50  350 158 HOH HOH A . 
E 4 HOH 51  351 52  HOH HOH A . 
E 4 HOH 52  352 93  HOH HOH A . 
E 4 HOH 53  353 4   HOH HOH A . 
E 4 HOH 54  354 152 HOH HOH A . 
E 4 HOH 55  355 139 HOH HOH A . 
E 4 HOH 56  356 40  HOH HOH A . 
E 4 HOH 57  357 51  HOH HOH A . 
E 4 HOH 58  358 37  HOH HOH A . 
E 4 HOH 59  359 71  HOH HOH A . 
E 4 HOH 60  360 63  HOH HOH A . 
E 4 HOH 61  361 85  HOH HOH A . 
E 4 HOH 62  362 157 HOH HOH A . 
E 4 HOH 63  363 43  HOH HOH A . 
E 4 HOH 64  364 5   HOH HOH A . 
E 4 HOH 65  365 8   HOH HOH A . 
E 4 HOH 66  366 3   HOH HOH A . 
E 4 HOH 67  367 14  HOH HOH A . 
E 4 HOH 68  368 20  HOH HOH A . 
E 4 HOH 69  369 67  HOH HOH A . 
E 4 HOH 70  370 9   HOH HOH A . 
E 4 HOH 71  371 136 HOH HOH A . 
E 4 HOH 72  372 132 HOH HOH A . 
E 4 HOH 73  373 38  HOH HOH A . 
E 4 HOH 74  374 44  HOH HOH A . 
E 4 HOH 75  375 105 HOH HOH A . 
E 4 HOH 76  376 68  HOH HOH A . 
E 4 HOH 77  377 55  HOH HOH A . 
E 4 HOH 78  378 46  HOH HOH A . 
E 4 HOH 79  379 32  HOH HOH A . 
E 4 HOH 80  380 77  HOH HOH A . 
E 4 HOH 81  381 33  HOH HOH A . 
E 4 HOH 82  382 66  HOH HOH A . 
E 4 HOH 83  383 45  HOH HOH A . 
E 4 HOH 84  384 129 HOH HOH A . 
E 4 HOH 85  385 16  HOH HOH A . 
E 4 HOH 86  386 53  HOH HOH A . 
E 4 HOH 87  387 47  HOH HOH A . 
E 4 HOH 88  388 60  HOH HOH A . 
E 4 HOH 89  389 140 HOH HOH A . 
E 4 HOH 90  390 21  HOH HOH A . 
E 4 HOH 91  391 151 HOH HOH A . 
E 4 HOH 92  392 18  HOH HOH A . 
E 4 HOH 93  393 126 HOH HOH A . 
E 4 HOH 94  394 65  HOH HOH A . 
E 4 HOH 95  395 138 HOH HOH A . 
E 4 HOH 96  396 39  HOH HOH A . 
E 4 HOH 97  397 135 HOH HOH A . 
E 4 HOH 98  398 26  HOH HOH A . 
E 4 HOH 99  399 10  HOH HOH A . 
E 4 HOH 100 400 59  HOH HOH A . 
E 4 HOH 101 401 115 HOH HOH A . 
E 4 HOH 102 402 31  HOH HOH A . 
E 4 HOH 103 403 86  HOH HOH A . 
E 4 HOH 104 404 58  HOH HOH A . 
E 4 HOH 105 405 83  HOH HOH A . 
E 4 HOH 106 406 154 HOH HOH A . 
E 4 HOH 107 407 25  HOH HOH A . 
E 4 HOH 108 408 99  HOH HOH A . 
E 4 HOH 109 409 81  HOH HOH A . 
E 4 HOH 110 410 117 HOH HOH A . 
E 4 HOH 111 411 41  HOH HOH A . 
E 4 HOH 112 412 120 HOH HOH A . 
E 4 HOH 113 413 84  HOH HOH A . 
E 4 HOH 114 414 114 HOH HOH A . 
E 4 HOH 115 415 153 HOH HOH A . 
E 4 HOH 116 416 108 HOH HOH A . 
E 4 HOH 117 417 116 HOH HOH A . 
E 4 HOH 118 418 123 HOH HOH A . 
E 4 HOH 119 419 104 HOH HOH A . 
E 4 HOH 120 420 24  HOH HOH A . 
E 4 HOH 121 421 142 HOH HOH A . 
E 4 HOH 122 422 89  HOH HOH A . 
E 4 HOH 123 423 48  HOH HOH A . 
E 4 HOH 124 424 119 HOH HOH A . 
E 4 HOH 125 425 76  HOH HOH A . 
E 4 HOH 126 426 156 HOH HOH A . 
E 4 HOH 127 427 145 HOH HOH A . 
E 4 HOH 128 428 124 HOH HOH A . 
E 4 HOH 129 429 113 HOH HOH A . 
E 4 HOH 130 430 161 HOH HOH A . 
# 
_pdbx_struct_assembly.id                   1 
_pdbx_struct_assembly.details              author_defined_assembly 
_pdbx_struct_assembly.method_details       ? 
_pdbx_struct_assembly.oligomeric_details   monomeric 
_pdbx_struct_assembly.oligomeric_count     1 
# 
_pdbx_struct_assembly_gen.assembly_id       1 
_pdbx_struct_assembly_gen.oper_expression   1 
_pdbx_struct_assembly_gen.asym_id_list      A,B,C,D,E 
# 
_pdbx_struct_oper_list.id                   1 
_pdbx_struct_oper_list.type                 'identity operation' 
_pdbx_struct_oper_list.name                 1_555 
_pdbx_struct_oper_list.symmetry_operation   x,y,z 
_pdbx_struct_oper_list.matrix[1][1]         1.0000000000 
_pdbx_struct_oper_list.matrix[1][2]         0.0000000000 
_pdbx_struct_oper_list.matrix[1][3]         0.0000000000 
_pdbx_struct_oper_list.vector[1]            0.0000000000 
_pdbx_struct_oper_list.matrix[2][1]         0.0000000000 
_pdbx_struct_oper_list.matrix[2][2]         1.0000000000 
_pdbx_struct_oper_list.matrix[2][3]         0.0000000000 
_pdbx_struct_oper_list.vector[2]            0.0000000000 
_pdbx_struct_oper_list.matrix[3][1]         0.0000000000 
_pdbx_struct_oper_list.matrix[3][2]         0.0000000000 
_pdbx_struct_oper_list.matrix[3][3]         1.0000000000 
_pdbx_struct_oper_list.vector[3]            0.0000000000 
# 
_pdbx_struct_special_symmetry.id              1 
_pdbx_struct_special_symmetry.PDB_model_num   1 
_pdbx_struct_special_symmetry.auth_asym_id    A 
_pdbx_struct_special_symmetry.auth_comp_id    HOH 
_pdbx_struct_special_symmetry.auth_seq_id     415 
_pdbx_struct_special_symmetry.PDB_ins_code    ? 
_pdbx_struct_special_symmetry.label_asym_id   E 
_pdbx_struct_special_symmetry.label_comp_id   HOH 
_pdbx_struct_special_symmetry.label_seq_id    . 
# 
_pdbx_audit_revision_history.ordinal             1 
_pdbx_audit_revision_history.data_content_type   'Structure model' 
_pdbx_audit_revision_history.major_revision      1 
_pdbx_audit_revision_history.minor_revision      0 
_pdbx_audit_revision_history.revision_date       2023-09-20 
# 
_pdbx_audit_revision_details.ordinal             1 
_pdbx_audit_revision_details.revision_ordinal    1 
_pdbx_audit_revision_details.data_content_type   'Structure model' 
_pdbx_audit_revision_details.provider            repository 
_pdbx_audit_revision_details.type                'Initial release' 
_pdbx_audit_revision_details.description         ? 
_pdbx_audit_revision_details.details             ? 
# 
loop_
_software.citation_id 
_software.classification 
_software.compiler_name 
_software.compiler_version 
_software.contact_author 
_software.contact_author_email 
_software.date 
_software.description 
_software.dependencies 
_software.hardware 
_software.language 
_software.location 
_software.mods 
_software.name 
_software.os 
_software.os_version 
_software.type 
_software.version 
_software.pdbx_ordinal 
? refinement       ? ? ? ? ? ? ? ? ? ? ? REFMAC  ? ? ? 5.8.0267 1 
? 'data reduction' ? ? ? ? ? ? ? ? ? ? ? DIALS   ? ? ? .        2 
? 'data scaling'   ? ? ? ? ? ? ? ? ? ? ? Aimless ? ? ? .        3 
? phasing          ? ? ? ? ? ? ? ? ? ? ? PHASER  ? ? ? .        4 
# 
_pdbx_entry_details.entry_id                 8A0S 
_pdbx_entry_details.has_ligand_of_interest   Y 
_pdbx_entry_details.compound_details         ? 
_pdbx_entry_details.source_details           ? 
_pdbx_entry_details.nonpolymer_details       ? 
_pdbx_entry_details.sequence_details         ? 
# 
_pdbx_validate_close_contact.id               1 
_pdbx_validate_close_contact.PDB_model_num    1 
_pdbx_validate_close_contact.auth_atom_id_1   OE1 
_pdbx_validate_close_contact.auth_asym_id_1   A 
_pdbx_validate_close_contact.auth_comp_id_1   GLU 
_pdbx_validate_close_contact.auth_seq_id_1    73 
_pdbx_validate_close_contact.PDB_ins_code_1   ? 
_pdbx_validate_close_contact.label_alt_id_1   ? 
_pdbx_validate_close_contact.auth_atom_id_2   OH 
_pdbx_validate_close_contact.auth_asym_id_2   A 
_pdbx_validate_close_contact.auth_comp_id_2   TYR 
_pdbx_validate_close_contact.auth_seq_id_2    136 
_pdbx_validate_close_contact.PDB_ins_code_2   ? 
_pdbx_validate_close_contact.label_alt_id_2   A 
_pdbx_validate_close_contact.dist             1.99 
# 
loop_
_pdbx_validate_rmsd_angle.id 
_pdbx_validate_rmsd_angle.PDB_model_num 
_pdbx_validate_rmsd_angle.auth_atom_id_1 
_pdbx_validate_rmsd_angle.auth_asym_id_1 
_pdbx_validate_rmsd_angle.auth_comp_id_1 
_pdbx_validate_rmsd_angle.auth_seq_id_1 
_pdbx_validate_rmsd_angle.PDB_ins_code_1 
_pdbx_validate_rmsd_angle.label_alt_id_1 
_pdbx_validate_rmsd_angle.auth_atom_id_2 
_pdbx_validate_rmsd_angle.auth_asym_id_2 
_pdbx_validate_rmsd_angle.auth_comp_id_2 
_pdbx_validate_rmsd_angle.auth_seq_id_2 
_pdbx_validate_rmsd_angle.PDB_ins_code_2 
_pdbx_validate_rmsd_angle.label_alt_id_2 
_pdbx_validate_rmsd_angle.auth_atom_id_3 
_pdbx_validate_rmsd_angle.auth_asym_id_3 
_pdbx_validate_rmsd_angle.auth_comp_id_3 
_pdbx_validate_rmsd_angle.auth_seq_id_3 
_pdbx_validate_rmsd_angle.PDB_ins_code_3 
_pdbx_validate_rmsd_angle.label_alt_id_3 
_pdbx_validate_rmsd_angle.angle_value 
_pdbx_validate_rmsd_angle.angle_target_value 
_pdbx_validate_rmsd_angle.angle_deviation 
_pdbx_validate_rmsd_angle.angle_standard_deviation 
_pdbx_validate_rmsd_angle.linker_flag 
1 1 NE A ARG 5 ? ? CZ A ARG 5 ? ? NH1 A ARG 5 ? ? 124.21 120.30 3.91  0.50 N 
2 1 NE A ARG 5 ? ? CZ A ARG 5 ? ? NH2 A ARG 5 ? ? 116.23 120.30 -4.07 0.50 N 
# 
_pdbx_validate_torsion.id              1 
_pdbx_validate_torsion.PDB_model_num   1 
_pdbx_validate_torsion.auth_comp_id    ASP 
_pdbx_validate_torsion.auth_asym_id    A 
_pdbx_validate_torsion.auth_seq_id     62 
_pdbx_validate_torsion.PDB_ins_code    ? 
_pdbx_validate_torsion.label_alt_id    ? 
_pdbx_validate_torsion.phi             -93.43 
_pdbx_validate_torsion.psi             -105.62 
# 
loop_
_pdbx_unobs_or_zero_occ_residues.id 
_pdbx_unobs_or_zero_occ_residues.PDB_model_num 
_pdbx_unobs_or_zero_occ_residues.polymer_flag 
_pdbx_unobs_or_zero_occ_residues.occupancy_flag 
_pdbx_unobs_or_zero_occ_residues.auth_asym_id 
_pdbx_unobs_or_zero_occ_residues.auth_comp_id 
_pdbx_unobs_or_zero_occ_residues.auth_seq_id 
_pdbx_unobs_or_zero_occ_residues.PDB_ins_code 
_pdbx_unobs_or_zero_occ_residues.label_asym_id 
_pdbx_unobs_or_zero_occ_residues.label_comp_id 
_pdbx_unobs_or_zero_occ_residues.label_seq_id 
1 1 Y 1 A GLY -2 ? A GLY 1 
2 1 Y 1 A SER -1 ? A SER 2 
3 1 Y 1 A HIS 0  ? A HIS 3 
4 1 Y 1 A MET 1  ? A MET 4 
5 1 Y 1 A GLY 2  ? A GLY 5 
# 
loop_
_chem_comp_atom.comp_id 
_chem_comp_atom.atom_id 
_chem_comp_atom.type_symbol 
_chem_comp_atom.pdbx_aromatic_flag 
_chem_comp_atom.pdbx_stereo_config 
_chem_comp_atom.pdbx_ordinal 
ALA N    N  N N 1   
ALA CA   C  N S 2   
ALA C    C  N N 3   
ALA O    O  N N 4   
ALA CB   C  N N 5   
ALA OXT  O  N N 6   
ALA H    H  N N 7   
ALA H2   H  N N 8   
ALA HA   H  N N 9   
ALA HB1  H  N N 10  
ALA HB2  H  N N 11  
ALA HB3  H  N N 12  
ALA HXT  H  N N 13  
ARG N    N  N N 14  
ARG CA   C  N S 15  
ARG C    C  N N 16  
ARG O    O  N N 17  
ARG CB   C  N N 18  
ARG CG   C  N N 19  
ARG CD   C  N N 20  
ARG NE   N  N N 21  
ARG CZ   C  N N 22  
ARG NH1  N  N N 23  
ARG NH2  N  N N 24  
ARG OXT  O  N N 25  
ARG H    H  N N 26  
ARG H2   H  N N 27  
ARG HA   H  N N 28  
ARG HB2  H  N N 29  
ARG HB3  H  N N 30  
ARG HG2  H  N N 31  
ARG HG3  H  N N 32  
ARG HD2  H  N N 33  
ARG HD3  H  N N 34  
ARG HE   H  N N 35  
ARG HH11 H  N N 36  
ARG HH12 H  N N 37  
ARG HH21 H  N N 38  
ARG HH22 H  N N 39  
ARG HXT  H  N N 40  
ASN N    N  N N 41  
ASN CA   C  N S 42  
ASN C    C  N N 43  
ASN O    O  N N 44  
ASN CB   C  N N 45  
ASN CG   C  N N 46  
ASN OD1  O  N N 47  
ASN ND2  N  N N 48  
ASN OXT  O  N N 49  
ASN H    H  N N 50  
ASN H2   H  N N 51  
ASN HA   H  N N 52  
ASN HB2  H  N N 53  
ASN HB3  H  N N 54  
ASN HD21 H  N N 55  
ASN HD22 H  N N 56  
ASN HXT  H  N N 57  
ASP N    N  N N 58  
ASP CA   C  N S 59  
ASP C    C  N N 60  
ASP O    O  N N 61  
ASP CB   C  N N 62  
ASP CG   C  N N 63  
ASP OD1  O  N N 64  
ASP OD2  O  N N 65  
ASP OXT  O  N N 66  
ASP H    H  N N 67  
ASP H2   H  N N 68  
ASP HA   H  N N 69  
ASP HB2  H  N N 70  
ASP HB3  H  N N 71  
ASP HD2  H  N N 72  
ASP HXT  H  N N 73  
CYS N    N  N N 74  
CYS CA   C  N R 75  
CYS C    C  N N 76  
CYS O    O  N N 77  
CYS CB   C  N N 78  
CYS SG   S  N N 79  
CYS OXT  O  N N 80  
CYS H    H  N N 81  
CYS H2   H  N N 82  
CYS HA   H  N N 83  
CYS HB2  H  N N 84  
CYS HB3  H  N N 85  
CYS HG   H  N N 86  
CYS HXT  H  N N 87  
GLN N    N  N N 88  
GLN CA   C  N S 89  
GLN C    C  N N 90  
GLN O    O  N N 91  
GLN CB   C  N N 92  
GLN CG   C  N N 93  
GLN CD   C  N N 94  
GLN OE1  O  N N 95  
GLN NE2  N  N N 96  
GLN OXT  O  N N 97  
GLN H    H  N N 98  
GLN H2   H  N N 99  
GLN HA   H  N N 100 
GLN HB2  H  N N 101 
GLN HB3  H  N N 102 
GLN HG2  H  N N 103 
GLN HG3  H  N N 104 
GLN HE21 H  N N 105 
GLN HE22 H  N N 106 
GLN HXT  H  N N 107 
GLU N    N  N N 108 
GLU CA   C  N S 109 
GLU C    C  N N 110 
GLU O    O  N N 111 
GLU CB   C  N N 112 
GLU CG   C  N N 113 
GLU CD   C  N N 114 
GLU OE1  O  N N 115 
GLU OE2  O  N N 116 
GLU OXT  O  N N 117 
GLU H    H  N N 118 
GLU H2   H  N N 119 
GLU HA   H  N N 120 
GLU HB2  H  N N 121 
GLU HB3  H  N N 122 
GLU HG2  H  N N 123 
GLU HG3  H  N N 124 
GLU HE2  H  N N 125 
GLU HXT  H  N N 126 
GLY N    N  N N 127 
GLY CA   C  N N 128 
GLY C    C  N N 129 
GLY O    O  N N 130 
GLY OXT  O  N N 131 
GLY H    H  N N 132 
GLY H2   H  N N 133 
GLY HA2  H  N N 134 
GLY HA3  H  N N 135 
GLY HXT  H  N N 136 
HIS N    N  N N 137 
HIS CA   C  N S 138 
HIS C    C  N N 139 
HIS O    O  N N 140 
HIS CB   C  N N 141 
HIS CG   C  Y N 142 
HIS ND1  N  Y N 143 
HIS CD2  C  Y N 144 
HIS CE1  C  Y N 145 
HIS NE2  N  Y N 146 
HIS OXT  O  N N 147 
HIS H    H  N N 148 
HIS H2   H  N N 149 
HIS HA   H  N N 150 
HIS HB2  H  N N 151 
HIS HB3  H  N N 152 
HIS HD1  H  N N 153 
HIS HD2  H  N N 154 
HIS HE1  H  N N 155 
HIS HE2  H  N N 156 
HIS HXT  H  N N 157 
HOH O    O  N N 158 
HOH H1   H  N N 159 
HOH H2   H  N N 160 
ILE N    N  N N 161 
ILE CA   C  N S 162 
ILE C    C  N N 163 
ILE O    O  N N 164 
ILE CB   C  N S 165 
ILE CG1  C  N N 166 
ILE CG2  C  N N 167 
ILE CD1  C  N N 168 
ILE OXT  O  N N 169 
ILE H    H  N N 170 
ILE H2   H  N N 171 
ILE HA   H  N N 172 
ILE HB   H  N N 173 
ILE HG12 H  N N 174 
ILE HG13 H  N N 175 
ILE HG21 H  N N 176 
ILE HG22 H  N N 177 
ILE HG23 H  N N 178 
ILE HD11 H  N N 179 
ILE HD12 H  N N 180 
ILE HD13 H  N N 181 
ILE HXT  H  N N 182 
KOX C10  C  Y N 183 
KOX C15  C  N N 184 
KOX O01  O  N N 185 
KOX C02  C  N N 186 
KOX N03  N  N N 187 
KOX C04  C  N N 188 
KOX S05  S  N N 189 
KOX C06  C  N N 190 
KOX C07  C  Y N 191 
KOX C08  C  Y N 192 
KOX C09  C  Y N 193 
KOX C11  C  Y N 194 
KOX C12  C  Y N 195 
KOX CL13 CL N N 196 
KOX C14  C  N N 197 
KOX N16  N  N N 198 
KOX H1   H  N N 199 
KOX H2   H  N N 200 
KOX H3   H  N N 201 
KOX H4   H  N N 202 
KOX H5   H  N N 203 
KOX H6   H  N N 204 
KOX H7   H  N N 205 
KOX H8   H  N N 206 
KOX H9   H  N N 207 
LEU N    N  N N 208 
LEU CA   C  N S 209 
LEU C    C  N N 210 
LEU O    O  N N 211 
LEU CB   C  N N 212 
LEU CG   C  N N 213 
LEU CD1  C  N N 214 
LEU CD2  C  N N 215 
LEU OXT  O  N N 216 
LEU H    H  N N 217 
LEU H2   H  N N 218 
LEU HA   H  N N 219 
LEU HB2  H  N N 220 
LEU HB3  H  N N 221 
LEU HG   H  N N 222 
LEU HD11 H  N N 223 
LEU HD12 H  N N 224 
LEU HD13 H  N N 225 
LEU HD21 H  N N 226 
LEU HD22 H  N N 227 
LEU HD23 H  N N 228 
LEU HXT  H  N N 229 
LYS N    N  N N 230 
LYS CA   C  N S 231 
LYS C    C  N N 232 
LYS O    O  N N 233 
LYS CB   C  N N 234 
LYS CG   C  N N 235 
LYS CD   C  N N 236 
LYS CE   C  N N 237 
LYS NZ   N  N N 238 
LYS OXT  O  N N 239 
LYS H    H  N N 240 
LYS H2   H  N N 241 
LYS HA   H  N N 242 
LYS HB2  H  N N 243 
LYS HB3  H  N N 244 
LYS HG2  H  N N 245 
LYS HG3  H  N N 246 
LYS HD2  H  N N 247 
LYS HD3  H  N N 248 
LYS HE2  H  N N 249 
LYS HE3  H  N N 250 
LYS HZ1  H  N N 251 
LYS HZ2  H  N N 252 
LYS HZ3  H  N N 253 
LYS HXT  H  N N 254 
MET N    N  N N 255 
MET CA   C  N S 256 
MET C    C  N N 257 
MET O    O  N N 258 
MET CB   C  N N 259 
MET CG   C  N N 260 
MET SD   S  N N 261 
MET CE   C  N N 262 
MET OXT  O  N N 263 
MET H    H  N N 264 
MET H2   H  N N 265 
MET HA   H  N N 266 
MET HB2  H  N N 267 
MET HB3  H  N N 268 
MET HG2  H  N N 269 
MET HG3  H  N N 270 
MET HE1  H  N N 271 
MET HE2  H  N N 272 
MET HE3  H  N N 273 
MET HXT  H  N N 274 
PHE N    N  N N 275 
PHE CA   C  N S 276 
PHE C    C  N N 277 
PHE O    O  N N 278 
PHE CB   C  N N 279 
PHE CG   C  Y N 280 
PHE CD1  C  Y N 281 
PHE CD2  C  Y N 282 
PHE CE1  C  Y N 283 
PHE CE2  C  Y N 284 
PHE CZ   C  Y N 285 
PHE OXT  O  N N 286 
PHE H    H  N N 287 
PHE H2   H  N N 288 
PHE HA   H  N N 289 
PHE HB2  H  N N 290 
PHE HB3  H  N N 291 
PHE HD1  H  N N 292 
PHE HD2  H  N N 293 
PHE HE1  H  N N 294 
PHE HE2  H  N N 295 
PHE HZ   H  N N 296 
PHE HXT  H  N N 297 
PRO N    N  N N 298 
PRO CA   C  N S 299 
PRO C    C  N N 300 
PRO O    O  N N 301 
PRO CB   C  N N 302 
PRO CG   C  N N 303 
PRO CD   C  N N 304 
PRO OXT  O  N N 305 
PRO H    H  N N 306 
PRO HA   H  N N 307 
PRO HB2  H  N N 308 
PRO HB3  H  N N 309 
PRO HG2  H  N N 310 
PRO HG3  H  N N 311 
PRO HD2  H  N N 312 
PRO HD3  H  N N 313 
PRO HXT  H  N N 314 
SER N    N  N N 315 
SER CA   C  N S 316 
SER C    C  N N 317 
SER O    O  N N 318 
SER CB   C  N N 319 
SER OG   O  N N 320 
SER OXT  O  N N 321 
SER H    H  N N 322 
SER H2   H  N N 323 
SER HA   H  N N 324 
SER HB2  H  N N 325 
SER HB3  H  N N 326 
SER HG   H  N N 327 
SER HXT  H  N N 328 
SO4 S    S  N N 329 
SO4 O1   O  N N 330 
SO4 O2   O  N N 331 
SO4 O3   O  N N 332 
SO4 O4   O  N N 333 
THR N    N  N N 334 
THR CA   C  N S 335 
THR C    C  N N 336 
THR O    O  N N 337 
THR CB   C  N R 338 
THR OG1  O  N N 339 
THR CG2  C  N N 340 
THR OXT  O  N N 341 
THR H    H  N N 342 
THR H2   H  N N 343 
THR HA   H  N N 344 
THR HB   H  N N 345 
THR HG1  H  N N 346 
THR HG21 H  N N 347 
THR HG22 H  N N 348 
THR HG23 H  N N 349 
THR HXT  H  N N 350 
TRP N    N  N N 351 
TRP CA   C  N S 352 
TRP C    C  N N 353 
TRP O    O  N N 354 
TRP CB   C  N N 355 
TRP CG   C  Y N 356 
TRP CD1  C  Y N 357 
TRP CD2  C  Y N 358 
TRP NE1  N  Y N 359 
TRP CE2  C  Y N 360 
TRP CE3  C  Y N 361 
TRP CZ2  C  Y N 362 
TRP CZ3  C  Y N 363 
TRP CH2  C  Y N 364 
TRP OXT  O  N N 365 
TRP H    H  N N 366 
TRP H2   H  N N 367 
TRP HA   H  N N 368 
TRP HB2  H  N N 369 
TRP HB3  H  N N 370 
TRP HD1  H  N N 371 
TRP HE1  H  N N 372 
TRP HE3  H  N N 373 
TRP HZ2  H  N N 374 
TRP HZ3  H  N N 375 
TRP HH2  H  N N 376 
TRP HXT  H  N N 377 
TYR N    N  N N 378 
TYR CA   C  N S 379 
TYR C    C  N N 380 
TYR O    O  N N 381 
TYR CB   C  N N 382 
TYR CG   C  Y N 383 
TYR CD1  C  Y N 384 
TYR CD2  C  Y N 385 
TYR CE1  C  Y N 386 
TYR CE2  C  Y N 387 
TYR CZ   C  Y N 388 
TYR OH   O  N N 389 
TYR OXT  O  N N 390 
TYR H    H  N N 391 
TYR H2   H  N N 392 
TYR HA   H  N N 393 
TYR HB2  H  N N 394 
TYR HB3  H  N N 395 
TYR HD1  H  N N 396 
TYR HD2  H  N N 397 
TYR HE1  H  N N 398 
TYR HE2  H  N N 399 
TYR HH   H  N N 400 
TYR HXT  H  N N 401 
VAL N    N  N N 402 
VAL CA   C  N S 403 
VAL C    C  N N 404 
VAL O    O  N N 405 
VAL CB   C  N N 406 
VAL CG1  C  N N 407 
VAL CG2  C  N N 408 
VAL OXT  O  N N 409 
VAL H    H  N N 410 
VAL H2   H  N N 411 
VAL HA   H  N N 412 
VAL HB   H  N N 413 
VAL HG11 H  N N 414 
VAL HG12 H  N N 415 
VAL HG13 H  N N 416 
VAL HG21 H  N N 417 
VAL HG22 H  N N 418 
VAL HG23 H  N N 419 
VAL HXT  H  N N 420 
# 
loop_
_chem_comp_bond.comp_id 
_chem_comp_bond.atom_id_1 
_chem_comp_bond.atom_id_2 
_chem_comp_bond.value_order 
_chem_comp_bond.pdbx_aromatic_flag 
_chem_comp_bond.pdbx_stereo_config 
_chem_comp_bond.pdbx_ordinal 
ALA N    CA   sing N N 1   
ALA N    H    sing N N 2   
ALA N    H2   sing N N 3   
ALA CA   C    sing N N 4   
ALA CA   CB   sing N N 5   
ALA CA   HA   sing N N 6   
ALA C    O    doub N N 7   
ALA C    OXT  sing N N 8   
ALA CB   HB1  sing N N 9   
ALA CB   HB2  sing N N 10  
ALA CB   HB3  sing N N 11  
ALA OXT  HXT  sing N N 12  
ARG N    CA   sing N N 13  
ARG N    H    sing N N 14  
ARG N    H2   sing N N 15  
ARG CA   C    sing N N 16  
ARG CA   CB   sing N N 17  
ARG CA   HA   sing N N 18  
ARG C    O    doub N N 19  
ARG C    OXT  sing N N 20  
ARG CB   CG   sing N N 21  
ARG CB   HB2  sing N N 22  
ARG CB   HB3  sing N N 23  
ARG CG   CD   sing N N 24  
ARG CG   HG2  sing N N 25  
ARG CG   HG3  sing N N 26  
ARG CD   NE   sing N N 27  
ARG CD   HD2  sing N N 28  
ARG CD   HD3  sing N N 29  
ARG NE   CZ   sing N N 30  
ARG NE   HE   sing N N 31  
ARG CZ   NH1  sing N N 32  
ARG CZ   NH2  doub N N 33  
ARG NH1  HH11 sing N N 34  
ARG NH1  HH12 sing N N 35  
ARG NH2  HH21 sing N N 36  
ARG NH2  HH22 sing N N 37  
ARG OXT  HXT  sing N N 38  
ASN N    CA   sing N N 39  
ASN N    H    sing N N 40  
ASN N    H2   sing N N 41  
ASN CA   C    sing N N 42  
ASN CA   CB   sing N N 43  
ASN CA   HA   sing N N 44  
ASN C    O    doub N N 45  
ASN C    OXT  sing N N 46  
ASN CB   CG   sing N N 47  
ASN CB   HB2  sing N N 48  
ASN CB   HB3  sing N N 49  
ASN CG   OD1  doub N N 50  
ASN CG   ND2  sing N N 51  
ASN ND2  HD21 sing N N 52  
ASN ND2  HD22 sing N N 53  
ASN OXT  HXT  sing N N 54  
ASP N    CA   sing N N 55  
ASP N    H    sing N N 56  
ASP N    H2   sing N N 57  
ASP CA   C    sing N N 58  
ASP CA   CB   sing N N 59  
ASP CA   HA   sing N N 60  
ASP C    O    doub N N 61  
ASP C    OXT  sing N N 62  
ASP CB   CG   sing N N 63  
ASP CB   HB2  sing N N 64  
ASP CB   HB3  sing N N 65  
ASP CG   OD1  doub N N 66  
ASP CG   OD2  sing N N 67  
ASP OD2  HD2  sing N N 68  
ASP OXT  HXT  sing N N 69  
CYS N    CA   sing N N 70  
CYS N    H    sing N N 71  
CYS N    H2   sing N N 72  
CYS CA   C    sing N N 73  
CYS CA   CB   sing N N 74  
CYS CA   HA   sing N N 75  
CYS C    O    doub N N 76  
CYS C    OXT  sing N N 77  
CYS CB   SG   sing N N 78  
CYS CB   HB2  sing N N 79  
CYS CB   HB3  sing N N 80  
CYS SG   HG   sing N N 81  
CYS OXT  HXT  sing N N 82  
GLN N    CA   sing N N 83  
GLN N    H    sing N N 84  
GLN N    H2   sing N N 85  
GLN CA   C    sing N N 86  
GLN CA   CB   sing N N 87  
GLN CA   HA   sing N N 88  
GLN C    O    doub N N 89  
GLN C    OXT  sing N N 90  
GLN CB   CG   sing N N 91  
GLN CB   HB2  sing N N 92  
GLN CB   HB3  sing N N 93  
GLN CG   CD   sing N N 94  
GLN CG   HG2  sing N N 95  
GLN CG   HG3  sing N N 96  
GLN CD   OE1  doub N N 97  
GLN CD   NE2  sing N N 98  
GLN NE2  HE21 sing N N 99  
GLN NE2  HE22 sing N N 100 
GLN OXT  HXT  sing N N 101 
GLU N    CA   sing N N 102 
GLU N    H    sing N N 103 
GLU N    H2   sing N N 104 
GLU CA   C    sing N N 105 
GLU CA   CB   sing N N 106 
GLU CA   HA   sing N N 107 
GLU C    O    doub N N 108 
GLU C    OXT  sing N N 109 
GLU CB   CG   sing N N 110 
GLU CB   HB2  sing N N 111 
GLU CB   HB3  sing N N 112 
GLU CG   CD   sing N N 113 
GLU CG   HG2  sing N N 114 
GLU CG   HG3  sing N N 115 
GLU CD   OE1  doub N N 116 
GLU CD   OE2  sing N N 117 
GLU OE2  HE2  sing N N 118 
GLU OXT  HXT  sing N N 119 
GLY N    CA   sing N N 120 
GLY N    H    sing N N 121 
GLY N    H2   sing N N 122 
GLY CA   C    sing N N 123 
GLY CA   HA2  sing N N 124 
GLY CA   HA3  sing N N 125 
GLY C    O    doub N N 126 
GLY C    OXT  sing N N 127 
GLY OXT  HXT  sing N N 128 
HIS N    CA   sing N N 129 
HIS N    H    sing N N 130 
HIS N    H2   sing N N 131 
HIS CA   C    sing N N 132 
HIS CA   CB   sing N N 133 
HIS CA   HA   sing N N 134 
HIS C    O    doub N N 135 
HIS C    OXT  sing N N 136 
HIS CB   CG   sing N N 137 
HIS CB   HB2  sing N N 138 
HIS CB   HB3  sing N N 139 
HIS CG   ND1  sing Y N 140 
HIS CG   CD2  doub Y N 141 
HIS ND1  CE1  doub Y N 142 
HIS ND1  HD1  sing N N 143 
HIS CD2  NE2  sing Y N 144 
HIS CD2  HD2  sing N N 145 
HIS CE1  NE2  sing Y N 146 
HIS CE1  HE1  sing N N 147 
HIS NE2  HE2  sing N N 148 
HIS OXT  HXT  sing N N 149 
HOH O    H1   sing N N 150 
HOH O    H2   sing N N 151 
ILE N    CA   sing N N 152 
ILE N    H    sing N N 153 
ILE N    H2   sing N N 154 
ILE CA   C    sing N N 155 
ILE CA   CB   sing N N 156 
ILE CA   HA   sing N N 157 
ILE C    O    doub N N 158 
ILE C    OXT  sing N N 159 
ILE CB   CG1  sing N N 160 
ILE CB   CG2  sing N N 161 
ILE CB   HB   sing N N 162 
ILE CG1  CD1  sing N N 163 
ILE CG1  HG12 sing N N 164 
ILE CG1  HG13 sing N N 165 
ILE CG2  HG21 sing N N 166 
ILE CG2  HG22 sing N N 167 
ILE CG2  HG23 sing N N 168 
ILE CD1  HD11 sing N N 169 
ILE CD1  HD12 sing N N 170 
ILE CD1  HD13 sing N N 171 
ILE OXT  HXT  sing N N 172 
KOX C11  C10  doub Y N 173 
KOX C11  C12  sing Y N 174 
KOX C10  C09  sing Y N 175 
KOX C14  C15  sing N N 176 
KOX C14  C04  sing N N 177 
KOX S05  C04  sing N N 178 
KOX S05  C06  sing N N 179 
KOX C15  N16  doub N N 180 
KOX CL13 C12  sing N N 181 
KOX C12  C07  doub Y N 182 
KOX C09  C08  doub Y N 183 
KOX C04  N03  doub N N 184 
KOX C07  C08  sing Y N 185 
KOX C07  C06  sing N N 186 
KOX N16  C02  sing N N 187 
KOX N03  C02  sing N N 188 
KOX C02  O01  doub N N 189 
KOX C10  H1   sing N N 190 
KOX C15  H2   sing N N 191 
KOX C06  H3   sing N N 192 
KOX C06  H4   sing N N 193 
KOX C08  H5   sing N N 194 
KOX C09  H6   sing N N 195 
KOX C11  H7   sing N N 196 
KOX C14  H8   sing N N 197 
KOX C14  H9   sing N N 198 
LEU N    CA   sing N N 199 
LEU N    H    sing N N 200 
LEU N    H2   sing N N 201 
LEU CA   C    sing N N 202 
LEU CA   CB   sing N N 203 
LEU CA   HA   sing N N 204 
LEU C    O    doub N N 205 
LEU C    OXT  sing N N 206 
LEU CB   CG   sing N N 207 
LEU CB   HB2  sing N N 208 
LEU CB   HB3  sing N N 209 
LEU CG   CD1  sing N N 210 
LEU CG   CD2  sing N N 211 
LEU CG   HG   sing N N 212 
LEU CD1  HD11 sing N N 213 
LEU CD1  HD12 sing N N 214 
LEU CD1  HD13 sing N N 215 
LEU CD2  HD21 sing N N 216 
LEU CD2  HD22 sing N N 217 
LEU CD2  HD23 sing N N 218 
LEU OXT  HXT  sing N N 219 
LYS N    CA   sing N N 220 
LYS N    H    sing N N 221 
LYS N    H2   sing N N 222 
LYS CA   C    sing N N 223 
LYS CA   CB   sing N N 224 
LYS CA   HA   sing N N 225 
LYS C    O    doub N N 226 
LYS C    OXT  sing N N 227 
LYS CB   CG   sing N N 228 
LYS CB   HB2  sing N N 229 
LYS CB   HB3  sing N N 230 
LYS CG   CD   sing N N 231 
LYS CG   HG2  sing N N 232 
LYS CG   HG3  sing N N 233 
LYS CD   CE   sing N N 234 
LYS CD   HD2  sing N N 235 
LYS CD   HD3  sing N N 236 
LYS CE   NZ   sing N N 237 
LYS CE   HE2  sing N N 238 
LYS CE   HE3  sing N N 239 
LYS NZ   HZ1  sing N N 240 
LYS NZ   HZ2  sing N N 241 
LYS NZ   HZ3  sing N N 242 
LYS OXT  HXT  sing N N 243 
MET N    CA   sing N N 244 
MET N    H    sing N N 245 
MET N    H2   sing N N 246 
MET CA   C    sing N N 247 
MET CA   CB   sing N N 248 
MET CA   HA   sing N N 249 
MET C    O    doub N N 250 
MET C    OXT  sing N N 251 
MET CB   CG   sing N N 252 
MET CB   HB2  sing N N 253 
MET CB   HB3  sing N N 254 
MET CG   SD   sing N N 255 
MET CG   HG2  sing N N 256 
MET CG   HG3  sing N N 257 
MET SD   CE   sing N N 258 
MET CE   HE1  sing N N 259 
MET CE   HE2  sing N N 260 
MET CE   HE3  sing N N 261 
MET OXT  HXT  sing N N 262 
PHE N    CA   sing N N 263 
PHE N    H    sing N N 264 
PHE N    H2   sing N N 265 
PHE CA   C    sing N N 266 
PHE CA   CB   sing N N 267 
PHE CA   HA   sing N N 268 
PHE C    O    doub N N 269 
PHE C    OXT  sing N N 270 
PHE CB   CG   sing N N 271 
PHE CB   HB2  sing N N 272 
PHE CB   HB3  sing N N 273 
PHE CG   CD1  doub Y N 274 
PHE CG   CD2  sing Y N 275 
PHE CD1  CE1  sing Y N 276 
PHE CD1  HD1  sing N N 277 
PHE CD2  CE2  doub Y N 278 
PHE CD2  HD2  sing N N 279 
PHE CE1  CZ   doub Y N 280 
PHE CE1  HE1  sing N N 281 
PHE CE2  CZ   sing Y N 282 
PHE CE2  HE2  sing N N 283 
PHE CZ   HZ   sing N N 284 
PHE OXT  HXT  sing N N 285 
PRO N    CA   sing N N 286 
PRO N    CD   sing N N 287 
PRO N    H    sing N N 288 
PRO CA   C    sing N N 289 
PRO CA   CB   sing N N 290 
PRO CA   HA   sing N N 291 
PRO C    O    doub N N 292 
PRO C    OXT  sing N N 293 
PRO CB   CG   sing N N 294 
PRO CB   HB2  sing N N 295 
PRO CB   HB3  sing N N 296 
PRO CG   CD   sing N N 297 
PRO CG   HG2  sing N N 298 
PRO CG   HG3  sing N N 299 
PRO CD   HD2  sing N N 300 
PRO CD   HD3  sing N N 301 
PRO OXT  HXT  sing N N 302 
SER N    CA   sing N N 303 
SER N    H    sing N N 304 
SER N    H2   sing N N 305 
SER CA   C    sing N N 306 
SER CA   CB   sing N N 307 
SER CA   HA   sing N N 308 
SER C    O    doub N N 309 
SER C    OXT  sing N N 310 
SER CB   OG   sing N N 311 
SER CB   HB2  sing N N 312 
SER CB   HB3  sing N N 313 
SER OG   HG   sing N N 314 
SER OXT  HXT  sing N N 315 
SO4 S    O1   doub N N 316 
SO4 S    O2   doub N N 317 
SO4 S    O3   sing N N 318 
SO4 S    O4   sing N N 319 
THR N    CA   sing N N 320 
THR N    H    sing N N 321 
THR N    H2   sing N N 322 
THR CA   C    sing N N 323 
THR CA   CB   sing N N 324 
THR CA   HA   sing N N 325 
THR C    O    doub N N 326 
THR C    OXT  sing N N 327 
THR CB   OG1  sing N N 328 
THR CB   CG2  sing N N 329 
THR CB   HB   sing N N 330 
THR OG1  HG1  sing N N 331 
THR CG2  HG21 sing N N 332 
THR CG2  HG22 sing N N 333 
THR CG2  HG23 sing N N 334 
THR OXT  HXT  sing N N 335 
TRP N    CA   sing N N 336 
TRP N    H    sing N N 337 
TRP N    H2   sing N N 338 
TRP CA   C    sing N N 339 
TRP CA   CB   sing N N 340 
TRP CA   HA   sing N N 341 
TRP C    O    doub N N 342 
TRP C    OXT  sing N N 343 
TRP CB   CG   sing N N 344 
TRP CB   HB2  sing N N 345 
TRP CB   HB3  sing N N 346 
TRP CG   CD1  doub Y N 347 
TRP CG   CD2  sing Y N 348 
TRP CD1  NE1  sing Y N 349 
TRP CD1  HD1  sing N N 350 
TRP CD2  CE2  doub Y N 351 
TRP CD2  CE3  sing Y N 352 
TRP NE1  CE2  sing Y N 353 
TRP NE1  HE1  sing N N 354 
TRP CE2  CZ2  sing Y N 355 
TRP CE3  CZ3  doub Y N 356 
TRP CE3  HE3  sing N N 357 
TRP CZ2  CH2  doub Y N 358 
TRP CZ2  HZ2  sing N N 359 
TRP CZ3  CH2  sing Y N 360 
TRP CZ3  HZ3  sing N N 361 
TRP CH2  HH2  sing N N 362 
TRP OXT  HXT  sing N N 363 
TYR N    CA   sing N N 364 
TYR N    H    sing N N 365 
TYR N    H2   sing N N 366 
TYR CA   C    sing N N 367 
TYR CA   CB   sing N N 368 
TYR CA   HA   sing N N 369 
TYR C    O    doub N N 370 
TYR C    OXT  sing N N 371 
TYR CB   CG   sing N N 372 
TYR CB   HB2  sing N N 373 
TYR CB   HB3  sing N N 374 
TYR CG   CD1  doub Y N 375 
TYR CG   CD2  sing Y N 376 
TYR CD1  CE1  sing Y N 377 
TYR CD1  HD1  sing N N 378 
TYR CD2  CE2  doub Y N 379 
TYR CD2  HD2  sing N N 380 
TYR CE1  CZ   doub Y N 381 
TYR CE1  HE1  sing N N 382 
TYR CE2  CZ   sing Y N 383 
TYR CE2  HE2  sing N N 384 
TYR CZ   OH   sing N N 385 
TYR OH   HH   sing N N 386 
TYR OXT  HXT  sing N N 387 
VAL N    CA   sing N N 388 
VAL N    H    sing N N 389 
VAL N    H2   sing N N 390 
VAL CA   C    sing N N 391 
VAL CA   CB   sing N N 392 
VAL CA   HA   sing N N 393 
VAL C    O    doub N N 394 
VAL C    OXT  sing N N 395 
VAL CB   CG1  sing N N 396 
VAL CB   CG2  sing N N 397 
VAL CB   HB   sing N N 398 
VAL CG1  HG11 sing N N 399 
VAL CG1  HG12 sing N N 400 
VAL CG1  HG13 sing N N 401 
VAL CG2  HG21 sing N N 402 
VAL CG2  HG22 sing N N 403 
VAL CG2  HG23 sing N N 404 
VAL OXT  HXT  sing N N 405 
# 
_pdbx_audit_support.funding_organization   Cancerfonden 
_pdbx_audit_support.country                Sweden 
_pdbx_audit_support.grant_number           ? 
_pdbx_audit_support.ordinal                1 
# 
_pdbx_entity_instance_feature.ordinal        1 
_pdbx_entity_instance_feature.comp_id        KOX 
_pdbx_entity_instance_feature.asym_id        ? 
_pdbx_entity_instance_feature.seq_num        ? 
_pdbx_entity_instance_feature.auth_comp_id   KOX 
_pdbx_entity_instance_feature.auth_asym_id   ? 
_pdbx_entity_instance_feature.auth_seq_num   ? 
_pdbx_entity_instance_feature.feature_type   'SUBJECT OF INVESTIGATION' 
_pdbx_entity_instance_feature.details        ? 
# 
loop_
_pdbx_entity_nonpoly.entity_id 
_pdbx_entity_nonpoly.name 
_pdbx_entity_nonpoly.comp_id 
2 '4-[(2-chlorophenyl)methylsulfanyl]-5~{H}-pyrimidin-2-one' KOX 
3 'SULFATE ION'                                              SO4 
4 water                                                      HOH 
# 
_pdbx_struct_assembly_auth_evidence.id                     1 
_pdbx_struct_assembly_auth_evidence.assembly_id            1 
_pdbx_struct_assembly_auth_evidence.experimental_support   'gel filtration' 
_pdbx_struct_assembly_auth_evidence.details                ? 
# 
